data_4D00
#
_entry.id   4D00
#
_cell.length_a   90.601
_cell.length_b   183.169
_cell.length_c   192.145
_cell.angle_alpha   90.00
_cell.angle_beta   90.00
_cell.angle_gamma   90.00
#
_symmetry.space_group_name_H-M   'P 21 21 21'
#
loop_
_entity.id
_entity.type
_entity.pdbx_description
1 polymer 'HAEMAGGLUTININ HA1'
2 polymer 'HAEMAGGLUTININ HA1'
3 branched 'N-acetyl-alpha-neuraminic acid-(2-6)-beta-D-galactopyranose-(1-4)-2-acetamido-2-deoxy-beta-D-glucopyranose'
4 branched 2-acetamido-2-deoxy-beta-D-glucopyranose-(1-4)-2-acetamido-2-deoxy-beta-D-glucopyranose
5 non-polymer 2-acetamido-2-deoxy-beta-D-glucopyranose
6 non-polymer 'NICKEL (II) ION'
7 water water
#
loop_
_entity_poly.entity_id
_entity_poly.type
_entity_poly.pdbx_seq_one_letter_code
_entity_poly.pdbx_strand_id
1 'polypeptide(L)'
;ADPDKICLGHHAVANGTIVKTLTNEQEEVTNATETVESTGINRLCMKGRKHKDLGNCHPIGMLIGTPACDLHLTGMWDTL
IERENAIAYCYPGATVNVEALRQKIMESGGINKISTGFTYGSSINSAGTTRACMRNGGNSFYAELKWLVSKSKGQNFPQT
TNTYRNTDTAEHLIMWGIHHPSSTQEKNDLYGTQSLSISVGSSTYRNNFVPVVGARPQVNGQSGRIDFHWTLVQPGDNIT
FSHNGGLIAPSRVSKLIGRGLGIQSDAPIDNNCESKCFWRGGSINTRLPFQNLSPRTVGQCPKYVNRRSLMLATGMRNVP
ELIQGR
;
A,C,E
2 'polypeptide(L)'
;GLFGAIAGFLENGWEGMVDGWYGFRHQNAQGTGQAADYKSTQAAIDQITGKLNRLVEKTNTEFESIESEFSEIEHQIGNV
INWTKDSITDIWTYQAELLVAMENQHTIDMADSEMLNLYERVRKQLRQNAEEDGKGCFEIYHACDDSCMESIRNNTYDHS
QYREEALLNRLNINPVTLSSGYK
;
B,D,F
#
# COMPACT_ATOMS: atom_id res chain seq x y z
N PRO A 3 40.21 -6.80 51.92
CA PRO A 3 39.59 -7.89 51.14
C PRO A 3 39.77 -7.77 49.62
N ASP A 4 40.14 -8.89 48.98
CA ASP A 4 40.37 -8.90 47.54
C ASP A 4 39.04 -8.74 46.83
N LYS A 5 39.10 -8.44 45.55
CA LYS A 5 37.93 -7.95 44.86
C LYS A 5 38.02 -8.15 43.37
N ILE A 6 36.92 -8.55 42.77
CA ILE A 6 36.81 -8.61 41.32
C ILE A 6 35.53 -7.90 40.92
N CYS A 7 35.66 -6.97 39.99
CA CYS A 7 34.56 -6.10 39.58
C CYS A 7 34.20 -6.40 38.15
N LEU A 8 32.90 -6.44 37.86
CA LEU A 8 32.42 -6.65 36.51
C LEU A 8 32.02 -5.36 35.89
N GLY A 9 32.19 -5.27 34.58
CA GLY A 9 31.90 -4.04 33.85
C GLY A 9 31.78 -4.22 32.37
N HIS A 10 31.50 -3.13 31.69
CA HIS A 10 31.33 -3.11 30.24
C HIS A 10 32.10 -1.92 29.69
N HIS A 11 32.26 -1.89 28.38
CA HIS A 11 33.00 -0.82 27.73
C HIS A 11 32.16 0.42 27.50
N ALA A 12 32.84 1.52 27.22
CA ALA A 12 32.20 2.76 26.82
C ALA A 12 33.16 3.51 25.89
N VAL A 13 32.66 4.56 25.28
CA VAL A 13 33.47 5.43 24.42
C VAL A 13 33.26 6.89 24.79
N ALA A 14 34.24 7.73 24.46
CA ALA A 14 34.16 9.15 24.79
C ALA A 14 32.95 9.81 24.10
N ASN A 15 32.86 9.69 22.77
CA ASN A 15 31.70 10.18 22.01
C ASN A 15 30.90 9.02 21.42
N GLY A 16 29.71 8.79 21.97
CA GLY A 16 28.77 7.83 21.41
C GLY A 16 27.91 8.47 20.34
N THR A 17 26.97 7.72 19.78
CA THR A 17 26.03 8.24 18.79
C THR A 17 24.60 8.10 19.29
N ILE A 18 23.75 8.99 18.81
CA ILE A 18 22.36 9.07 19.21
C ILE A 18 21.51 8.19 18.30
N VAL A 19 20.60 7.44 18.89
CA VAL A 19 19.62 6.65 18.16
C VAL A 19 18.27 6.75 18.82
N LYS A 20 17.23 6.32 18.12
CA LYS A 20 15.88 6.34 18.68
C LYS A 20 15.45 4.94 19.08
N THR A 21 14.72 4.85 20.18
CA THR A 21 14.13 3.60 20.65
C THR A 21 12.61 3.80 20.76
N LEU A 22 11.91 2.85 21.37
CA LEU A 22 10.48 2.99 21.56
C LEU A 22 10.15 4.10 22.55
N THR A 23 11.02 4.27 23.54
CA THR A 23 10.75 5.17 24.67
C THR A 23 11.59 6.45 24.66
N ASN A 24 12.60 6.53 23.81
CA ASN A 24 13.56 7.64 23.88
C ASN A 24 14.04 8.06 22.48
N GLU A 25 13.83 9.33 22.14
CA GLU A 25 14.31 9.87 20.87
C GLU A 25 15.80 10.18 20.87
N GLN A 26 16.40 10.20 22.05
CA GLN A 26 17.75 10.71 22.22
C GLN A 26 18.64 9.73 22.99
N GLU A 27 18.59 8.45 22.64
CA GLU A 27 19.32 7.43 23.38
C GLU A 27 20.75 7.32 22.85
N GLU A 28 21.74 7.42 23.74
CA GLU A 28 23.13 7.33 23.33
C GLU A 28 23.63 5.90 23.42
N VAL A 29 24.24 5.41 22.34
CA VAL A 29 24.81 4.06 22.30
C VAL A 29 26.26 4.14 21.85
N THR A 30 26.99 3.04 21.92
CA THR A 30 28.43 3.06 21.62
C THR A 30 28.71 3.16 20.13
N ASN A 31 27.78 2.65 19.32
CA ASN A 31 27.95 2.62 17.88
C ASN A 31 26.60 2.44 17.20
N ALA A 32 26.50 2.91 15.96
CA ALA A 32 25.28 2.79 15.18
C ALA A 32 25.60 2.85 13.69
N THR A 33 24.67 2.40 12.87
CA THR A 33 24.87 2.41 11.42
C THR A 33 23.60 2.79 10.68
N GLU A 34 23.77 3.50 9.57
CA GLU A 34 22.66 4.03 8.78
C GLU A 34 21.85 2.92 8.09
N THR A 35 20.52 3.07 8.06
CA THR A 35 19.63 2.16 7.33
C THR A 35 18.98 2.78 6.10
N VAL A 36 19.12 4.10 5.94
CA VAL A 36 18.58 4.80 4.78
C VAL A 36 19.71 5.28 3.89
N GLU A 37 19.76 4.78 2.66
CA GLU A 37 20.77 5.23 1.69
C GLU A 37 20.49 6.64 1.16
N SER A 38 21.49 7.51 1.27
CA SER A 38 21.40 8.89 0.77
C SER A 38 22.13 9.10 -0.54
N THR A 39 23.04 8.18 -0.86
CA THR A 39 23.97 8.38 -1.94
C THR A 39 23.70 7.38 -3.06
N GLY A 40 23.47 7.92 -4.25
CA GLY A 40 23.34 7.13 -5.45
C GLY A 40 24.54 7.36 -6.34
N ILE A 41 24.60 6.62 -7.43
CA ILE A 41 25.66 6.78 -8.41
C ILE A 41 25.06 7.55 -9.59
N ASN A 42 25.67 8.69 -9.93
CA ASN A 42 25.13 9.54 -11.01
C ASN A 42 25.52 9.06 -12.42
N ARG A 43 25.38 7.75 -12.63
CA ARG A 43 25.70 7.08 -13.89
C ARG A 43 24.76 5.88 -14.03
N LEU A 44 24.59 5.41 -15.26
CA LEU A 44 23.79 4.21 -15.50
C LEU A 44 24.72 3.00 -15.55
N CYS A 45 24.62 2.18 -14.51
CA CYS A 45 25.52 1.04 -14.33
C CYS A 45 25.06 -0.15 -15.14
N MET A 46 25.67 -0.36 -16.30
CA MET A 46 25.16 -1.31 -17.28
C MET A 46 25.98 -2.60 -17.40
N LYS A 47 26.92 -2.84 -16.50
CA LYS A 47 27.72 -4.07 -16.58
C LYS A 47 26.81 -5.28 -16.40
N GLY A 48 27.02 -6.28 -17.25
CA GLY A 48 26.19 -7.49 -17.23
C GLY A 48 24.86 -7.34 -17.92
N ARG A 49 24.58 -6.17 -18.50
CA ARG A 49 23.32 -5.93 -19.19
C ARG A 49 23.58 -5.72 -20.67
N LYS A 50 22.88 -6.49 -21.50
CA LYS A 50 22.82 -6.18 -22.91
C LYS A 50 21.82 -5.04 -23.06
N HIS A 51 22.34 -3.82 -23.16
CA HIS A 51 21.49 -2.63 -23.12
C HIS A 51 21.45 -1.92 -24.46
N LYS A 52 20.39 -1.14 -24.67
CA LYS A 52 20.30 -0.26 -25.81
C LYS A 52 20.07 1.17 -25.34
N ASP A 53 21.01 2.05 -25.68
CA ASP A 53 20.86 3.46 -25.41
C ASP A 53 20.22 4.10 -26.62
N LEU A 54 18.98 4.54 -26.48
CA LEU A 54 18.24 5.09 -27.60
C LEU A 54 18.77 6.46 -28.04
N GLY A 55 19.55 7.12 -27.20
CA GLY A 55 20.09 8.42 -27.56
C GLY A 55 18.97 9.40 -27.83
N ASN A 56 18.99 10.01 -29.00
CA ASN A 56 17.99 10.99 -29.38
C ASN A 56 16.73 10.39 -30.02
N CYS A 57 16.64 9.06 -30.00
CA CYS A 57 15.51 8.35 -30.56
C CYS A 57 14.46 8.03 -29.48
N HIS A 58 13.24 8.46 -29.70
CA HIS A 58 12.15 8.14 -28.76
C HIS A 58 11.61 6.74 -29.07
N PRO A 59 11.26 5.96 -28.03
CA PRO A 59 10.80 4.59 -28.25
C PRO A 59 9.74 4.41 -29.35
N ILE A 60 8.77 5.29 -29.39
CA ILE A 60 7.74 5.25 -30.42
C ILE A 60 8.30 5.46 -31.84
N GLY A 61 9.38 6.23 -31.95
CA GLY A 61 10.08 6.40 -33.23
C GLY A 61 10.69 5.12 -33.79
N MET A 62 10.98 4.16 -32.91
CA MET A 62 11.45 2.84 -33.33
C MET A 62 10.42 2.12 -34.21
N LEU A 63 9.14 2.26 -33.86
CA LEU A 63 8.09 1.50 -34.54
C LEU A 63 7.74 2.09 -35.90
N ILE A 64 7.79 3.41 -36.01
CA ILE A 64 7.41 4.11 -37.25
C ILE A 64 8.61 4.45 -38.13
N GLY A 65 9.78 4.57 -37.53
CA GLY A 65 11.03 4.67 -38.28
C GLY A 65 11.44 6.09 -38.57
N THR A 66 11.46 6.93 -37.54
CA THR A 66 11.94 8.29 -37.67
C THR A 66 13.44 8.22 -37.94
N PRO A 67 13.98 9.13 -38.76
CA PRO A 67 15.41 9.15 -39.03
C PRO A 67 16.32 8.99 -37.80
N ALA A 68 15.99 9.69 -36.72
CA ALA A 68 16.77 9.59 -35.48
C ALA A 68 16.85 8.17 -34.92
N CYS A 69 15.88 7.35 -35.28
CA CYS A 69 15.80 5.96 -34.82
C CYS A 69 16.32 4.94 -35.84
N ASP A 70 17.03 5.41 -36.86
CA ASP A 70 17.52 4.52 -37.93
C ASP A 70 18.37 3.35 -37.46
N LEU A 71 19.14 3.54 -36.38
CA LEU A 71 19.96 2.47 -35.82
C LEU A 71 19.25 1.67 -34.73
N HIS A 72 17.95 1.92 -34.56
CA HIS A 72 17.17 1.30 -33.50
C HIS A 72 15.84 0.73 -34.03
N LEU A 73 15.80 0.31 -35.29
CA LEU A 73 14.59 -0.25 -35.88
C LEU A 73 14.31 -1.69 -35.45
N THR A 74 15.36 -2.41 -35.12
CA THR A 74 15.24 -3.75 -34.54
C THR A 74 16.32 -3.91 -33.48
N GLY A 75 16.22 -4.96 -32.69
CA GLY A 75 17.26 -5.26 -31.73
C GLY A 75 16.82 -6.18 -30.63
N MET A 76 17.78 -6.54 -29.79
CA MET A 76 17.55 -7.36 -28.62
C MET A 76 18.24 -6.68 -27.45
N TRP A 77 17.57 -6.68 -26.30
CA TRP A 77 18.10 -6.04 -25.12
C TRP A 77 17.39 -6.58 -23.88
N ASP A 78 18.08 -6.52 -22.75
CA ASP A 78 17.46 -6.77 -21.46
C ASP A 78 17.22 -5.46 -20.72
N THR A 79 17.74 -4.36 -21.25
CA THR A 79 17.60 -3.03 -20.66
C THR A 79 17.52 -1.97 -21.76
N LEU A 80 16.49 -1.13 -21.70
CA LEU A 80 16.27 -0.09 -22.72
C LEU A 80 16.29 1.29 -22.07
N ILE A 81 17.09 2.19 -22.62
CA ILE A 81 17.32 3.51 -22.04
C ILE A 81 16.76 4.63 -22.92
N GLU A 82 15.82 5.39 -22.35
CA GLU A 82 15.20 6.54 -23.01
C GLU A 82 15.82 7.82 -22.46
N ARG A 83 16.09 8.78 -23.32
CA ARG A 83 16.70 10.05 -22.93
C ARG A 83 15.70 11.17 -23.08
N GLU A 84 15.92 12.25 -22.34
CA GLU A 84 15.04 13.43 -22.39
C GLU A 84 15.09 14.08 -23.77
N ASN A 85 13.97 14.63 -24.20
CA ASN A 85 13.85 15.29 -25.51
C ASN A 85 14.17 14.41 -26.73
N ALA A 86 13.97 13.10 -26.58
CA ALA A 86 14.17 12.18 -27.68
C ALA A 86 13.06 12.44 -28.71
N ILE A 87 13.36 12.16 -29.97
CA ILE A 87 12.47 12.49 -31.08
C ILE A 87 11.64 11.28 -31.50
N ALA A 88 10.33 11.45 -31.55
CA ALA A 88 9.43 10.42 -32.07
C ALA A 88 8.94 10.77 -33.48
N TYR A 89 8.69 12.05 -33.74
CA TYR A 89 8.08 12.52 -34.98
C TYR A 89 8.98 13.50 -35.71
N CYS A 90 9.18 13.30 -37.00
CA CYS A 90 9.85 14.28 -37.84
C CYS A 90 8.76 15.17 -38.46
N TYR A 91 7.78 14.54 -39.10
CA TYR A 91 6.57 15.22 -39.55
C TYR A 91 5.64 15.31 -38.36
N PRO A 92 5.13 16.51 -38.06
CA PRO A 92 4.40 16.69 -36.81
C PRO A 92 3.13 15.86 -36.74
N GLY A 93 2.75 15.47 -35.53
CA GLY A 93 1.57 14.66 -35.31
C GLY A 93 1.55 14.15 -33.89
N ALA A 94 0.63 13.22 -33.62
CA ALA A 94 0.45 12.66 -32.28
C ALA A 94 0.00 11.21 -32.42
N THR A 95 0.16 10.44 -31.35
CA THR A 95 -0.26 9.04 -31.35
C THR A 95 -1.35 8.83 -30.31
N VAL A 96 -2.35 8.03 -30.67
CA VAL A 96 -3.43 7.70 -29.75
C VAL A 96 -2.93 6.61 -28.78
N ASN A 97 -3.26 6.80 -27.50
CA ASN A 97 -2.75 5.97 -26.41
C ASN A 97 -1.23 5.86 -26.47
N VAL A 98 -0.60 7.02 -26.58
CA VAL A 98 0.85 7.08 -26.72
C VAL A 98 1.56 6.49 -25.51
N GLU A 99 1.07 6.76 -24.30
CA GLU A 99 1.79 6.35 -23.10
C GLU A 99 1.71 4.84 -22.90
N ALA A 100 0.56 4.24 -23.21
CA ALA A 100 0.41 2.79 -23.17
C ALA A 100 1.42 2.14 -24.10
N LEU A 101 1.52 2.68 -25.30
CA LEU A 101 2.43 2.15 -26.31
C LEU A 101 3.89 2.28 -25.88
N ARG A 102 4.25 3.44 -25.32
CA ARG A 102 5.60 3.66 -24.84
C ARG A 102 5.94 2.64 -23.77
N GLN A 103 5.01 2.42 -22.85
CA GLN A 103 5.22 1.44 -21.78
C GLN A 103 5.38 0.01 -22.28
N LYS A 104 4.61 -0.38 -23.31
CA LYS A 104 4.81 -1.69 -23.94
C LYS A 104 6.25 -1.85 -24.44
N ILE A 105 6.74 -0.82 -25.12
CA ILE A 105 8.07 -0.88 -25.71
C ILE A 105 9.12 -0.95 -24.62
N MET A 106 8.98 -0.10 -23.60
CA MET A 106 9.96 -0.02 -22.50
C MET A 106 9.90 -1.20 -21.53
N GLU A 107 9.04 -2.15 -21.85
CA GLU A 107 8.82 -3.35 -21.08
C GLU A 107 9.31 -4.58 -21.88
N SER A 108 9.78 -4.33 -23.10
CA SER A 108 10.11 -5.40 -24.04
C SER A 108 11.57 -5.75 -23.96
N GLY A 109 11.91 -6.90 -24.52
CA GLY A 109 13.28 -7.35 -24.62
C GLY A 109 13.81 -7.33 -26.03
N GLY A 110 13.19 -6.54 -26.90
CA GLY A 110 13.64 -6.42 -28.27
C GLY A 110 12.50 -6.19 -29.23
N ILE A 111 12.85 -5.79 -30.45
CA ILE A 111 11.88 -5.58 -31.52
C ILE A 111 12.33 -6.23 -32.80
N ASN A 112 11.39 -6.89 -33.48
CA ASN A 112 11.59 -7.37 -34.82
C ASN A 112 10.58 -6.72 -35.75
N LYS A 113 10.90 -6.71 -37.04
CA LYS A 113 10.07 -6.06 -38.04
C LYS A 113 9.70 -7.07 -39.12
N ILE A 114 8.45 -7.05 -39.55
CA ILE A 114 7.96 -7.95 -40.58
C ILE A 114 7.26 -7.15 -41.67
N SER A 115 7.65 -7.38 -42.91
CA SER A 115 7.03 -6.72 -44.07
C SER A 115 5.54 -7.04 -44.21
N THR A 116 4.75 -6.00 -44.47
CA THR A 116 3.34 -6.17 -44.73
C THR A 116 3.11 -6.75 -46.11
N GLY A 117 4.02 -6.48 -47.03
CA GLY A 117 3.88 -6.91 -48.41
C GLY A 117 2.86 -6.11 -49.19
N PHE A 118 2.50 -4.93 -48.69
CA PHE A 118 1.49 -4.09 -49.34
C PHE A 118 1.99 -3.57 -50.66
N THR A 119 1.15 -3.67 -51.68
CA THR A 119 1.49 -3.22 -53.01
C THR A 119 0.34 -2.35 -53.54
N TYR A 120 0.65 -1.45 -54.47
CA TYR A 120 -0.30 -0.42 -54.90
C TYR A 120 -0.33 -0.28 -56.41
N GLY A 121 -1.52 -0.03 -56.95
CA GLY A 121 -1.72 0.14 -58.38
C GLY A 121 -1.03 1.38 -58.92
N SER A 122 -1.04 1.53 -60.23
CA SER A 122 -0.20 2.53 -60.88
C SER A 122 -0.68 3.97 -60.67
N SER A 123 -1.95 4.16 -60.29
CA SER A 123 -2.45 5.51 -60.04
C SER A 123 -2.16 6.02 -58.62
N ILE A 124 -1.50 5.19 -57.82
CA ILE A 124 -1.01 5.59 -56.50
C ILE A 124 0.50 5.81 -56.54
N ASN A 125 0.93 6.93 -55.98
CA ASN A 125 2.34 7.17 -55.69
C ASN A 125 2.58 6.86 -54.22
N SER A 126 3.33 5.79 -53.95
CA SER A 126 3.58 5.33 -52.60
C SER A 126 4.90 5.85 -52.04
N ALA A 127 5.54 6.80 -52.74
CA ALA A 127 6.85 7.30 -52.36
C ALA A 127 6.79 8.75 -51.90
N GLY A 128 5.71 9.14 -51.23
CA GLY A 128 5.60 10.50 -50.71
C GLY A 128 6.68 10.79 -49.71
N THR A 129 7.32 11.95 -49.85
CA THR A 129 8.39 12.38 -48.95
C THR A 129 8.12 13.80 -48.48
N THR A 130 8.94 14.27 -47.54
CA THR A 130 8.78 15.58 -46.97
C THR A 130 10.09 16.11 -46.44
N ARG A 131 10.24 17.43 -46.47
CA ARG A 131 11.39 18.13 -45.91
C ARG A 131 11.47 17.97 -44.38
N ALA A 132 10.33 17.67 -43.75
CA ALA A 132 10.30 17.43 -42.31
C ALA A 132 11.09 16.20 -41.89
N CYS A 133 11.18 15.18 -42.76
CA CYS A 133 12.01 13.98 -42.49
C CYS A 133 13.17 13.91 -43.48
N MET A 134 14.29 14.53 -43.11
CA MET A 134 15.48 14.49 -43.92
C MET A 134 16.25 13.21 -43.67
N ARG A 135 16.96 12.76 -44.69
CA ARG A 135 17.82 11.59 -44.61
C ARG A 135 18.81 11.68 -45.77
N ASN A 136 20.10 11.78 -45.45
CA ASN A 136 21.15 11.94 -46.47
C ASN A 136 21.02 13.24 -47.27
N GLY A 137 20.60 14.31 -46.60
CA GLY A 137 20.38 15.59 -47.25
C GLY A 137 19.27 15.61 -48.30
N GLY A 138 18.32 14.69 -48.19
CA GLY A 138 17.19 14.62 -49.11
C GLY A 138 15.87 14.38 -48.38
N ASN A 139 14.77 14.81 -49.01
CA ASN A 139 13.44 14.59 -48.45
C ASN A 139 13.16 13.11 -48.36
N SER A 140 12.66 12.67 -47.21
CA SER A 140 12.42 11.26 -46.95
C SER A 140 11.14 11.08 -46.15
N PHE A 141 10.96 9.91 -45.55
CA PHE A 141 9.76 9.63 -44.77
C PHE A 141 10.05 8.58 -43.70
N TYR A 142 9.10 8.40 -42.78
CA TYR A 142 9.19 7.35 -41.79
C TYR A 142 9.55 6.05 -42.52
N ALA A 143 10.58 5.37 -42.03
CA ALA A 143 11.11 4.18 -42.70
C ALA A 143 10.09 3.06 -42.81
N GLU A 144 9.23 2.93 -41.82
CA GLU A 144 8.31 1.80 -41.72
C GLU A 144 6.92 2.11 -42.25
N LEU A 145 6.75 3.30 -42.83
CA LEU A 145 5.47 3.71 -43.37
C LEU A 145 5.64 4.26 -44.78
N LYS A 146 4.52 4.37 -45.51
CA LYS A 146 4.52 4.90 -46.86
C LYS A 146 3.40 5.93 -47.01
N TRP A 147 3.77 7.12 -47.48
CA TRP A 147 2.81 8.18 -47.71
C TRP A 147 2.22 8.03 -49.10
N LEU A 148 1.00 7.53 -49.14
CA LEU A 148 0.31 7.26 -50.39
C LEU A 148 -0.42 8.53 -50.85
N VAL A 149 -0.15 8.94 -52.08
CA VAL A 149 -0.87 10.04 -52.73
C VAL A 149 -1.18 9.68 -54.17
N SER A 150 -2.13 10.42 -54.77
CA SER A 150 -2.47 10.21 -56.17
C SER A 150 -1.25 10.50 -57.04
N LYS A 151 -0.99 9.62 -58.00
CA LYS A 151 0.11 9.81 -58.94
C LYS A 151 -0.06 11.08 -59.78
N SER A 152 -1.29 11.34 -60.22
CA SER A 152 -1.61 12.56 -60.93
C SER A 152 -2.23 13.58 -59.97
N LYS A 153 -1.59 14.73 -59.84
CA LYS A 153 -2.05 15.80 -58.95
C LYS A 153 -3.51 16.14 -59.22
N GLY A 154 -4.34 16.10 -58.19
CA GLY A 154 -5.75 16.47 -58.31
C GLY A 154 -6.69 15.32 -58.58
N GLN A 155 -6.18 14.22 -59.14
CA GLN A 155 -7.01 13.04 -59.40
C GLN A 155 -7.51 12.42 -58.11
N ASN A 156 -8.70 11.83 -58.17
CA ASN A 156 -9.21 11.05 -57.06
C ASN A 156 -8.36 9.80 -56.81
N PHE A 157 -7.91 9.68 -55.58
CA PHE A 157 -7.17 8.52 -55.11
C PHE A 157 -8.09 7.30 -55.21
N PRO A 158 -7.60 6.21 -55.81
CA PRO A 158 -8.49 5.06 -56.05
C PRO A 158 -8.90 4.34 -54.79
N GLN A 159 -10.09 3.74 -54.80
CA GLN A 159 -10.54 2.90 -53.70
C GLN A 159 -9.58 1.71 -53.62
N THR A 160 -8.97 1.52 -52.46
CA THR A 160 -7.86 0.59 -52.30
C THR A 160 -8.03 -0.30 -51.07
N THR A 161 -7.60 -1.56 -51.19
CA THR A 161 -7.68 -2.54 -50.10
C THR A 161 -6.33 -3.21 -49.91
N ASN A 162 -5.84 -3.21 -48.68
CA ASN A 162 -4.59 -3.86 -48.32
C ASN A 162 -4.79 -4.68 -47.04
N THR A 163 -4.34 -5.92 -47.04
CA THR A 163 -4.56 -6.83 -45.93
C THR A 163 -3.26 -7.42 -45.45
N TYR A 164 -2.93 -7.20 -44.17
CA TYR A 164 -1.78 -7.85 -43.56
C TYR A 164 -2.25 -9.12 -42.87
N ARG A 165 -1.54 -10.21 -43.12
CA ARG A 165 -1.85 -11.51 -42.53
C ARG A 165 -0.73 -11.90 -41.61
N ASN A 166 -1.02 -12.01 -40.32
CA ASN A 166 -0.05 -12.49 -39.36
C ASN A 166 0.04 -14.01 -39.45
N THR A 167 1.13 -14.51 -40.01
CA THR A 167 1.36 -15.94 -40.15
C THR A 167 2.36 -16.45 -39.10
N ASP A 168 2.60 -15.65 -38.07
CA ASP A 168 3.52 -15.98 -37.00
C ASP A 168 2.72 -16.66 -35.89
N THR A 169 3.44 -17.14 -34.87
CA THR A 169 2.84 -17.75 -33.68
C THR A 169 2.75 -16.76 -32.52
N ALA A 170 3.08 -15.49 -32.77
CA ALA A 170 2.99 -14.47 -31.73
C ALA A 170 2.32 -13.22 -32.30
N GLU A 171 1.71 -12.43 -31.42
CA GLU A 171 1.02 -11.22 -31.83
C GLU A 171 1.98 -10.17 -32.36
N HIS A 172 1.52 -9.40 -33.34
CA HIS A 172 2.30 -8.33 -33.95
C HIS A 172 1.63 -6.99 -33.70
N LEU A 173 2.43 -5.95 -33.57
CA LEU A 173 1.95 -4.61 -33.33
C LEU A 173 2.04 -3.82 -34.62
N ILE A 174 0.87 -3.41 -35.13
CA ILE A 174 0.80 -2.70 -36.40
C ILE A 174 0.46 -1.24 -36.13
N MET A 175 1.23 -0.34 -36.74
CA MET A 175 0.97 1.09 -36.67
C MET A 175 0.64 1.64 -38.05
N TRP A 176 -0.23 2.65 -38.07
CA TRP A 176 -0.48 3.39 -39.30
C TRP A 176 -0.78 4.84 -38.98
N GLY A 177 -0.78 5.67 -40.00
CA GLY A 177 -1.06 7.09 -39.83
C GLY A 177 -2.22 7.57 -40.68
N ILE A 178 -2.77 8.70 -40.29
CA ILE A 178 -3.82 9.37 -41.04
C ILE A 178 -3.34 10.81 -41.25
N HIS A 179 -3.28 11.24 -42.51
CA HIS A 179 -2.81 12.57 -42.81
C HIS A 179 -3.96 13.54 -42.74
N HIS A 180 -3.75 14.64 -42.02
CA HIS A 180 -4.75 15.70 -41.92
C HIS A 180 -4.19 16.96 -42.58
N PRO A 181 -4.64 17.27 -43.82
CA PRO A 181 -4.10 18.41 -44.58
C PRO A 181 -4.39 19.77 -43.97
N SER A 182 -3.64 20.78 -44.41
CA SER A 182 -3.74 22.14 -43.86
C SER A 182 -4.68 23.06 -44.66
N SER A 183 -5.08 22.62 -45.85
CA SER A 183 -6.02 23.38 -46.68
C SER A 183 -6.75 22.45 -47.65
N THR A 184 -7.90 22.89 -48.13
CA THR A 184 -8.69 22.10 -49.07
C THR A 184 -7.95 21.92 -50.40
N GLN A 185 -7.23 22.96 -50.81
CA GLN A 185 -6.40 22.90 -52.01
C GLN A 185 -5.41 21.74 -51.91
N GLU A 186 -4.73 21.66 -50.76
CA GLU A 186 -3.73 20.62 -50.50
C GLU A 186 -4.34 19.22 -50.52
N LYS A 187 -5.47 19.05 -49.82
CA LYS A 187 -6.17 17.74 -49.80
C LYS A 187 -6.60 17.36 -51.22
N ASN A 188 -7.11 18.31 -51.99
CA ASN A 188 -7.49 18.04 -53.38
C ASN A 188 -6.29 17.63 -54.23
N ASP A 189 -5.17 18.33 -54.08
CA ASP A 189 -3.95 18.00 -54.81
C ASP A 189 -3.50 16.56 -54.57
N LEU A 190 -3.50 16.17 -53.30
CA LEU A 190 -2.95 14.89 -52.88
C LEU A 190 -3.90 13.71 -53.12
N TYR A 191 -5.19 13.90 -52.83
CA TYR A 191 -6.16 12.79 -52.83
C TYR A 191 -7.43 13.00 -53.69
N GLY A 192 -7.55 14.16 -54.32
CA GLY A 192 -8.75 14.49 -55.10
C GLY A 192 -9.88 15.08 -54.29
N THR A 193 -10.98 15.38 -54.97
CA THR A 193 -12.12 16.09 -54.38
C THR A 193 -13.15 15.18 -53.71
N GLN A 194 -13.05 13.88 -53.93
CA GLN A 194 -13.96 12.91 -53.29
C GLN A 194 -13.90 12.99 -51.77
N SER A 195 -14.96 12.50 -51.13
CA SER A 195 -14.99 12.39 -49.69
C SER A 195 -14.10 11.22 -49.23
N LEU A 196 -13.20 11.50 -48.27
CA LEU A 196 -12.16 10.54 -47.87
C LEU A 196 -12.51 9.74 -46.62
N SER A 197 -12.11 8.48 -46.62
CA SER A 197 -12.47 7.54 -45.55
C SER A 197 -11.46 6.41 -45.47
N ILE A 198 -10.97 6.11 -44.27
CA ILE A 198 -10.06 4.99 -44.04
C ILE A 198 -10.69 4.07 -43.01
N SER A 199 -10.96 2.82 -43.40
CA SER A 199 -11.52 1.82 -42.51
C SER A 199 -10.48 0.74 -42.24
N VAL A 200 -10.39 0.30 -40.99
CA VAL A 200 -9.42 -0.72 -40.57
C VAL A 200 -10.17 -1.82 -39.84
N GLY A 201 -9.92 -3.06 -40.20
CA GLY A 201 -10.67 -4.19 -39.65
C GLY A 201 -9.94 -5.51 -39.61
N SER A 202 -9.83 -6.08 -38.42
CA SER A 202 -9.39 -7.45 -38.23
C SER A 202 -10.58 -8.22 -37.65
N SER A 203 -10.37 -9.41 -37.10
CA SER A 203 -11.44 -10.10 -36.38
C SER A 203 -11.62 -9.58 -34.94
N THR A 204 -10.63 -8.85 -34.43
CA THR A 204 -10.70 -8.25 -33.08
C THR A 204 -10.84 -6.72 -33.07
N TYR A 205 -10.43 -6.04 -34.14
CA TYR A 205 -10.38 -4.58 -34.17
C TYR A 205 -11.23 -4.05 -35.31
N ARG A 206 -11.98 -2.97 -35.05
CA ARG A 206 -12.66 -2.24 -36.10
C ARG A 206 -12.62 -0.74 -35.80
N ASN A 207 -12.22 0.05 -36.78
CA ASN A 207 -12.22 1.49 -36.61
C ASN A 207 -12.22 2.21 -37.94
N ASN A 208 -12.50 3.50 -37.93
CA ASN A 208 -12.55 4.29 -39.15
C ASN A 208 -12.08 5.71 -38.87
N PHE A 209 -11.47 6.31 -39.88
CA PHE A 209 -10.78 7.59 -39.75
C PHE A 209 -11.11 8.47 -40.94
N VAL A 210 -11.15 9.78 -40.72
CA VAL A 210 -11.45 10.73 -41.76
C VAL A 210 -10.41 11.85 -41.70
N PRO A 211 -9.62 12.02 -42.78
CA PRO A 211 -8.75 13.19 -42.87
C PRO A 211 -9.56 14.46 -42.76
N VAL A 212 -9.00 15.46 -42.08
CA VAL A 212 -9.71 16.69 -41.78
C VAL A 212 -8.81 17.89 -42.07
N VAL A 213 -9.30 18.76 -42.93
CA VAL A 213 -8.61 20.00 -43.26
C VAL A 213 -8.78 21.01 -42.14
N GLY A 214 -7.71 21.71 -41.79
CA GLY A 214 -7.78 22.78 -40.81
C GLY A 214 -6.53 23.61 -40.83
N ALA A 215 -6.69 24.92 -40.62
CA ALA A 215 -5.54 25.81 -40.47
C ALA A 215 -4.85 25.58 -39.11
N ARG A 216 -3.52 25.53 -39.11
CA ARG A 216 -2.73 25.15 -37.94
C ARG A 216 -1.36 25.80 -38.00
N PRO A 217 -0.76 26.07 -36.83
CA PRO A 217 0.63 26.52 -36.82
C PRO A 217 1.56 25.51 -37.49
N GLN A 218 2.65 26.02 -38.06
CA GLN A 218 3.69 25.18 -38.60
C GLN A 218 4.52 24.56 -37.49
N VAL A 219 4.81 23.28 -37.63
CA VAL A 219 5.78 22.58 -36.80
C VAL A 219 6.75 21.87 -37.74
N ASN A 220 8.05 22.16 -37.59
CA ASN A 220 9.07 21.75 -38.56
C ASN A 220 8.67 22.13 -39.98
N GLY A 221 8.15 23.35 -40.13
CA GLY A 221 7.74 23.87 -41.42
C GLY A 221 6.47 23.27 -42.01
N GLN A 222 5.69 22.55 -41.20
CA GLN A 222 4.53 21.84 -41.71
C GLN A 222 3.25 22.21 -40.95
N SER A 223 2.25 22.69 -41.67
CA SER A 223 0.92 22.90 -41.11
C SER A 223 0.11 21.62 -41.12
N GLY A 224 0.51 20.67 -41.96
CA GLY A 224 -0.12 19.36 -41.99
C GLY A 224 0.20 18.56 -40.74
N ARG A 225 -0.59 17.52 -40.51
CA ARG A 225 -0.36 16.61 -39.40
C ARG A 225 -0.58 15.18 -39.83
N ILE A 226 0.14 14.26 -39.18
CA ILE A 226 -0.09 12.84 -39.32
C ILE A 226 -0.33 12.27 -37.93
N ASP A 227 -1.57 11.89 -37.64
CA ASP A 227 -1.90 11.24 -36.38
C ASP A 227 -1.72 9.72 -36.50
N PHE A 228 -1.09 9.11 -35.50
CA PHE A 228 -0.77 7.67 -35.53
C PHE A 228 -1.72 6.85 -34.67
N HIS A 229 -2.01 5.65 -35.17
CA HIS A 229 -2.86 4.69 -34.48
C HIS A 229 -2.20 3.32 -34.53
N TRP A 230 -2.58 2.47 -33.59
CA TRP A 230 -2.00 1.15 -33.48
C TRP A 230 -2.96 0.16 -32.87
N THR A 231 -2.73 -1.12 -33.16
CA THR A 231 -3.40 -2.21 -32.47
C THR A 231 -2.54 -3.47 -32.56
N LEU A 232 -3.03 -4.55 -31.96
CA LEU A 232 -2.35 -5.83 -32.00
C LEU A 232 -3.08 -6.80 -32.92
N VAL A 233 -2.34 -7.44 -33.80
CA VAL A 233 -2.86 -8.46 -34.68
C VAL A 233 -2.48 -9.82 -34.13
N GLN A 234 -3.48 -10.66 -33.84
CA GLN A 234 -3.23 -11.96 -33.24
C GLN A 234 -2.68 -12.96 -34.27
N PRO A 235 -2.02 -14.03 -33.80
CA PRO A 235 -1.53 -15.05 -34.71
C PRO A 235 -2.65 -15.64 -35.55
N GLY A 236 -2.44 -15.75 -36.86
CA GLY A 236 -3.43 -16.32 -37.76
C GLY A 236 -4.51 -15.35 -38.18
N ASP A 237 -4.44 -14.11 -37.71
CA ASP A 237 -5.46 -13.15 -38.05
C ASP A 237 -5.00 -12.22 -39.17
N ASN A 238 -5.98 -11.68 -39.90
CA ASN A 238 -5.74 -10.74 -40.97
C ASN A 238 -6.29 -9.40 -40.55
N ILE A 239 -5.62 -8.32 -40.93
CA ILE A 239 -6.14 -6.97 -40.68
C ILE A 239 -6.18 -6.21 -42.01
N THR A 240 -7.32 -5.62 -42.33
CA THR A 240 -7.58 -5.07 -43.65
C THR A 240 -7.79 -3.57 -43.63
N PHE A 241 -6.99 -2.86 -44.43
CA PHE A 241 -7.12 -1.42 -44.61
C PHE A 241 -7.91 -1.13 -45.87
N SER A 242 -8.98 -0.37 -45.72
CA SER A 242 -9.88 -0.02 -46.81
C SER A 242 -9.90 1.51 -46.90
N HIS A 243 -9.33 2.06 -47.97
CA HIS A 243 -9.02 3.49 -48.00
C HIS A 243 -9.05 4.09 -49.40
N ASN A 244 -9.31 5.40 -49.46
CA ASN A 244 -9.31 6.15 -50.72
C ASN A 244 -8.64 7.51 -50.59
N GLY A 245 -7.62 7.57 -49.73
CA GLY A 245 -6.77 8.75 -49.60
C GLY A 245 -6.67 9.23 -48.17
N GLY A 246 -5.45 9.46 -47.72
CA GLY A 246 -5.19 9.94 -46.37
C GLY A 246 -4.49 8.93 -45.48
N LEU A 247 -4.52 7.65 -45.88
CA LEU A 247 -3.81 6.61 -45.15
C LEU A 247 -2.31 6.75 -45.33
N ILE A 248 -1.60 6.72 -44.20
CA ILE A 248 -0.16 6.53 -44.16
C ILE A 248 0.02 5.06 -43.79
N ALA A 249 0.30 4.24 -44.79
CA ALA A 249 0.24 2.78 -44.65
C ALA A 249 1.53 2.19 -44.09
N PRO A 250 1.41 1.07 -43.37
CA PRO A 250 2.61 0.37 -42.88
C PRO A 250 3.27 -0.48 -43.96
N SER A 251 4.58 -0.30 -44.14
CA SER A 251 5.35 -1.22 -44.98
C SER A 251 5.93 -2.36 -44.13
N ARG A 252 6.10 -2.11 -42.82
CA ARG A 252 6.48 -3.16 -41.88
C ARG A 252 5.70 -3.03 -40.58
N VAL A 253 5.43 -4.17 -39.93
CA VAL A 253 4.82 -4.21 -38.59
C VAL A 253 5.90 -4.58 -37.59
N SER A 254 5.60 -4.40 -36.29
CA SER A 254 6.56 -4.68 -35.25
C SER A 254 6.17 -5.91 -34.44
N LYS A 255 7.16 -6.48 -33.76
CA LYS A 255 6.94 -7.59 -32.86
C LYS A 255 7.79 -7.38 -31.62
N LEU A 256 7.13 -7.18 -30.48
CA LEU A 256 7.83 -7.01 -29.22
C LEU A 256 8.17 -8.38 -28.69
N ILE A 257 9.44 -8.57 -28.35
CA ILE A 257 9.97 -9.88 -27.97
C ILE A 257 10.46 -9.84 -26.53
N GLY A 258 10.05 -10.83 -25.75
CA GLY A 258 10.56 -11.04 -24.39
C GLY A 258 10.31 -9.88 -23.44
N ARG A 259 11.14 -9.79 -22.41
CA ARG A 259 11.03 -8.79 -21.36
C ARG A 259 12.33 -8.02 -21.24
N GLY A 260 12.20 -6.77 -20.84
CA GLY A 260 13.37 -5.95 -20.54
C GLY A 260 12.98 -4.85 -19.57
N LEU A 261 14.00 -4.22 -18.99
CA LEU A 261 13.79 -3.15 -18.06
C LEU A 261 13.95 -1.79 -18.74
N GLY A 262 12.94 -0.94 -18.61
CA GLY A 262 12.94 0.39 -19.21
C GLY A 262 13.39 1.48 -18.26
N ILE A 263 14.35 2.30 -18.69
CA ILE A 263 14.91 3.35 -17.84
C ILE A 263 14.81 4.70 -18.53
N GLN A 264 14.34 5.70 -17.80
CA GLN A 264 14.35 7.09 -18.26
C GLN A 264 15.37 7.86 -17.44
N SER A 265 16.46 8.26 -18.08
CA SER A 265 17.55 8.96 -17.39
C SER A 265 18.53 9.53 -18.40
N ASP A 266 19.11 10.69 -18.07
CA ASP A 266 20.14 11.28 -18.91
C ASP A 266 21.55 11.01 -18.38
N ALA A 267 21.65 10.21 -17.32
CA ALA A 267 22.94 9.89 -16.75
C ALA A 267 23.80 9.09 -17.73
N PRO A 268 25.12 9.34 -17.74
CA PRO A 268 25.99 8.63 -18.66
C PRO A 268 26.16 7.16 -18.29
N ILE A 269 26.32 6.33 -19.31
CA ILE A 269 26.50 4.88 -19.12
C ILE A 269 27.90 4.58 -18.58
N ASP A 270 27.95 3.68 -17.61
CA ASP A 270 29.20 3.14 -17.11
C ASP A 270 29.09 1.63 -17.22
N ASN A 271 29.91 1.06 -18.10
CA ASN A 271 29.91 -0.38 -18.35
C ASN A 271 30.74 -1.20 -17.35
N ASN A 272 31.24 -0.55 -16.29
CA ASN A 272 32.05 -1.22 -15.29
C ASN A 272 31.38 -1.47 -13.94
N CYS A 273 30.43 -0.62 -13.54
CA CYS A 273 29.58 -0.93 -12.38
C CYS A 273 28.35 -1.68 -12.85
N GLU A 274 27.82 -2.54 -11.99
CA GLU A 274 26.54 -3.19 -12.23
C GLU A 274 25.55 -2.77 -11.14
N SER A 275 24.26 -2.85 -11.46
CA SER A 275 23.22 -2.37 -10.58
C SER A 275 21.90 -3.02 -10.92
N LYS A 276 20.98 -3.02 -9.96
CA LYS A 276 19.64 -3.54 -10.17
C LYS A 276 18.56 -2.46 -10.03
N CYS A 277 18.99 -1.25 -9.68
CA CYS A 277 18.05 -0.19 -9.34
C CYS A 277 18.46 1.09 -10.06
N PHE A 278 17.50 1.74 -10.70
CA PHE A 278 17.77 2.94 -11.47
C PHE A 278 16.70 4.00 -11.26
N TRP A 279 17.08 5.25 -11.50
CA TRP A 279 16.13 6.35 -11.46
C TRP A 279 16.62 7.44 -12.40
N ARG A 280 15.91 8.55 -12.45
CA ARG A 280 16.28 9.67 -13.31
C ARG A 280 17.76 10.06 -13.18
N GLY A 281 18.24 10.08 -11.94
CA GLY A 281 19.60 10.53 -11.64
C GLY A 281 20.72 9.52 -11.83
N GLY A 282 20.39 8.26 -12.05
CA GLY A 282 21.41 7.23 -12.27
C GLY A 282 21.07 5.89 -11.66
N SER A 283 22.00 5.34 -10.89
CA SER A 283 21.85 4.01 -10.29
C SER A 283 21.93 4.04 -8.78
N ILE A 284 21.40 3.00 -8.13
CA ILE A 284 21.46 2.87 -6.69
C ILE A 284 21.99 1.49 -6.33
N ASN A 285 23.23 1.44 -5.85
CA ASN A 285 23.85 0.21 -5.35
C ASN A 285 24.03 0.29 -3.86
N THR A 286 23.18 -0.40 -3.13
CA THR A 286 23.27 -0.35 -1.69
C THR A 286 22.71 -1.61 -1.09
N ARG A 287 23.29 -1.99 0.04
CA ARG A 287 22.80 -3.13 0.82
C ARG A 287 21.66 -2.69 1.73
N LEU A 288 21.56 -1.37 1.98
CA LEU A 288 20.57 -0.83 2.91
C LEU A 288 19.16 -1.03 2.39
N PRO A 289 18.22 -1.33 3.29
CA PRO A 289 16.85 -1.65 2.89
C PRO A 289 16.01 -0.45 2.50
N PHE A 290 16.45 0.76 2.86
CA PHE A 290 15.71 1.98 2.56
C PHE A 290 16.58 3.00 1.80
N GLN A 291 15.92 3.98 1.18
CA GLN A 291 16.63 5.07 0.51
C GLN A 291 15.75 6.31 0.47
N ASN A 292 16.39 7.48 0.43
CA ASN A 292 15.68 8.76 0.36
C ASN A 292 16.06 9.56 -0.87
N LEU A 293 16.55 8.88 -1.91
CA LEU A 293 16.91 9.53 -3.17
C LEU A 293 15.70 9.89 -4.00
N SER A 294 14.77 8.95 -4.18
CA SER A 294 13.62 9.18 -5.03
C SER A 294 12.52 8.14 -4.86
N PRO A 295 11.26 8.57 -4.90
CA PRO A 295 10.12 7.64 -4.96
C PRO A 295 9.85 7.09 -6.36
N ARG A 296 10.54 7.61 -7.39
CA ARG A 296 10.38 7.11 -8.75
C ARG A 296 11.64 6.35 -9.14
N THR A 297 11.65 5.04 -8.89
CA THR A 297 12.77 4.19 -9.26
C THR A 297 12.25 3.02 -10.06
N VAL A 298 13.15 2.33 -10.74
CA VAL A 298 12.82 1.10 -11.45
C VAL A 298 13.81 0.00 -11.12
N GLY A 299 13.34 -1.24 -11.24
CA GLY A 299 14.15 -2.42 -10.96
C GLY A 299 13.93 -2.96 -9.56
N GLN A 300 14.98 -3.54 -8.98
CA GLN A 300 14.94 -4.09 -7.63
C GLN A 300 15.60 -3.08 -6.70
N CYS A 301 14.79 -2.36 -5.94
CA CYS A 301 15.24 -1.18 -5.22
C CYS A 301 14.94 -1.24 -3.74
N PRO A 302 15.72 -0.48 -2.94
CA PRO A 302 15.32 -0.23 -1.56
C PRO A 302 14.08 0.64 -1.53
N LYS A 303 13.30 0.51 -0.48
CA LYS A 303 12.04 1.22 -0.38
C LYS A 303 12.28 2.66 0.00
N TYR A 304 11.52 3.55 -0.63
CA TYR A 304 11.68 4.98 -0.40
C TYR A 304 11.03 5.38 0.91
N VAL A 305 11.73 6.19 1.70
CA VAL A 305 11.20 6.73 2.96
C VAL A 305 11.53 8.22 3.07
N ASN A 306 10.62 9.01 3.62
CA ASN A 306 10.87 10.44 3.85
C ASN A 306 11.73 10.70 5.06
N ARG A 307 12.93 10.16 5.13
CA ARG A 307 13.80 10.43 6.27
C ARG A 307 15.22 10.62 5.79
N ARG A 308 15.88 11.66 6.30
CA ARG A 308 17.30 11.87 6.02
C ARG A 308 18.13 10.70 6.58
N SER A 309 17.79 10.24 7.78
CA SER A 309 18.58 9.23 8.48
C SER A 309 17.76 8.44 9.49
N LEU A 310 18.01 7.13 9.57
CA LEU A 310 17.45 6.29 10.65
C LEU A 310 18.53 5.34 11.14
N MET A 311 19.13 5.68 12.28
CA MET A 311 20.29 4.98 12.78
C MET A 311 19.91 3.71 13.58
N LEU A 312 20.57 2.61 13.24
CA LEU A 312 20.36 1.33 13.88
C LEU A 312 21.51 1.10 14.84
N ALA A 313 21.19 0.86 16.10
CA ALA A 313 22.22 0.67 17.12
C ALA A 313 22.98 -0.62 16.85
N THR A 314 24.31 -0.55 16.99
CA THR A 314 25.18 -1.71 16.83
C THR A 314 26.03 -1.90 18.08
N GLY A 315 25.49 -1.43 19.22
CA GLY A 315 26.19 -1.53 20.48
C GLY A 315 25.29 -1.17 21.64
N MET A 316 25.85 -1.32 22.85
CA MET A 316 25.10 -1.07 24.09
C MET A 316 24.92 0.42 24.37
N ARG A 317 24.10 0.74 25.36
CA ARG A 317 24.03 2.10 25.92
C ARG A 317 25.43 2.59 26.25
N ASN A 318 25.75 3.80 25.83
CA ASN A 318 27.02 4.42 26.20
C ASN A 318 26.89 5.13 27.54
N VAL A 319 27.73 4.76 28.50
CA VAL A 319 27.72 5.35 29.83
C VAL A 319 29.13 5.82 30.19
N PRO A 320 29.51 7.03 29.77
CA PRO A 320 30.88 7.48 29.94
C PRO A 320 31.26 7.77 31.39
N GLU A 321 32.56 7.95 31.62
CA GLU A 321 33.10 8.19 32.95
C GLU A 321 33.26 9.69 33.21
N GLY B 1 17.79 0.28 33.06
CA GLY B 1 17.38 -0.56 31.88
C GLY B 1 16.70 -1.84 32.30
N LEU B 2 16.22 -2.60 31.30
CA LEU B 2 15.43 -3.81 31.57
C LEU B 2 16.07 -4.79 32.54
N PHE B 3 17.39 -4.97 32.45
CA PHE B 3 18.06 -5.97 33.27
C PHE B 3 18.87 -5.38 34.42
N GLY B 4 18.82 -4.06 34.55
CA GLY B 4 19.31 -3.39 35.75
C GLY B 4 20.81 -3.22 35.90
N ALA B 5 21.59 -3.66 34.92
CA ALA B 5 23.07 -3.61 35.03
C ALA B 5 23.66 -2.41 34.31
N ILE B 6 23.59 -2.40 32.98
CA ILE B 6 24.15 -1.32 32.18
C ILE B 6 23.27 -0.09 32.37
N ALA B 7 23.91 1.03 32.72
CA ALA B 7 23.21 2.23 33.16
C ALA B 7 22.27 1.91 34.32
N GLY B 8 22.67 0.95 35.15
CA GLY B 8 21.86 0.49 36.27
C GLY B 8 22.74 0.46 37.51
N PHE B 9 22.89 -0.71 38.12
CA PHE B 9 23.74 -0.83 39.32
C PHE B 9 25.23 -0.74 38.99
N LEU B 10 25.59 -0.83 37.71
CA LEU B 10 26.92 -0.46 37.27
C LEU B 10 26.93 1.03 36.98
N GLU B 11 27.74 1.77 37.72
CA GLU B 11 27.71 3.24 37.69
C GLU B 11 28.09 3.80 36.32
N ASN B 12 29.06 3.17 35.66
CA ASN B 12 29.48 3.60 34.34
C ASN B 12 30.24 2.51 33.59
N GLY B 13 30.49 2.76 32.32
CA GLY B 13 31.27 1.86 31.50
C GLY B 13 32.75 2.17 31.64
N TRP B 14 33.58 1.32 31.04
CA TRP B 14 35.02 1.50 31.09
C TRP B 14 35.56 1.87 29.71
N GLU B 15 35.90 3.14 29.53
CA GLU B 15 36.48 3.62 28.29
C GLU B 15 37.83 2.96 28.01
N GLY B 16 38.53 2.58 29.08
CA GLY B 16 39.81 1.91 28.97
C GLY B 16 39.75 0.46 28.54
N MET B 17 38.55 -0.12 28.46
CA MET B 17 38.41 -1.50 27.97
C MET B 17 38.15 -1.51 26.47
N VAL B 18 39.22 -1.69 25.70
CA VAL B 18 39.17 -1.59 24.25
C VAL B 18 39.22 -2.94 23.55
N ASP B 19 39.47 -4.02 24.31
CA ASP B 19 39.62 -5.34 23.69
C ASP B 19 38.42 -6.26 23.95
N GLY B 20 37.29 -5.67 24.35
CA GLY B 20 36.08 -6.44 24.61
C GLY B 20 34.95 -5.52 25.02
N TRP B 21 33.74 -6.08 25.04
CA TRP B 21 32.53 -5.34 25.43
C TRP B 21 32.23 -5.49 26.90
N TYR B 22 32.61 -6.62 27.46
CA TYR B 22 32.40 -6.94 28.87
C TYR B 22 33.70 -7.49 29.43
N GLY B 23 33.89 -7.36 30.74
CA GLY B 23 35.11 -7.86 31.35
C GLY B 23 35.22 -7.62 32.84
N PHE B 24 36.46 -7.77 33.33
CA PHE B 24 36.73 -7.76 34.76
C PHE B 24 37.85 -6.79 35.11
N ARG B 25 37.71 -6.16 36.27
CA ARG B 25 38.83 -5.51 36.91
C ARG B 25 38.99 -6.14 38.29
N HIS B 26 40.22 -6.30 38.75
CA HIS B 26 40.43 -6.91 40.05
C HIS B 26 41.42 -6.15 40.90
N GLN B 27 41.41 -6.45 42.18
CA GLN B 27 42.38 -5.92 43.13
C GLN B 27 42.80 -7.04 44.09
N ASN B 28 44.10 -7.22 44.24
CA ASN B 28 44.64 -8.16 45.22
C ASN B 28 45.99 -7.64 45.76
N ALA B 29 46.69 -8.48 46.51
CA ALA B 29 47.99 -8.09 47.07
C ALA B 29 48.98 -7.70 45.99
N GLN B 30 48.93 -8.39 44.84
CA GLN B 30 49.84 -8.10 43.75
C GLN B 30 49.53 -6.81 43.01
N GLY B 31 48.31 -6.32 43.12
CA GLY B 31 47.93 -5.06 42.48
C GLY B 31 46.56 -5.15 41.84
N THR B 32 46.38 -4.39 40.76
CA THR B 32 45.13 -4.38 40.02
C THR B 32 45.39 -4.80 38.60
N GLY B 33 44.32 -5.11 37.89
CA GLY B 33 44.42 -5.53 36.50
C GLY B 33 43.07 -5.54 35.82
N GLN B 34 43.08 -5.70 34.49
CA GLN B 34 41.87 -5.69 33.69
C GLN B 34 41.94 -6.78 32.64
N ALA B 35 40.80 -7.37 32.31
CA ALA B 35 40.74 -8.35 31.23
C ALA B 35 39.32 -8.44 30.69
N ALA B 36 39.21 -8.60 29.37
CA ALA B 36 37.92 -8.74 28.71
C ALA B 36 37.42 -10.18 28.79
N ASP B 37 36.10 -10.34 28.74
CA ASP B 37 35.48 -11.66 28.67
C ASP B 37 35.06 -11.92 27.24
N TYR B 38 35.63 -12.95 26.64
CA TYR B 38 35.39 -13.27 25.23
C TYR B 38 33.97 -13.75 24.94
N LYS B 39 33.47 -14.68 25.74
CA LYS B 39 32.18 -15.35 25.48
C LYS B 39 31.00 -14.39 25.50
N SER B 40 30.90 -13.58 26.54
CA SER B 40 29.81 -12.60 26.64
C SER B 40 29.92 -11.56 25.53
N THR B 41 31.13 -11.12 25.23
CA THR B 41 31.38 -10.19 24.15
C THR B 41 30.91 -10.77 22.80
N GLN B 42 31.26 -12.03 22.54
CA GLN B 42 30.85 -12.69 21.29
C GLN B 42 29.35 -12.93 21.22
N ALA B 43 28.74 -13.27 22.36
CA ALA B 43 27.30 -13.45 22.42
C ALA B 43 26.58 -12.19 21.97
N ALA B 44 27.00 -11.05 22.53
CA ALA B 44 26.41 -9.77 22.15
C ALA B 44 26.67 -9.50 20.68
N ILE B 45 27.92 -9.58 20.25
CA ILE B 45 28.31 -9.23 18.89
C ILE B 45 27.61 -10.12 17.86
N ASP B 46 27.53 -11.42 18.12
CA ASP B 46 26.90 -12.35 17.17
C ASP B 46 25.43 -12.03 16.93
N GLN B 47 24.74 -11.62 17.98
CA GLN B 47 23.34 -11.24 17.87
C GLN B 47 23.18 -9.96 17.06
N ILE B 48 24.09 -8.99 17.24
CA ILE B 48 24.07 -7.76 16.44
C ILE B 48 24.36 -8.10 14.99
N THR B 49 25.37 -8.94 14.77
CA THR B 49 25.76 -9.33 13.44
C THR B 49 24.63 -10.03 12.71
N GLY B 50 23.94 -10.93 13.42
CA GLY B 50 22.86 -11.71 12.83
C GLY B 50 21.70 -10.82 12.44
N LYS B 51 21.48 -9.80 13.25
CA LYS B 51 20.46 -8.79 13.00
C LYS B 51 20.79 -7.97 11.75
N LEU B 52 22.05 -7.57 11.60
CA LEU B 52 22.50 -6.82 10.44
C LEU B 52 22.37 -7.61 9.15
N ASN B 53 22.70 -8.90 9.19
CA ASN B 53 22.57 -9.75 8.01
C ASN B 53 21.12 -9.96 7.59
N ARG B 54 20.19 -9.96 8.55
CA ARG B 54 18.76 -10.08 8.24
C ARG B 54 18.28 -8.83 7.50
N LEU B 55 18.87 -7.68 7.84
CA LEU B 55 18.48 -6.41 7.29
C LEU B 55 19.02 -6.12 5.88
N VAL B 56 19.94 -6.93 5.39
CA VAL B 56 20.46 -6.80 4.04
C VAL B 56 19.58 -7.55 3.03
N GLU B 57 18.80 -8.51 3.52
CA GLU B 57 17.91 -9.33 2.69
C GLU B 57 16.95 -8.43 1.93
N LYS B 58 17.10 -8.36 0.62
CA LYS B 58 16.31 -7.42 -0.17
C LYS B 58 15.21 -8.12 -0.97
N THR B 59 14.26 -7.31 -1.42
CA THR B 59 13.24 -7.74 -2.37
C THR B 59 13.91 -8.12 -3.70
N ASN B 60 13.36 -9.14 -4.36
CA ASN B 60 13.78 -9.49 -5.72
C ASN B 60 12.64 -9.11 -6.68
N THR B 61 11.75 -8.22 -6.23
CA THR B 61 10.62 -7.78 -7.04
C THR B 61 11.08 -6.68 -7.97
N GLU B 62 10.96 -6.94 -9.28
CA GLU B 62 11.30 -5.99 -10.31
C GLU B 62 10.09 -5.06 -10.50
N PHE B 63 10.31 -3.75 -10.40
CA PHE B 63 9.25 -2.77 -10.65
C PHE B 63 9.52 -2.01 -11.95
N GLU B 64 8.45 -1.76 -12.70
CA GLU B 64 8.51 -0.92 -13.89
C GLU B 64 8.14 0.50 -13.48
N SER B 65 8.47 1.47 -14.33
CA SER B 65 7.97 2.84 -14.15
C SER B 65 6.50 2.91 -14.55
N ILE B 66 5.72 3.69 -13.80
CA ILE B 66 4.36 4.03 -14.20
C ILE B 66 4.16 5.53 -14.30
N GLU B 67 5.27 6.28 -14.22
CA GLU B 67 5.27 7.74 -14.35
C GLU B 67 6.38 8.13 -15.33
N SER B 68 6.01 8.70 -16.47
CA SER B 68 6.99 9.14 -17.43
C SER B 68 7.73 10.35 -16.89
N GLU B 69 9.06 10.30 -16.93
CA GLU B 69 9.90 11.42 -16.51
C GLU B 69 9.92 12.52 -17.59
N PHE B 70 9.75 12.13 -18.85
CA PHE B 70 9.99 13.04 -19.96
C PHE B 70 8.77 13.41 -20.79
N SER B 71 7.58 12.95 -20.39
CA SER B 71 6.36 13.32 -21.08
C SER B 71 5.19 13.48 -20.12
N GLU B 72 4.09 14.01 -20.64
CA GLU B 72 2.92 14.32 -19.84
C GLU B 72 2.22 13.05 -19.40
N ILE B 73 1.67 13.10 -18.19
CA ILE B 73 0.82 12.05 -17.66
C ILE B 73 -0.56 12.66 -17.56
N GLU B 74 -1.59 11.95 -18.03
CA GLU B 74 -2.96 12.44 -17.94
C GLU B 74 -3.28 12.72 -16.46
N HIS B 75 -4.04 13.78 -16.21
CA HIS B 75 -4.13 14.35 -14.87
C HIS B 75 -4.81 13.47 -13.83
N GLN B 76 -5.94 12.87 -14.17
CA GLN B 76 -6.65 11.99 -13.23
C GLN B 76 -5.82 10.79 -12.82
N ILE B 77 -5.27 10.09 -13.81
CA ILE B 77 -4.46 8.92 -13.52
C ILE B 77 -3.20 9.33 -12.77
N GLY B 78 -2.63 10.48 -13.14
CA GLY B 78 -1.48 11.03 -12.44
C GLY B 78 -1.77 11.27 -10.97
N ASN B 79 -2.95 11.81 -10.68
CA ASN B 79 -3.37 12.02 -9.29
C ASN B 79 -3.61 10.73 -8.53
N VAL B 80 -4.18 9.72 -9.20
CA VAL B 80 -4.36 8.41 -8.58
C VAL B 80 -3.02 7.81 -8.23
N ILE B 81 -2.09 7.86 -9.18
CA ILE B 81 -0.75 7.34 -8.97
C ILE B 81 -0.08 8.05 -7.80
N ASN B 82 -0.15 9.38 -7.77
CA ASN B 82 0.45 10.15 -6.68
C ASN B 82 -0.11 9.79 -5.32
N TRP B 83 -1.43 9.68 -5.24
CA TRP B 83 -2.12 9.30 -4.01
C TRP B 83 -1.63 7.95 -3.53
N THR B 84 -1.54 7.01 -4.47
CA THR B 84 -1.11 5.65 -4.16
C THR B 84 0.34 5.65 -3.70
N LYS B 85 1.23 6.29 -4.44
CA LYS B 85 2.66 6.33 -4.09
C LYS B 85 2.93 6.98 -2.73
N ASP B 86 2.25 8.09 -2.45
CA ASP B 86 2.46 8.78 -1.18
C ASP B 86 1.91 7.96 -0.02
N SER B 87 0.83 7.21 -0.24
CA SER B 87 0.30 6.29 0.76
C SER B 87 1.32 5.18 1.03
N ILE B 88 1.93 4.66 -0.03
CA ILE B 88 2.94 3.60 0.08
C ILE B 88 4.16 4.13 0.81
N THR B 89 4.57 5.34 0.47
CA THR B 89 5.71 5.97 1.12
C THR B 89 5.50 6.21 2.62
N ASP B 90 4.30 6.66 2.98
CA ASP B 90 3.94 6.83 4.39
C ASP B 90 3.99 5.49 5.12
N ILE B 91 3.55 4.43 4.46
CA ILE B 91 3.60 3.11 5.05
C ILE B 91 5.05 2.66 5.28
N TRP B 92 5.91 2.84 4.28
CA TRP B 92 7.32 2.46 4.43
C TRP B 92 8.10 3.34 5.41
N THR B 93 7.80 4.64 5.46
CA THR B 93 8.44 5.55 6.40
C THR B 93 8.11 5.16 7.84
N TYR B 94 6.84 4.87 8.07
CA TYR B 94 6.39 4.42 9.36
C TYR B 94 7.01 3.06 9.73
N GLN B 95 7.05 2.14 8.78
CA GLN B 95 7.66 0.84 9.02
C GLN B 95 9.12 0.95 9.43
N ALA B 96 9.87 1.80 8.72
CA ALA B 96 11.29 1.98 9.00
C ALA B 96 11.50 2.60 10.38
N GLU B 97 10.70 3.61 10.71
CA GLU B 97 10.74 4.20 12.04
C GLU B 97 10.53 3.15 13.11
N LEU B 98 9.50 2.32 12.93
CA LEU B 98 9.16 1.30 13.90
C LEU B 98 10.22 0.22 14.00
N LEU B 99 10.64 -0.30 12.84
CA LEU B 99 11.69 -1.32 12.78
C LEU B 99 12.90 -0.91 13.61
N VAL B 100 13.43 0.26 13.31
CA VAL B 100 14.63 0.74 13.95
C VAL B 100 14.42 0.98 15.45
N ALA B 101 13.30 1.59 15.82
CA ALA B 101 13.00 1.85 17.23
C ALA B 101 12.94 0.53 17.98
N MET B 102 12.28 -0.45 17.40
CA MET B 102 12.09 -1.73 18.05
C MET B 102 13.39 -2.52 18.16
N GLU B 103 14.14 -2.57 17.06
CA GLU B 103 15.43 -3.27 17.04
C GLU B 103 16.40 -2.64 18.02
N ASN B 104 16.42 -1.31 18.07
CA ASN B 104 17.32 -0.59 18.98
C ASN B 104 16.99 -0.86 20.45
N GLN B 105 15.70 -0.90 20.76
CA GLN B 105 15.25 -1.23 22.10
C GLN B 105 15.74 -2.63 22.46
N HIS B 106 15.53 -3.58 21.55
CA HIS B 106 15.95 -4.96 21.78
C HIS B 106 17.47 -5.10 21.88
N THR B 107 18.20 -4.41 21.01
CA THR B 107 19.67 -4.45 21.02
C THR B 107 20.24 -3.97 22.35
N ILE B 108 19.79 -2.80 22.78
CA ILE B 108 20.19 -2.21 24.05
C ILE B 108 19.91 -3.16 25.22
N ASP B 109 18.70 -3.69 25.29
CA ASP B 109 18.32 -4.57 26.39
C ASP B 109 19.02 -5.94 26.33
N MET B 110 19.28 -6.45 25.13
CA MET B 110 20.03 -7.69 24.98
C MET B 110 21.45 -7.53 25.54
N ALA B 111 22.08 -6.40 25.26
CA ALA B 111 23.41 -6.12 25.75
C ALA B 111 23.44 -6.05 27.27
N ASP B 112 22.39 -5.44 27.83
CA ASP B 112 22.22 -5.34 29.28
C ASP B 112 22.10 -6.75 29.86
N SER B 113 21.36 -7.62 29.17
CA SER B 113 21.15 -8.98 29.66
C SER B 113 22.44 -9.80 29.63
N GLU B 114 23.27 -9.61 28.60
CA GLU B 114 24.54 -10.34 28.54
C GLU B 114 25.51 -9.89 29.64
N MET B 115 25.48 -8.60 29.98
CA MET B 115 26.25 -8.13 31.12
C MET B 115 25.76 -8.83 32.39
N LEU B 116 24.45 -8.86 32.59
CA LEU B 116 23.87 -9.52 33.75
C LEU B 116 24.18 -11.02 33.77
N ASN B 117 24.13 -11.67 32.61
CA ASN B 117 24.41 -13.11 32.54
C ASN B 117 25.83 -13.43 32.98
N LEU B 118 26.78 -12.56 32.63
CA LEU B 118 28.16 -12.68 33.10
C LEU B 118 28.25 -12.48 34.63
N TYR B 119 27.63 -11.42 35.12
CA TYR B 119 27.55 -11.16 36.56
C TYR B 119 27.02 -12.38 37.32
N GLU B 120 25.87 -12.89 36.89
CA GLU B 120 25.26 -14.06 37.52
C GLU B 120 26.15 -15.29 37.47
N ARG B 121 26.83 -15.49 36.36
CA ARG B 121 27.72 -16.63 36.20
C ARG B 121 28.83 -16.57 37.25
N VAL B 122 29.43 -15.40 37.43
CA VAL B 122 30.47 -15.20 38.42
C VAL B 122 29.94 -15.35 39.85
N ARG B 123 28.77 -14.78 40.12
CA ARG B 123 28.16 -14.93 41.45
C ARG B 123 28.09 -16.40 41.83
N LYS B 124 27.60 -17.23 40.92
CA LYS B 124 27.42 -18.64 41.20
C LYS B 124 28.75 -19.41 41.31
N GLN B 125 29.75 -19.07 40.50
CA GLN B 125 31.10 -19.65 40.64
C GLN B 125 31.62 -19.43 42.07
N LEU B 126 31.51 -18.19 42.55
CA LEU B 126 32.10 -17.79 43.82
C LEU B 126 31.36 -18.37 45.01
N ARG B 127 30.10 -18.74 44.81
CA ARG B 127 29.31 -19.44 45.82
C ARG B 127 29.34 -18.72 47.17
N GLN B 128 29.83 -19.34 48.23
CA GLN B 128 29.80 -18.74 49.57
C GLN B 128 31.13 -18.08 49.94
N ASN B 129 32.00 -17.86 48.96
CA ASN B 129 33.33 -17.34 49.25
C ASN B 129 33.44 -15.84 49.04
N ALA B 130 32.34 -15.22 48.62
CA ALA B 130 32.33 -13.80 48.30
C ALA B 130 30.96 -13.20 48.53
N GLU B 131 30.94 -11.87 48.65
CA GLU B 131 29.69 -11.13 48.81
C GLU B 131 29.60 -9.99 47.82
N GLU B 132 28.38 -9.66 47.39
CA GLU B 132 28.16 -8.56 46.44
C GLU B 132 28.17 -7.21 47.14
N ASP B 133 28.82 -6.22 46.54
CA ASP B 133 28.87 -4.88 47.11
C ASP B 133 27.78 -3.94 46.56
N GLY B 134 27.01 -4.40 45.57
CA GLY B 134 25.92 -3.59 45.00
C GLY B 134 26.31 -2.72 43.82
N LYS B 135 27.61 -2.60 43.55
CA LYS B 135 28.12 -1.78 42.47
C LYS B 135 28.71 -2.63 41.34
N GLY B 136 28.51 -3.94 41.42
CA GLY B 136 29.03 -4.86 40.42
C GLY B 136 30.28 -5.61 40.83
N CYS B 137 30.78 -5.37 42.04
CA CYS B 137 31.96 -6.08 42.53
C CYS B 137 31.59 -7.20 43.51
N PHE B 138 32.49 -8.16 43.59
CA PHE B 138 32.39 -9.24 44.54
C PHE B 138 33.58 -9.11 45.48
N GLU B 139 33.32 -8.90 46.76
CA GLU B 139 34.39 -8.89 47.75
C GLU B 139 34.69 -10.34 48.10
N ILE B 140 35.91 -10.79 47.81
CA ILE B 140 36.28 -12.18 47.96
C ILE B 140 36.95 -12.38 49.31
N TYR B 141 36.40 -13.27 50.13
CA TYR B 141 36.86 -13.41 51.51
C TYR B 141 38.02 -14.39 51.72
N HIS B 142 38.89 -14.50 50.73
CA HIS B 142 40.15 -15.23 50.86
C HIS B 142 41.19 -14.57 49.98
N ALA B 143 42.46 -14.87 50.22
CA ALA B 143 43.54 -14.34 49.38
C ALA B 143 43.38 -14.92 47.99
N CYS B 144 43.24 -14.06 47.00
CA CYS B 144 43.00 -14.48 45.63
C CYS B 144 44.04 -13.81 44.73
N ASP B 145 45.10 -14.54 44.44
CA ASP B 145 46.22 -14.05 43.64
C ASP B 145 45.85 -14.00 42.16
N ASP B 146 46.80 -13.62 41.30
CA ASP B 146 46.51 -13.39 39.89
C ASP B 146 46.00 -14.66 39.20
N SER B 147 46.57 -15.80 39.56
CA SER B 147 46.11 -17.09 39.05
C SER B 147 44.70 -17.40 39.51
N CYS B 148 44.42 -17.14 40.78
CA CYS B 148 43.09 -17.30 41.34
C CYS B 148 42.09 -16.41 40.59
N MET B 149 42.48 -15.16 40.35
CA MET B 149 41.65 -14.23 39.57
C MET B 149 41.41 -14.77 38.17
N GLU B 150 42.47 -15.28 37.54
CA GLU B 150 42.39 -15.87 36.21
C GLU B 150 41.42 -17.05 36.21
N SER B 151 41.47 -17.87 37.25
CA SER B 151 40.59 -19.04 37.34
C SER B 151 39.12 -18.63 37.43
N ILE B 152 38.85 -17.45 37.99
CA ILE B 152 37.50 -16.93 38.02
C ILE B 152 37.06 -16.49 36.62
N ARG B 153 37.94 -15.78 35.92
CA ARG B 153 37.67 -15.33 34.56
C ARG B 153 37.58 -16.51 33.60
N ASN B 154 38.45 -17.48 33.80
CA ASN B 154 38.55 -18.67 32.95
C ASN B 154 37.46 -19.69 33.26
N ASN B 155 36.71 -19.47 34.35
CA ASN B 155 35.63 -20.35 34.76
C ASN B 155 36.12 -21.72 35.25
N THR B 156 37.26 -21.74 35.94
CA THR B 156 37.78 -22.96 36.52
C THR B 156 37.99 -22.81 38.02
N TYR B 157 37.44 -21.74 38.61
CA TYR B 157 37.55 -21.48 40.05
C TYR B 157 36.73 -22.51 40.83
N ASP B 158 37.41 -23.27 41.68
CA ASP B 158 36.77 -24.28 42.50
C ASP B 158 36.52 -23.71 43.89
N HIS B 159 35.27 -23.42 44.19
CA HIS B 159 34.92 -22.75 45.44
C HIS B 159 35.28 -23.57 46.69
N SER B 160 35.25 -24.89 46.57
CA SER B 160 35.49 -25.76 47.73
C SER B 160 36.94 -25.70 48.21
N GLN B 161 37.85 -25.31 47.32
CA GLN B 161 39.26 -25.07 47.68
C GLN B 161 39.41 -24.02 48.78
N TYR B 162 38.64 -22.94 48.70
CA TYR B 162 38.81 -21.79 49.58
C TYR B 162 37.66 -21.64 50.58
N ARG B 163 36.69 -22.55 50.55
CA ARG B 163 35.46 -22.37 51.29
C ARG B 163 35.68 -22.16 52.78
N GLU B 164 36.47 -23.04 53.39
CA GLU B 164 36.71 -22.98 54.82
C GLU B 164 37.33 -21.64 55.24
N GLU B 165 38.39 -21.22 54.54
CA GLU B 165 39.05 -19.94 54.80
C GLU B 165 38.04 -18.80 54.69
N ALA B 166 37.21 -18.86 53.65
CA ALA B 166 36.30 -17.78 53.32
C ALA B 166 35.16 -17.65 54.32
N LEU B 167 34.59 -18.77 54.73
CA LEU B 167 33.52 -18.74 55.74
C LEU B 167 34.03 -18.19 57.08
N LEU B 168 35.23 -18.59 57.48
CA LEU B 168 35.81 -18.04 58.70
C LEU B 168 35.93 -16.52 58.61
N ASN B 169 36.45 -16.04 57.49
CA ASN B 169 36.61 -14.59 57.30
C ASN B 169 35.29 -13.85 57.23
N ARG B 170 34.29 -14.46 56.60
CA ARG B 170 32.96 -13.86 56.51
C ARG B 170 32.26 -13.74 57.87
N LEU B 171 32.55 -14.69 58.76
CA LEU B 171 31.97 -14.66 60.10
C LEU B 171 32.80 -13.82 61.11
N ASN B 172 33.96 -13.31 60.68
CA ASN B 172 34.67 -12.21 61.40
C ASN B 172 33.79 -11.08 61.90
N ILE B 173 33.92 -10.74 63.19
CA ILE B 173 33.27 -9.55 63.74
C ILE B 173 34.27 -8.42 63.66
N ASN B 174 33.97 -7.40 62.85
CA ASN B 174 34.85 -6.27 62.65
C ASN B 174 34.42 -5.03 63.46
N PRO B 175 35.37 -4.10 63.68
CA PRO B 175 35.01 -2.75 64.17
C PRO B 175 34.19 -1.96 63.15
N ALA C 1 15.03 -10.06 69.82
CA ALA C 1 13.71 -10.37 69.20
C ALA C 1 13.88 -10.93 67.79
N ASP C 2 12.82 -11.54 67.28
CA ASP C 2 12.79 -12.01 65.91
C ASP C 2 12.64 -10.82 64.90
N PRO C 3 12.70 -11.08 63.59
CA PRO C 3 13.11 -10.01 62.68
C PRO C 3 12.08 -8.92 62.35
N ASP C 4 12.54 -7.68 62.26
CA ASP C 4 11.75 -6.61 61.63
C ASP C 4 11.68 -6.92 60.16
N LYS C 5 10.90 -6.14 59.41
CA LYS C 5 10.73 -6.42 57.99
C LYS C 5 10.44 -5.18 57.16
N ILE C 6 10.88 -5.24 55.91
CA ILE C 6 10.54 -4.24 54.92
C ILE C 6 10.06 -4.97 53.66
N CYS C 7 8.91 -4.56 53.15
CA CYS C 7 8.29 -5.23 52.02
C CYS C 7 8.26 -4.28 50.83
N LEU C 8 8.53 -4.81 49.65
CA LEU C 8 8.47 -4.01 48.43
C LEU C 8 7.20 -4.28 47.67
N GLY C 9 6.69 -3.26 46.99
CA GLY C 9 5.44 -3.39 46.28
C GLY C 9 5.23 -2.34 45.23
N HIS C 10 4.11 -2.47 44.53
CA HIS C 10 3.74 -1.55 43.48
C HIS C 10 2.31 -1.17 43.70
N HIS C 11 1.87 -0.14 42.98
CA HIS C 11 0.51 0.38 43.15
C HIS C 11 -0.51 -0.42 42.35
N ALA C 12 -1.78 -0.22 42.69
CA ALA C 12 -2.88 -0.76 41.94
C ALA C 12 -4.08 0.18 42.09
N VAL C 13 -5.11 -0.07 41.29
CA VAL C 13 -6.35 0.70 41.35
C VAL C 13 -7.55 -0.23 41.41
N ALA C 14 -8.65 0.27 41.94
CA ALA C 14 -9.86 -0.53 42.10
C ALA C 14 -10.35 -1.01 40.73
N ASN C 15 -10.59 -0.07 39.82
CA ASN C 15 -11.00 -0.41 38.45
C ASN C 15 -9.91 -0.03 37.43
N GLY C 16 -9.26 -1.05 36.89
CA GLY C 16 -8.29 -0.86 35.81
C GLY C 16 -8.98 -0.86 34.46
N THR C 17 -8.21 -0.74 33.39
CA THR C 17 -8.75 -0.80 32.04
C THR C 17 -8.13 -1.95 31.26
N ILE C 18 -8.90 -2.47 30.30
CA ILE C 18 -8.51 -3.60 29.50
C ILE C 18 -7.74 -3.13 28.26
N VAL C 19 -6.65 -3.82 27.95
CA VAL C 19 -5.88 -3.57 26.73
C VAL C 19 -5.46 -4.89 26.12
N LYS C 20 -5.00 -4.84 24.87
CA LYS C 20 -4.50 -6.04 24.21
C LYS C 20 -2.98 -6.04 24.15
N THR C 21 -2.39 -7.22 24.31
CA THR C 21 -0.96 -7.41 24.18
C THR C 21 -0.73 -8.44 23.09
N LEU C 22 0.50 -8.93 22.95
CA LEU C 22 0.78 -9.97 21.97
C LEU C 22 0.12 -11.29 22.34
N THR C 23 0.04 -11.57 23.63
CA THR C 23 -0.40 -12.87 24.14
C THR C 23 -1.80 -12.87 24.77
N ASN C 24 -2.40 -11.70 25.00
CA ASN C 24 -3.63 -11.60 25.76
C ASN C 24 -4.53 -10.49 25.23
N GLU C 25 -5.76 -10.85 24.85
CA GLU C 25 -6.75 -9.87 24.39
C GLU C 25 -7.40 -9.08 25.53
N GLN C 26 -7.24 -9.57 26.75
CA GLN C 26 -8.01 -9.09 27.88
C GLN C 26 -7.11 -8.74 29.07
N GLU C 27 -6.01 -8.03 28.80
CA GLU C 27 -5.04 -7.73 29.86
C GLU C 27 -5.44 -6.47 30.59
N GLU C 28 -5.53 -6.54 31.93
CA GLU C 28 -5.90 -5.39 32.73
C GLU C 28 -4.66 -4.62 33.18
N VAL C 29 -4.66 -3.31 32.95
CA VAL C 29 -3.57 -2.43 33.37
C VAL C 29 -4.13 -1.27 34.16
N THR C 30 -3.26 -0.49 34.79
CA THR C 30 -3.71 0.57 35.70
C THR C 30 -4.30 1.76 34.96
N ASN C 31 -3.82 1.99 33.74
CA ASN C 31 -4.27 3.13 32.95
C ASN C 31 -3.97 2.87 31.48
N ALA C 32 -4.75 3.51 30.62
CA ALA C 32 -4.57 3.39 29.17
C ALA C 32 -5.15 4.61 28.46
N THR C 33 -4.76 4.82 27.21
CA THR C 33 -5.25 5.95 26.44
C THR C 33 -5.53 5.57 24.97
N GLU C 34 -6.55 6.18 24.40
CA GLU C 34 -7.02 5.86 23.05
C GLU C 34 -6.02 6.32 21.99
N THR C 35 -5.83 5.49 20.95
CA THR C 35 -4.99 5.85 19.81
C THR C 35 -5.78 6.11 18.51
N VAL C 36 -7.08 5.77 18.51
CA VAL C 36 -7.94 5.98 17.35
C VAL C 36 -8.94 7.09 17.64
N GLU C 37 -8.88 8.17 16.88
CA GLU C 37 -9.83 9.26 17.04
C GLU C 37 -11.21 8.90 16.47
N SER C 38 -12.25 9.08 17.29
CA SER C 38 -13.65 8.83 16.88
C SER C 38 -14.42 10.11 16.60
N THR C 39 -13.91 11.24 17.08
CA THR C 39 -14.66 12.47 17.08
C THR C 39 -14.01 13.49 16.15
N GLY C 40 -14.80 13.96 15.19
CA GLY C 40 -14.41 15.04 14.31
C GLY C 40 -15.23 16.27 14.64
N ILE C 41 -14.90 17.37 13.97
CA ILE C 41 -15.61 18.63 14.12
C ILE C 41 -16.50 18.79 12.90
N ASN C 42 -17.80 18.95 13.11
CA ASN C 42 -18.76 19.05 12.00
C ASN C 42 -18.84 20.47 11.40
N ARG C 43 -17.66 21.05 11.17
CA ARG C 43 -17.49 22.39 10.60
C ARG C 43 -16.19 22.40 9.81
N LEU C 44 -16.07 23.34 8.87
CA LEU C 44 -14.82 23.52 8.13
C LEU C 44 -13.97 24.57 8.83
N CYS C 45 -12.89 24.10 9.45
CA CYS C 45 -12.03 24.95 10.27
C CYS C 45 -11.05 25.71 9.40
N MET C 46 -11.36 26.98 9.13
CA MET C 46 -10.62 27.75 8.13
C MET C 46 -9.70 28.83 8.68
N LYS C 47 -9.47 28.85 10.00
CA LYS C 47 -8.57 29.85 10.56
C LYS C 47 -7.17 29.66 10.01
N GLY C 48 -6.52 30.76 9.65
CA GLY C 48 -5.18 30.71 9.06
C GLY C 48 -5.17 30.36 7.58
N ARG C 49 -6.35 30.17 6.97
CA ARG C 49 -6.43 29.81 5.55
C ARG C 49 -7.13 30.91 4.77
N LYS C 50 -6.47 31.38 3.71
CA LYS C 50 -7.13 32.24 2.75
C LYS C 50 -7.95 31.32 1.86
N HIS C 51 -9.24 31.22 2.17
CA HIS C 51 -10.09 30.21 1.55
C HIS C 51 -11.12 30.85 0.63
N LYS C 52 -11.61 30.07 -0.32
CA LYS C 52 -12.72 30.49 -1.19
C LYS C 52 -13.85 29.48 -1.06
N ASP C 53 -15.00 29.93 -0.59
CA ASP C 53 -16.19 29.09 -0.55
C ASP C 53 -16.95 29.32 -1.84
N LEU C 54 -16.98 28.31 -2.71
CA LEU C 54 -17.62 28.45 -4.01
C LEU C 54 -19.14 28.55 -3.93
N GLY C 55 -19.72 28.15 -2.80
CA GLY C 55 -21.17 28.22 -2.64
C GLY C 55 -21.86 27.35 -3.67
N ASN C 56 -22.79 27.93 -4.43
CA ASN C 56 -23.51 27.20 -5.47
C ASN C 56 -22.79 27.19 -6.84
N CYS C 57 -21.54 27.65 -6.87
CA CYS C 57 -20.71 27.65 -8.09
C CYS C 57 -19.83 26.40 -8.16
N HIS C 58 -19.96 25.64 -9.26
CA HIS C 58 -19.12 24.46 -9.45
C HIS C 58 -17.77 24.88 -10.04
N PRO C 59 -16.67 24.23 -9.61
CA PRO C 59 -15.35 24.64 -10.07
C PRO C 59 -15.19 24.85 -11.57
N ILE C 60 -15.76 23.94 -12.36
CA ILE C 60 -15.74 24.07 -13.80
C ILE C 60 -16.47 25.30 -14.31
N GLY C 61 -17.49 25.75 -13.59
CA GLY C 61 -18.18 27.00 -13.92
C GLY C 61 -17.30 28.25 -13.81
N MET C 62 -16.26 28.18 -13.00
CA MET C 62 -15.29 29.27 -12.90
C MET C 62 -14.58 29.53 -14.21
N LEU C 63 -14.27 28.47 -14.94
CA LEU C 63 -13.49 28.61 -16.16
C LEU C 63 -14.31 29.12 -17.34
N ILE C 64 -15.58 28.71 -17.40
CA ILE C 64 -16.44 29.08 -18.52
C ILE C 64 -17.32 30.29 -18.22
N GLY C 65 -17.59 30.53 -16.94
CA GLY C 65 -18.22 31.76 -16.51
C GLY C 65 -19.73 31.67 -16.42
N THR C 66 -20.22 30.64 -15.73
CA THR C 66 -21.64 30.50 -15.46
C THR C 66 -22.05 31.62 -14.52
N PRO C 67 -23.27 32.15 -14.67
CA PRO C 67 -23.73 33.22 -13.79
C PRO C 67 -23.50 32.98 -12.29
N ALA C 68 -23.77 31.76 -11.83
CA ALA C 68 -23.53 31.39 -10.43
C ALA C 68 -22.09 31.60 -9.97
N CYS C 69 -21.16 31.57 -10.93
CA CYS C 69 -19.73 31.73 -10.65
C CYS C 69 -19.21 33.15 -10.92
N ASP C 70 -20.10 34.12 -11.08
CA ASP C 70 -19.70 35.49 -11.42
C ASP C 70 -18.71 36.13 -10.43
N LEU C 71 -18.80 35.77 -9.15
CA LEU C 71 -17.89 36.29 -8.13
C LEU C 71 -16.66 35.40 -7.92
N HIS C 72 -16.49 34.39 -8.78
CA HIS C 72 -15.42 33.42 -8.67
C HIS C 72 -14.68 33.21 -9.99
N LEU C 73 -14.62 34.24 -10.83
CA LEU C 73 -13.97 34.13 -12.15
C LEU C 73 -12.45 34.22 -12.05
N THR C 74 -11.97 34.93 -11.03
CA THR C 74 -10.55 34.98 -10.70
C THR C 74 -10.39 34.99 -9.18
N GLY C 75 -9.17 34.79 -8.70
CA GLY C 75 -8.92 34.84 -7.27
C GLY C 75 -7.64 34.15 -6.87
N MET C 76 -7.33 34.27 -5.57
CA MET C 76 -6.22 33.59 -4.95
C MET C 76 -6.71 32.92 -3.69
N TRP C 77 -6.22 31.72 -3.45
CA TRP C 77 -6.62 30.95 -2.28
C TRP C 77 -5.59 29.85 -2.00
N ASP C 78 -5.51 29.44 -0.74
CA ASP C 78 -4.74 28.26 -0.37
C ASP C 78 -5.69 27.08 -0.11
N THR C 79 -7.00 27.34 -0.09
CA THR C 79 -8.01 26.33 0.19
C THR C 79 -9.29 26.64 -0.59
N LEU C 80 -9.78 25.66 -1.34
CA LEU C 80 -10.95 25.85 -2.20
C LEU C 80 -12.04 24.86 -1.82
N ILE C 81 -13.24 25.38 -1.58
CA ILE C 81 -14.34 24.60 -1.03
C ILE C 81 -15.47 24.45 -2.05
N GLU C 82 -15.77 23.19 -2.39
CA GLU C 82 -16.85 22.84 -3.31
C GLU C 82 -18.03 22.33 -2.50
N ARG C 83 -19.24 22.73 -2.90
CA ARG C 83 -20.46 22.31 -2.19
C ARG C 83 -21.29 21.40 -3.08
N GLU C 84 -22.14 20.61 -2.46
CA GLU C 84 -23.00 19.66 -3.17
C GLU C 84 -23.99 20.43 -4.05
N ASN C 85 -24.34 19.85 -5.20
CA ASN C 85 -25.28 20.45 -6.16
C ASN C 85 -24.87 21.82 -6.69
N ALA C 86 -23.58 22.10 -6.72
CA ALA C 86 -23.08 23.33 -7.30
C ALA C 86 -23.31 23.30 -8.81
N ILE C 87 -23.48 24.47 -9.41
CA ILE C 87 -23.85 24.58 -10.82
C ILE C 87 -22.64 24.86 -11.69
N ALA C 88 -22.46 24.04 -12.73
CA ALA C 88 -21.41 24.25 -13.72
C ALA C 88 -21.98 24.79 -15.03
N TYR C 89 -23.17 24.33 -15.41
CA TYR C 89 -23.77 24.66 -16.71
C TYR C 89 -25.12 25.34 -16.54
N CYS C 90 -25.33 26.44 -17.24
CA CYS C 90 -26.63 27.06 -17.32
C CYS C 90 -27.34 26.51 -18.56
N TYR C 91 -26.68 26.61 -19.70
CA TYR C 91 -27.11 25.93 -20.92
C TYR C 91 -26.61 24.48 -20.82
N PRO C 92 -27.51 23.50 -21.01
CA PRO C 92 -27.14 22.11 -20.75
C PRO C 92 -26.02 21.60 -21.65
N GLY C 93 -25.23 20.67 -21.13
CA GLY C 93 -24.10 20.12 -21.85
C GLY C 93 -23.24 19.29 -20.93
N ALA C 94 -22.06 18.91 -21.42
CA ALA C 94 -21.12 18.08 -20.68
C ALA C 94 -19.70 18.47 -21.08
N THR C 95 -18.73 18.11 -20.25
CA THR C 95 -17.34 18.42 -20.52
C THR C 95 -16.57 17.12 -20.64
N VAL C 96 -15.66 17.07 -21.61
CA VAL C 96 -14.79 15.91 -21.78
C VAL C 96 -13.67 15.95 -20.75
N ASN C 97 -13.39 14.78 -20.15
CA ASN C 97 -12.48 14.66 -19.03
C ASN C 97 -12.80 15.67 -17.93
N VAL C 98 -14.07 15.68 -17.56
CA VAL C 98 -14.56 16.63 -16.57
C VAL C 98 -13.90 16.44 -15.21
N GLU C 99 -13.68 15.19 -14.80
CA GLU C 99 -13.14 14.93 -13.46
C GLU C 99 -11.66 15.32 -13.35
N ALA C 100 -10.89 15.06 -14.40
CA ALA C 100 -9.50 15.51 -14.45
C ALA C 100 -9.43 17.03 -14.30
N LEU C 101 -10.30 17.73 -15.04
CA LEU C 101 -10.32 19.18 -15.01
C LEU C 101 -10.70 19.71 -13.63
N ARG C 102 -11.72 19.10 -13.03
CA ARG C 102 -12.15 19.50 -11.70
C ARG C 102 -11.00 19.33 -10.73
N GLN C 103 -10.29 18.21 -10.81
CA GLN C 103 -9.15 17.97 -9.92
C GLN C 103 -8.01 18.98 -10.11
N LYS C 104 -7.72 19.38 -11.35
CA LYS C 104 -6.75 20.45 -11.59
C LYS C 104 -7.13 21.72 -10.84
N ILE C 105 -8.40 22.11 -10.94
CA ILE C 105 -8.86 23.35 -10.34
C ILE C 105 -8.79 23.25 -8.83
N MET C 106 -9.26 22.13 -8.28
CA MET C 106 -9.27 21.91 -6.83
C MET C 106 -7.89 21.66 -6.22
N GLU C 107 -6.87 21.75 -7.05
CA GLU C 107 -5.49 21.52 -6.68
C GLU C 107 -4.73 22.84 -6.83
N SER C 108 -5.42 23.88 -7.27
CA SER C 108 -4.80 25.15 -7.61
C SER C 108 -4.83 26.10 -6.44
N GLY C 109 -4.01 27.14 -6.53
CA GLY C 109 -3.98 28.21 -5.55
C GLY C 109 -4.54 29.51 -6.09
N GLY C 110 -5.34 29.44 -7.14
CA GLY C 110 -5.94 30.65 -7.71
C GLY C 110 -6.10 30.55 -9.21
N ILE C 111 -6.89 31.47 -9.76
CA ILE C 111 -7.13 31.53 -11.19
C ILE C 111 -6.98 32.96 -11.67
N ASN C 112 -6.30 33.11 -12.81
CA ASN C 112 -6.29 34.36 -13.56
C ASN C 112 -6.88 34.12 -14.93
N LYS C 113 -7.34 35.21 -15.55
CA LYS C 113 -7.98 35.15 -16.87
C LYS C 113 -7.25 36.05 -17.83
N ILE C 114 -7.04 35.58 -19.06
CA ILE C 114 -6.35 36.35 -20.10
C ILE C 114 -7.20 36.37 -21.35
N SER C 115 -7.45 37.57 -21.89
CA SER C 115 -8.22 37.72 -23.12
C SER C 115 -7.56 37.04 -24.29
N THR C 116 -8.36 36.34 -25.07
CA THR C 116 -7.91 35.74 -26.32
C THR C 116 -7.69 36.81 -27.39
N GLY C 117 -8.45 37.90 -27.32
CA GLY C 117 -8.39 38.94 -28.32
C GLY C 117 -9.08 38.57 -29.63
N PHE C 118 -9.92 37.53 -29.60
CA PHE C 118 -10.58 37.06 -30.82
C PHE C 118 -11.56 38.10 -31.34
N THR C 119 -11.50 38.35 -32.65
CA THR C 119 -12.43 39.28 -33.29
C THR C 119 -13.07 38.57 -34.48
N TYR C 120 -14.23 39.08 -34.90
CA TYR C 120 -15.02 38.42 -35.93
C TYR C 120 -15.56 39.40 -36.95
N GLY C 121 -15.57 38.97 -38.22
CA GLY C 121 -16.06 39.79 -39.32
C GLY C 121 -17.54 40.09 -39.21
N SER C 122 -18.03 40.91 -40.14
CA SER C 122 -19.37 41.48 -40.03
C SER C 122 -20.50 40.48 -40.26
N SER C 123 -20.22 39.36 -40.93
CA SER C 123 -21.28 38.36 -41.17
C SER C 123 -21.43 37.36 -40.00
N ILE C 124 -20.63 37.53 -38.94
CA ILE C 124 -20.79 36.78 -37.72
C ILE C 124 -21.42 37.65 -36.64
N ASN C 125 -22.42 37.08 -35.95
CA ASN C 125 -22.93 37.66 -34.72
C ASN C 125 -22.32 36.90 -33.56
N SER C 126 -21.47 37.58 -32.79
CA SER C 126 -20.76 36.97 -31.67
C SER C 126 -21.44 37.20 -30.31
N ALA C 127 -22.67 37.71 -30.34
CA ALA C 127 -23.39 38.05 -29.13
C ALA C 127 -24.58 37.13 -28.86
N GLY C 128 -24.47 35.86 -29.23
CA GLY C 128 -25.54 34.90 -28.99
C GLY C 128 -25.82 34.77 -27.49
N THR C 129 -27.10 34.79 -27.14
CA THR C 129 -27.53 34.65 -25.74
C THR C 129 -28.63 33.60 -25.65
N THR C 130 -29.02 33.29 -24.43
CA THR C 130 -30.05 32.28 -24.20
C THR C 130 -30.74 32.51 -22.86
N ARG C 131 -32.00 32.10 -22.80
CA ARG C 131 -32.80 32.16 -21.59
C ARG C 131 -32.26 31.20 -20.52
N ALA C 132 -31.51 30.18 -20.94
CA ALA C 132 -30.89 29.26 -20.01
C ALA C 132 -29.83 29.92 -19.10
N CYS C 133 -29.17 30.98 -19.59
CA CYS C 133 -28.21 31.73 -18.78
C CYS C 133 -28.72 33.15 -18.55
N MET C 134 -29.49 33.32 -17.48
CA MET C 134 -30.00 34.65 -17.13
C MET C 134 -28.94 35.43 -16.37
N ARG C 135 -29.00 36.74 -16.51
CA ARG C 135 -28.12 37.65 -15.79
C ARG C 135 -28.78 39.04 -15.82
N ASN C 136 -29.12 39.58 -14.65
CA ASN C 136 -29.84 40.87 -14.55
C ASN C 136 -31.22 40.85 -15.21
N GLY C 137 -31.91 39.72 -15.08
CA GLY C 137 -33.23 39.55 -15.70
C GLY C 137 -33.24 39.60 -17.22
N GLY C 138 -32.09 39.29 -17.85
CA GLY C 138 -31.98 39.25 -19.31
C GLY C 138 -31.22 38.03 -19.80
N ASN C 139 -31.50 37.64 -21.04
CA ASN C 139 -30.79 36.52 -21.67
C ASN C 139 -29.31 36.86 -21.81
N SER C 140 -28.46 35.93 -21.40
CA SER C 140 -27.02 36.14 -21.37
C SER C 140 -26.30 34.88 -21.80
N PHE C 141 -25.02 34.80 -21.52
CA PHE C 141 -24.22 33.64 -21.88
C PHE C 141 -23.05 33.46 -20.93
N TYR C 142 -22.38 32.31 -21.02
CA TYR C 142 -21.16 32.07 -20.28
C TYR C 142 -20.25 33.29 -20.46
N ALA C 143 -19.77 33.84 -19.35
CA ALA C 143 -18.99 35.07 -19.36
C ALA C 143 -17.71 34.97 -20.18
N GLU C 144 -17.08 33.80 -20.16
CA GLU C 144 -15.76 33.61 -20.77
C GLU C 144 -15.83 33.04 -22.18
N LEU C 145 -17.04 32.89 -22.72
CA LEU C 145 -17.22 32.34 -24.05
C LEU C 145 -18.16 33.23 -24.88
N LYS C 146 -18.16 33.00 -26.19
CA LYS C 146 -19.05 33.70 -27.11
C LYS C 146 -19.73 32.73 -28.05
N TRP C 147 -21.05 32.84 -28.13
CA TRP C 147 -21.83 32.01 -29.02
C TRP C 147 -21.90 32.69 -30.40
N LEU C 148 -21.12 32.16 -31.33
CA LEU C 148 -21.04 32.72 -32.67
C LEU C 148 -22.12 32.10 -33.57
N VAL C 149 -22.91 32.96 -34.21
CA VAL C 149 -23.92 32.54 -35.20
C VAL C 149 -23.88 33.48 -36.40
N SER C 150 -24.45 33.03 -37.50
CA SER C 150 -24.56 33.87 -38.69
C SER C 150 -25.39 35.11 -38.38
N LYS C 151 -24.92 36.27 -38.82
CA LYS C 151 -25.63 37.53 -38.63
C LYS C 151 -26.98 37.51 -39.36
N SER C 152 -27.00 36.96 -40.57
CA SER C 152 -28.23 36.78 -41.32
C SER C 152 -28.75 35.36 -41.16
N LYS C 153 -29.95 35.23 -40.62
CA LYS C 153 -30.57 33.93 -40.39
C LYS C 153 -30.57 33.09 -41.66
N GLY C 154 -30.03 31.87 -41.57
CA GLY C 154 -30.03 30.95 -42.71
C GLY C 154 -28.78 31.00 -43.57
N GLN C 155 -28.06 32.12 -43.54
CA GLN C 155 -26.81 32.25 -44.31
C GLN C 155 -25.75 31.29 -43.80
N ASN C 156 -24.90 30.82 -44.70
CA ASN C 156 -23.73 30.03 -44.33
C ASN C 156 -22.75 30.86 -43.51
N PHE C 157 -22.42 30.35 -42.33
CA PHE C 157 -21.44 30.93 -41.44
C PHE C 157 -20.08 30.91 -42.16
N PRO C 158 -19.37 32.05 -42.17
CA PRO C 158 -18.14 32.12 -42.96
C PRO C 158 -17.01 31.26 -42.39
N GLN C 159 -16.14 30.78 -43.28
CA GLN C 159 -14.95 30.07 -42.84
C GLN C 159 -14.10 31.05 -42.04
N THR C 160 -13.79 30.67 -40.82
CA THR C 160 -13.19 31.60 -39.86
C THR C 160 -11.99 30.98 -39.15
N THR C 161 -10.97 31.81 -38.88
CA THR C 161 -9.75 31.39 -38.22
C THR C 161 -9.43 32.33 -37.07
N ASN C 162 -9.24 31.78 -35.89
CA ASN C 162 -8.88 32.54 -34.71
C ASN C 162 -7.73 31.84 -33.99
N THR C 163 -6.69 32.58 -33.64
CA THR C 163 -5.50 32.01 -33.04
C THR C 163 -5.17 32.70 -31.74
N TYR C 164 -5.11 31.94 -30.65
CA TYR C 164 -4.64 32.46 -29.38
C TYR C 164 -3.15 32.17 -29.27
N ARG C 165 -2.39 33.20 -28.90
CA ARG C 165 -0.95 33.09 -28.73
C ARG C 165 -0.64 33.28 -27.26
N ASN C 166 -0.10 32.25 -26.63
CA ASN C 166 0.33 32.36 -25.24
C ASN C 166 1.67 33.05 -25.20
N THR C 167 1.68 34.30 -24.74
CA THR C 167 2.91 35.08 -24.62
C THR C 167 3.39 35.16 -23.17
N ASP C 168 2.86 34.28 -22.33
CA ASP C 168 3.21 34.22 -20.92
C ASP C 168 4.35 33.23 -20.75
N THR C 169 4.89 33.14 -19.53
CA THR C 169 5.94 32.19 -19.19
C THR C 169 5.38 30.96 -18.50
N ALA C 170 4.05 30.85 -18.43
CA ALA C 170 3.40 29.68 -17.84
C ALA C 170 2.27 29.19 -18.75
N GLU C 171 1.96 27.91 -18.63
CA GLU C 171 0.91 27.29 -19.46
C GLU C 171 -0.47 27.86 -19.10
N HIS C 172 -1.32 27.98 -20.11
CA HIS C 172 -2.68 28.45 -19.94
C HIS C 172 -3.66 27.36 -20.30
N LEU C 173 -4.81 27.36 -19.63
CA LEU C 173 -5.85 26.39 -19.86
C LEU C 173 -6.95 27.04 -20.67
N ILE C 174 -7.15 26.53 -21.87
CA ILE C 174 -8.15 27.09 -22.80
C ILE C 174 -9.34 26.14 -22.91
N MET C 175 -10.53 26.69 -22.75
CA MET C 175 -11.77 25.93 -22.91
C MET C 175 -12.58 26.48 -24.06
N TRP C 176 -13.29 25.59 -24.76
CA TRP C 176 -14.24 26.00 -25.78
C TRP C 176 -15.40 25.04 -25.82
N GLY C 177 -16.45 25.43 -26.53
CA GLY C 177 -17.64 24.61 -26.66
C GLY C 177 -17.99 24.31 -28.10
N ILE C 178 -18.79 23.26 -28.28
CA ILE C 178 -19.35 22.90 -29.56
C ILE C 178 -20.85 22.80 -29.38
N HIS C 179 -21.60 23.54 -30.18
CA HIS C 179 -23.05 23.54 -30.08
C HIS C 179 -23.63 22.41 -30.92
N HIS C 180 -24.50 21.60 -30.31
CA HIS C 180 -25.18 20.52 -31.00
C HIS C 180 -26.67 20.83 -31.03
N PRO C 181 -27.17 21.31 -32.19
CA PRO C 181 -28.58 21.73 -32.33
C PRO C 181 -29.59 20.60 -32.16
N SER C 182 -30.85 20.97 -31.91
CA SER C 182 -31.93 20.01 -31.64
C SER C 182 -32.72 19.63 -32.89
N SER C 183 -32.54 20.37 -33.98
CA SER C 183 -33.21 20.09 -35.25
C SER C 183 -32.42 20.67 -36.42
N THR C 184 -32.66 20.14 -37.61
CA THR C 184 -31.98 20.61 -38.81
C THR C 184 -32.37 22.05 -39.14
N GLN C 185 -33.62 22.39 -38.89
CA GLN C 185 -34.10 23.75 -39.10
C GLN C 185 -33.28 24.73 -38.26
N GLU C 186 -33.09 24.38 -36.99
CA GLU C 186 -32.33 25.22 -36.05
C GLU C 186 -30.88 25.39 -36.48
N LYS C 187 -30.25 24.28 -36.85
CA LYS C 187 -28.88 24.30 -37.35
C LYS C 187 -28.75 25.18 -38.59
N ASN C 188 -29.68 25.04 -39.52
CA ASN C 188 -29.69 25.88 -40.72
C ASN C 188 -29.87 27.36 -40.40
N ASP C 189 -30.78 27.69 -39.48
CA ASP C 189 -31.00 29.07 -39.06
C ASP C 189 -29.72 29.71 -38.54
N LEU C 190 -29.02 28.99 -37.68
CA LEU C 190 -27.87 29.51 -36.95
C LEU C 190 -26.60 29.55 -37.78
N TYR C 191 -26.34 28.50 -38.56
CA TYR C 191 -25.05 28.32 -39.26
C TYR C 191 -25.13 28.06 -40.78
N GLY C 192 -26.34 27.97 -41.32
CA GLY C 192 -26.53 27.66 -42.74
C GLY C 192 -26.54 26.17 -43.05
N THR C 193 -26.70 25.86 -44.33
CA THR C 193 -26.89 24.47 -44.79
C THR C 193 -25.58 23.71 -45.08
N GLN C 194 -24.46 24.43 -45.16
CA GLN C 194 -23.16 23.82 -45.37
C GLN C 194 -22.85 22.75 -44.32
N SER C 195 -21.93 21.84 -44.65
CA SER C 195 -21.45 20.87 -43.66
C SER C 195 -20.47 21.56 -42.70
N LEU C 196 -20.70 21.35 -41.41
CA LEU C 196 -20.00 22.10 -40.36
C LEU C 196 -18.84 21.33 -39.78
N SER C 197 -17.77 22.05 -39.46
CA SER C 197 -16.53 21.45 -38.99
C SER C 197 -15.74 22.46 -38.15
N ILE C 198 -15.29 22.03 -36.97
CA ILE C 198 -14.44 22.85 -36.11
C ILE C 198 -13.15 22.11 -35.85
N SER C 199 -12.04 22.69 -36.30
CA SER C 199 -10.73 22.10 -36.11
C SER C 199 -9.94 22.97 -35.13
N VAL C 200 -9.21 22.32 -34.23
CA VAL C 200 -8.42 23.01 -33.23
C VAL C 200 -7.01 22.46 -33.28
N GLY C 201 -6.02 23.35 -33.32
CA GLY C 201 -4.65 22.92 -33.51
C GLY C 201 -3.60 23.84 -32.92
N SER C 202 -2.76 23.29 -32.05
CA SER C 202 -1.56 23.94 -31.58
C SER C 202 -0.38 23.13 -32.10
N SER C 203 0.83 23.33 -31.57
CA SER C 203 1.93 22.43 -31.91
C SER C 203 1.90 21.12 -31.08
N THR C 204 1.11 21.07 -30.01
CA THR C 204 0.97 19.86 -29.18
C THR C 204 -0.41 19.17 -29.33
N TYR C 205 -1.44 19.92 -29.71
CA TYR C 205 -2.82 19.42 -29.69
C TYR C 205 -3.41 19.49 -31.11
N ARG C 206 -4.14 18.45 -31.49
CA ARG C 206 -4.96 18.50 -32.71
C ARG C 206 -6.25 17.74 -32.48
N ASN C 207 -7.36 18.37 -32.83
CA ASN C 207 -8.64 17.70 -32.71
C ASN C 207 -9.68 18.36 -33.60
N ASN C 208 -10.80 17.67 -33.81
CA ASN C 208 -11.83 18.16 -34.70
C ASN C 208 -13.19 17.76 -34.19
N PHE C 209 -14.16 18.62 -34.41
CA PHE C 209 -15.49 18.43 -33.85
C PHE C 209 -16.53 18.72 -34.92
N VAL C 210 -17.66 18.04 -34.83
CA VAL C 210 -18.75 18.23 -35.78
C VAL C 210 -20.05 18.38 -35.00
N PRO C 211 -20.72 19.54 -35.13
CA PRO C 211 -22.04 19.70 -34.57
C PRO C 211 -22.98 18.65 -35.12
N VAL C 212 -23.86 18.13 -34.28
CA VAL C 212 -24.73 17.01 -34.63
C VAL C 212 -26.15 17.30 -34.17
N VAL C 213 -27.07 17.26 -35.11
CA VAL C 213 -28.49 17.44 -34.85
C VAL C 213 -29.06 16.17 -34.24
N GLY C 214 -29.90 16.33 -33.22
CA GLY C 214 -30.56 15.19 -32.60
C GLY C 214 -31.67 15.62 -31.66
N ALA C 215 -32.76 14.86 -31.64
CA ALA C 215 -33.86 15.11 -30.72
C ALA C 215 -33.46 14.70 -29.30
N ARG C 216 -33.80 15.53 -28.33
CA ARG C 216 -33.36 15.35 -26.95
C ARG C 216 -34.35 15.98 -25.98
N PRO C 217 -34.44 15.44 -24.75
CA PRO C 217 -35.21 16.11 -23.72
C PRO C 217 -34.72 17.53 -23.43
N GLN C 218 -35.64 18.39 -23.02
CA GLN C 218 -35.27 19.73 -22.61
C GLN C 218 -34.61 19.70 -21.24
N VAL C 219 -33.53 20.46 -21.10
CA VAL C 219 -32.92 20.73 -19.80
C VAL C 219 -32.78 22.24 -19.70
N ASN C 220 -33.35 22.82 -18.63
CA ASN C 220 -33.52 24.27 -18.51
C ASN C 220 -34.14 24.87 -19.75
N GLY C 221 -35.18 24.20 -20.25
CA GLY C 221 -35.90 24.66 -21.44
C GLY C 221 -35.17 24.52 -22.77
N GLN C 222 -34.09 23.76 -22.80
CA GLN C 222 -33.26 23.66 -24.00
C GLN C 222 -33.06 22.21 -24.46
N SER C 223 -33.45 21.93 -25.70
CA SER C 223 -33.14 20.65 -26.33
C SER C 223 -31.74 20.65 -26.93
N GLY C 224 -31.21 21.84 -27.18
CA GLY C 224 -29.82 21.97 -27.64
C GLY C 224 -28.83 21.60 -26.56
N ARG C 225 -27.59 21.36 -26.97
CA ARG C 225 -26.51 21.07 -26.04
C ARG C 225 -25.26 21.81 -26.46
N ILE C 226 -24.42 22.14 -25.49
CA ILE C 226 -23.07 22.65 -25.72
C ILE C 226 -22.08 21.76 -24.96
N ASP C 227 -21.33 20.95 -25.68
CA ASP C 227 -20.31 20.11 -25.08
C ASP C 227 -19.00 20.90 -24.99
N PHE C 228 -18.32 20.80 -23.85
CA PHE C 228 -17.09 21.55 -23.61
C PHE C 228 -15.83 20.71 -23.73
N HIS C 229 -14.79 21.34 -24.26
CA HIS C 229 -13.48 20.72 -24.41
C HIS C 229 -12.40 21.67 -23.93
N TRP C 230 -11.26 21.10 -23.57
CA TRP C 230 -10.17 21.88 -23.03
C TRP C 230 -8.81 21.25 -23.34
N THR C 231 -7.78 22.09 -23.34
CA THR C 231 -6.39 21.62 -23.37
C THR C 231 -5.49 22.70 -22.78
N LEU C 232 -4.20 22.38 -22.72
CA LEU C 232 -3.21 23.31 -22.20
C LEU C 232 -2.39 23.87 -23.34
N VAL C 233 -2.21 25.19 -23.35
CA VAL C 233 -1.38 25.86 -24.32
C VAL C 233 -0.06 26.21 -23.62
N GLN C 234 1.05 25.73 -24.16
CA GLN C 234 2.35 25.97 -23.56
C GLN C 234 2.85 27.40 -23.82
N PRO C 235 3.80 27.87 -23.00
CA PRO C 235 4.35 29.20 -23.21
C PRO C 235 4.96 29.31 -24.60
N GLY C 236 4.65 30.41 -25.30
CA GLY C 236 5.19 30.64 -26.63
C GLY C 236 4.46 29.92 -27.76
N ASP C 237 3.44 29.14 -27.41
CA ASP C 237 2.73 28.38 -28.42
C ASP C 237 1.45 29.08 -28.84
N ASN C 238 1.01 28.77 -30.05
CA ASN C 238 -0.22 29.30 -30.61
C ASN C 238 -1.20 28.17 -30.75
N ILE C 239 -2.48 28.44 -30.52
CA ILE C 239 -3.52 27.45 -30.76
C ILE C 239 -4.57 28.07 -31.66
N THR C 240 -4.92 27.37 -32.74
CA THR C 240 -5.72 27.93 -33.81
C THR C 240 -7.05 27.21 -33.98
N PHE C 241 -8.13 27.98 -33.91
CA PHE C 241 -9.48 27.49 -34.17
C PHE C 241 -9.87 27.77 -35.61
N SER C 242 -10.25 26.73 -36.32
CA SER C 242 -10.61 26.80 -37.75
C SER C 242 -12.03 26.26 -37.86
N HIS C 243 -12.98 27.15 -38.15
CA HIS C 243 -14.39 26.82 -37.95
C HIS C 243 -15.32 27.53 -38.92
N ASN C 244 -16.47 26.92 -39.18
CA ASN C 244 -17.49 27.50 -40.05
C ASN C 244 -18.90 27.30 -39.49
N GLY C 245 -19.00 27.31 -38.17
CA GLY C 245 -20.28 27.28 -37.47
C GLY C 245 -20.37 26.17 -36.45
N GLY C 246 -20.80 26.52 -35.23
CA GLY C 246 -20.94 25.55 -34.14
C GLY C 246 -19.96 25.76 -33.00
N LEU C 247 -18.89 26.50 -33.27
CA LEU C 247 -17.91 26.82 -32.23
C LEU C 247 -18.49 27.80 -31.23
N ILE C 248 -18.34 27.46 -29.95
CA ILE C 248 -18.54 28.38 -28.84
C ILE C 248 -17.14 28.79 -28.43
N ALA C 249 -16.72 29.98 -28.87
CA ALA C 249 -15.31 30.40 -28.79
C ALA C 249 -14.95 31.02 -27.46
N PRO C 250 -13.69 30.89 -27.03
CA PRO C 250 -13.24 31.53 -25.80
C PRO C 250 -12.92 33.00 -25.98
N SER C 251 -13.49 33.85 -25.14
CA SER C 251 -13.08 35.24 -25.10
C SER C 251 -11.94 35.42 -24.10
N ARG C 252 -11.85 34.52 -23.11
CA ARG C 252 -10.72 34.50 -22.18
C ARG C 252 -10.27 33.08 -21.90
N VAL C 253 -8.98 32.90 -21.65
CA VAL C 253 -8.43 31.63 -21.20
C VAL C 253 -8.11 31.73 -19.71
N SER C 254 -7.83 30.59 -19.10
CA SER C 254 -7.54 30.54 -17.67
C SER C 254 -6.08 30.20 -17.39
N LYS C 255 -5.64 30.54 -16.20
CA LYS C 255 -4.30 30.23 -15.75
C LYS C 255 -4.38 29.81 -14.29
N LEU C 256 -4.09 28.54 -14.03
CA LEU C 256 -4.09 28.02 -12.68
C LEU C 256 -2.78 28.38 -12.03
N ILE C 257 -2.85 29.01 -10.85
CA ILE C 257 -1.67 29.56 -10.19
C ILE C 257 -1.44 28.84 -8.87
N GLY C 258 -0.19 28.43 -8.64
CA GLY C 258 0.22 27.85 -7.38
C GLY C 258 -0.51 26.57 -6.99
N ARG C 259 -0.52 26.30 -5.69
CA ARG C 259 -1.13 25.11 -5.12
C ARG C 259 -2.14 25.51 -4.07
N GLY C 260 -3.16 24.68 -3.93
CA GLY C 260 -4.15 24.86 -2.88
C GLY C 260 -4.82 23.55 -2.56
N LEU C 261 -5.49 23.50 -1.43
CA LEU C 261 -6.15 22.28 -0.98
C LEU C 261 -7.63 22.32 -1.33
N GLY C 262 -8.12 21.29 -2.03
CA GLY C 262 -9.51 21.23 -2.44
C GLY C 262 -10.35 20.38 -1.50
N ILE C 263 -11.48 20.94 -1.07
CA ILE C 263 -12.36 20.27 -0.11
C ILE C 263 -13.78 20.17 -0.67
N GLN C 264 -14.37 18.98 -0.58
CA GLN C 264 -15.77 18.79 -0.88
C GLN C 264 -16.51 18.50 0.41
N SER C 265 -17.34 19.46 0.83
CA SER C 265 -18.08 19.33 2.08
C SER C 265 -19.16 20.39 2.16
N ASP C 266 -20.29 20.05 2.79
CA ASP C 266 -21.35 21.02 3.02
C ASP C 266 -21.31 21.57 4.45
N ALA C 267 -20.30 21.19 5.22
CA ALA C 267 -20.18 21.67 6.59
C ALA C 267 -19.95 23.18 6.62
N PRO C 268 -20.53 23.86 7.62
CA PRO C 268 -20.38 25.32 7.70
C PRO C 268 -18.97 25.75 8.10
N ILE C 269 -18.53 26.87 7.56
CA ILE C 269 -17.21 27.41 7.83
C ILE C 269 -17.15 27.95 9.25
N ASP C 270 -16.05 27.66 9.93
CA ASP C 270 -15.74 28.27 11.21
C ASP C 270 -14.36 28.89 11.08
N ASN C 271 -14.32 30.22 11.13
CA ASN C 271 -13.05 30.95 11.02
C ASN C 271 -12.24 31.06 12.31
N ASN C 272 -12.67 30.35 13.36
CA ASN C 272 -11.97 30.41 14.65
C ASN C 272 -11.18 29.15 15.00
N CYS C 273 -11.59 27.97 14.52
CA CYS C 273 -10.74 26.78 14.65
C CYS C 273 -9.85 26.66 13.42
N GLU C 274 -8.68 26.07 13.59
CA GLU C 274 -7.81 25.75 12.48
C GLU C 274 -7.63 24.24 12.41
N SER C 275 -7.30 23.74 11.23
CA SER C 275 -7.19 22.31 11.00
C SER C 275 -6.33 22.02 9.78
N LYS C 276 -5.81 20.80 9.71
CA LYS C 276 -5.04 20.34 8.56
C LYS C 276 -5.70 19.19 7.82
N CYS C 277 -6.82 18.72 8.36
CA CYS C 277 -7.46 17.52 7.85
C CYS C 277 -8.94 17.76 7.68
N PHE C 278 -9.48 17.39 6.51
CA PHE C 278 -10.88 17.63 6.20
C PHE C 278 -11.51 16.43 5.52
N TRP C 279 -12.83 16.33 5.62
CA TRP C 279 -13.58 15.31 4.92
C TRP C 279 -14.98 15.84 4.63
N ARG C 280 -15.83 15.01 4.05
CA ARG C 280 -17.20 15.39 3.75
C ARG C 280 -17.91 16.03 4.96
N GLY C 281 -17.71 15.43 6.14
CA GLY C 281 -18.39 15.84 7.37
C GLY C 281 -17.82 17.03 8.12
N GLY C 282 -16.62 17.48 7.75
CA GLY C 282 -16.02 18.65 8.38
C GLY C 282 -14.52 18.53 8.54
N SER C 283 -14.02 18.76 9.76
CA SER C 283 -12.59 18.78 10.04
C SER C 283 -12.20 17.75 11.10
N ILE C 284 -10.91 17.41 11.12
CA ILE C 284 -10.37 16.48 12.11
C ILE C 284 -9.14 17.08 12.77
N ASN C 285 -9.29 17.50 14.03
CA ASN C 285 -8.19 18.01 14.83
C ASN C 285 -7.87 17.03 15.92
N THR C 286 -6.77 16.29 15.76
CA THR C 286 -6.40 15.32 16.76
C THR C 286 -4.91 15.08 16.73
N ARG C 287 -4.37 14.78 17.91
CA ARG C 287 -2.97 14.42 18.06
C ARG C 287 -2.79 12.93 17.80
N LEU C 288 -3.89 12.18 17.85
CA LEU C 288 -3.84 10.72 17.68
C LEU C 288 -3.42 10.34 16.27
N PRO C 289 -2.64 9.26 16.15
CA PRO C 289 -2.13 8.85 14.84
C PRO C 289 -3.16 8.14 13.94
N PHE C 290 -4.27 7.67 14.50
CA PHE C 290 -5.28 6.95 13.73
C PHE C 290 -6.66 7.60 13.90
N GLN C 291 -7.58 7.26 12.98
CA GLN C 291 -8.96 7.70 13.09
C GLN C 291 -9.90 6.74 12.39
N ASN C 292 -11.14 6.68 12.85
CA ASN C 292 -12.15 5.79 12.26
C ASN C 292 -13.37 6.57 11.73
N LEU C 293 -13.17 7.85 11.44
CA LEU C 293 -14.24 8.69 10.89
C LEU C 293 -14.50 8.43 9.42
N SER C 294 -13.45 8.41 8.61
CA SER C 294 -13.63 8.22 7.17
C SER C 294 -12.33 7.85 6.44
N PRO C 295 -12.43 6.97 5.45
CA PRO C 295 -11.29 6.68 4.58
C PRO C 295 -11.11 7.71 3.47
N ARG C 296 -12.07 8.63 3.32
CA ARG C 296 -11.97 9.69 2.31
C ARG C 296 -11.72 11.00 3.02
N THR C 297 -10.44 11.34 3.22
CA THR C 297 -10.07 12.61 3.83
C THR C 297 -9.10 13.33 2.92
N VAL C 298 -8.89 14.63 3.17
CA VAL C 298 -7.89 15.41 2.46
C VAL C 298 -7.02 16.19 3.43
N GLY C 299 -5.79 16.47 3.02
CA GLY C 299 -4.84 17.22 3.83
C GLY C 299 -3.88 16.32 4.56
N GLN C 300 -3.45 16.77 5.75
CA GLN C 300 -2.53 16.00 6.60
C GLN C 300 -3.34 15.35 7.70
N CYS C 301 -3.58 14.06 7.55
CA CYS C 301 -4.57 13.36 8.35
C CYS C 301 -4.00 12.18 9.11
N PRO C 302 -4.65 11.79 10.21
CA PRO C 302 -4.37 10.49 10.78
C PRO C 302 -4.84 9.38 9.84
N LYS C 303 -4.22 8.23 9.94
CA LYS C 303 -4.52 7.13 9.04
C LYS C 303 -5.80 6.44 9.47
N TYR C 304 -6.61 6.09 8.48
CA TYR C 304 -7.90 5.46 8.74
C TYR C 304 -7.72 4.00 9.08
N VAL C 305 -8.40 3.54 10.12
CA VAL C 305 -8.38 2.13 10.51
C VAL C 305 -9.80 1.66 10.84
N ASN C 306 -10.13 0.41 10.50
CA ASN C 306 -11.44 -0.16 10.84
C ASN C 306 -11.53 -0.62 12.28
N ARG C 307 -11.32 0.25 13.25
CA ARG C 307 -11.44 -0.14 14.65
C ARG C 307 -12.13 0.97 15.44
N ARG C 308 -13.08 0.60 16.29
CA ARG C 308 -13.71 1.55 17.19
C ARG C 308 -12.68 2.11 18.18
N SER C 309 -11.80 1.25 18.68
CA SER C 309 -10.87 1.62 19.74
C SER C 309 -9.63 0.73 19.76
N LEU C 310 -8.47 1.33 20.02
CA LEU C 310 -7.23 0.60 20.27
C LEU C 310 -6.48 1.25 21.41
N MET C 311 -6.59 0.66 22.59
CA MET C 311 -6.10 1.27 23.81
C MET C 311 -4.62 0.98 24.03
N LEU C 312 -3.86 2.04 24.31
CA LEU C 312 -2.43 1.95 24.56
C LEU C 312 -2.22 2.04 26.05
N ALA C 313 -1.56 1.04 26.62
CA ALA C 313 -1.31 1.00 28.06
C ALA C 313 -0.38 2.12 28.48
N THR C 314 -0.71 2.78 29.59
CA THR C 314 0.10 3.85 30.14
C THR C 314 0.45 3.53 31.59
N GLY C 315 0.48 2.23 31.91
CA GLY C 315 0.75 1.78 33.25
C GLY C 315 0.98 0.29 33.32
N MET C 316 1.32 -0.20 34.51
CA MET C 316 1.62 -1.59 34.75
C MET C 316 0.37 -2.47 34.78
N ARG C 317 0.55 -3.78 34.79
CA ARG C 317 -0.52 -4.72 35.09
C ARG C 317 -1.23 -4.32 36.39
N ASN C 318 -2.56 -4.29 36.36
CA ASN C 318 -3.32 -4.01 37.56
C ASN C 318 -3.57 -5.31 38.32
N VAL C 319 -3.18 -5.36 39.59
CA VAL C 319 -3.35 -6.54 40.43
C VAL C 319 -4.02 -6.13 41.74
N PRO C 320 -5.36 -6.05 41.75
CA PRO C 320 -6.06 -5.52 42.91
C PRO C 320 -6.04 -6.44 44.12
N GLU C 321 -6.48 -5.92 45.27
CA GLU C 321 -6.43 -6.64 46.55
C GLU C 321 -7.78 -7.26 46.95
N GLY D 1 4.74 -12.82 34.85
CA GLY D 1 5.30 -11.90 33.80
C GLY D 1 6.78 -12.13 33.57
N LEU D 2 7.33 -11.43 32.57
CA LEU D 2 8.72 -11.62 32.15
C LEU D 2 9.74 -11.57 33.28
N PHE D 3 9.55 -10.65 34.22
CA PHE D 3 10.53 -10.44 35.29
C PHE D 3 10.11 -11.00 36.64
N GLY D 4 8.93 -11.62 36.68
CA GLY D 4 8.53 -12.47 37.80
C GLY D 4 8.02 -11.78 39.03
N ALA D 5 7.95 -10.45 39.02
CA ALA D 5 7.57 -9.68 40.22
C ALA D 5 6.11 -9.26 40.20
N ILE D 6 5.76 -8.35 39.30
CA ILE D 6 4.39 -7.86 39.20
C ILE D 6 3.51 -8.95 38.62
N ALA D 7 2.42 -9.25 39.32
CA ALA D 7 1.59 -10.44 39.04
C ALA D 7 2.45 -11.70 39.05
N GLY D 8 3.47 -11.72 39.90
CA GLY D 8 4.41 -12.83 40.00
C GLY D 8 4.56 -13.20 41.46
N PHE D 9 5.79 -13.11 41.98
CA PHE D 9 6.03 -13.42 43.40
C PHE D 9 5.47 -12.36 44.35
N LEU D 10 5.12 -11.19 43.82
CA LEU D 10 4.31 -10.24 44.57
C LEU D 10 2.85 -10.59 44.35
N GLU D 11 2.15 -10.93 45.44
CA GLU D 11 0.80 -11.47 45.35
C GLU D 11 -0.20 -10.45 44.81
N ASN D 12 -0.03 -9.17 45.15
CA ASN D 12 -0.91 -8.13 44.64
C ASN D 12 -0.29 -6.74 44.76
N GLY D 13 -0.95 -5.76 44.14
CA GLY D 13 -0.53 -4.38 44.23
C GLY D 13 -1.12 -3.72 45.45
N TRP D 14 -0.70 -2.49 45.72
CA TRP D 14 -1.18 -1.73 46.88
C TRP D 14 -2.03 -0.57 46.41
N GLU D 15 -3.35 -0.72 46.55
CA GLU D 15 -4.27 0.32 46.17
C GLU D 15 -4.09 1.56 47.04
N GLY D 16 -3.62 1.34 48.26
CA GLY D 16 -3.35 2.43 49.20
C GLY D 16 -2.10 3.24 48.89
N MET D 17 -1.29 2.82 47.92
CA MET D 17 -0.13 3.60 47.52
C MET D 17 -0.49 4.52 46.36
N VAL D 18 -0.81 5.77 46.69
CA VAL D 18 -1.29 6.72 45.70
C VAL D 18 -0.26 7.79 45.33
N ASP D 19 0.89 7.81 46.01
CA ASP D 19 1.90 8.84 45.75
C ASP D 19 3.11 8.30 45.00
N GLY D 20 2.96 7.13 44.39
CA GLY D 20 4.05 6.52 43.64
C GLY D 20 3.61 5.21 43.02
N TRP D 21 4.41 4.69 42.10
CA TRP D 21 4.14 3.43 41.42
C TRP D 21 4.76 2.24 42.15
N TYR D 22 5.89 2.50 42.80
CA TYR D 22 6.64 1.49 43.54
C TYR D 22 6.99 2.08 44.90
N GLY D 23 7.20 1.21 45.88
CA GLY D 23 7.53 1.67 47.23
C GLY D 23 7.71 0.59 48.26
N PHE D 24 7.68 1.01 49.52
CA PHE D 24 8.02 0.16 50.64
C PHE D 24 6.94 0.20 51.71
N ARG D 25 6.72 -0.95 52.34
CA ARG D 25 6.03 -0.99 53.62
C ARG D 25 6.96 -1.62 54.63
N HIS D 26 6.91 -1.16 55.87
CA HIS D 26 7.78 -1.71 56.90
C HIS D 26 7.06 -2.00 58.20
N GLN D 27 7.70 -2.82 59.03
CA GLN D 27 7.24 -3.09 60.37
C GLN D 27 8.44 -3.12 61.30
N ASN D 28 8.34 -2.38 62.40
CA ASN D 28 9.36 -2.43 63.46
C ASN D 28 8.72 -2.24 64.84
N ALA D 29 9.54 -2.06 65.87
CA ALA D 29 9.03 -1.82 67.22
C ALA D 29 8.13 -0.60 67.28
N GLN D 30 8.45 0.43 66.53
CA GLN D 30 7.67 1.67 66.53
C GLN D 30 6.33 1.56 65.82
N GLY D 31 6.20 0.58 64.92
CA GLY D 31 4.95 0.37 64.20
C GLY D 31 5.19 0.05 62.74
N THR D 32 4.24 0.44 61.89
CA THR D 32 4.32 0.20 60.46
C THR D 32 4.28 1.53 59.74
N GLY D 33 4.61 1.49 58.46
CA GLY D 33 4.58 2.69 57.63
C GLY D 33 4.70 2.36 56.17
N GLN D 34 4.45 3.35 55.33
CA GLN D 34 4.53 3.19 53.87
C GLN D 34 5.22 4.39 53.27
N ALA D 35 5.97 4.17 52.19
CA ALA D 35 6.58 5.27 51.46
C ALA D 35 6.87 4.86 50.03
N ALA D 36 6.67 5.80 49.11
CA ALA D 36 6.91 5.56 47.69
C ALA D 36 8.39 5.72 47.36
N ASP D 37 8.84 5.04 46.31
CA ASP D 37 10.19 5.21 45.80
C ASP D 37 10.13 6.07 44.55
N TYR D 38 10.78 7.23 44.62
CA TYR D 38 10.72 8.22 43.55
C TYR D 38 11.41 7.77 42.28
N LYS D 39 12.62 7.24 42.40
CA LYS D 39 13.46 6.93 41.25
C LYS D 39 12.89 5.87 40.33
N SER D 40 12.47 4.76 40.92
CA SER D 40 11.86 3.68 40.15
C SER D 40 10.55 4.14 39.51
N THR D 41 9.76 4.91 40.26
CA THR D 41 8.53 5.49 39.74
C THR D 41 8.78 6.39 38.53
N GLN D 42 9.79 7.26 38.63
CA GLN D 42 10.13 8.15 37.52
C GLN D 42 10.69 7.42 36.32
N ALA D 43 11.48 6.38 36.56
CA ALA D 43 12.03 5.56 35.48
C ALA D 43 10.90 4.98 34.65
N ALA D 44 9.91 4.39 35.33
CA ALA D 44 8.76 3.83 34.64
C ALA D 44 8.01 4.93 33.88
N ILE D 45 7.66 6.01 34.59
CA ILE D 45 6.84 7.07 34.01
C ILE D 45 7.53 7.76 32.81
N ASP D 46 8.81 8.01 32.92
CA ASP D 46 9.54 8.68 31.83
C ASP D 46 9.54 7.85 30.55
N GLN D 47 9.65 6.53 30.69
CA GLN D 47 9.60 5.64 29.54
C GLN D 47 8.21 5.62 28.90
N ILE D 48 7.16 5.64 29.71
CA ILE D 48 5.80 5.73 29.17
C ILE D 48 5.61 7.08 28.46
N THR D 49 6.07 8.14 29.10
CA THR D 49 5.93 9.49 28.54
C THR D 49 6.66 9.62 27.21
N GLY D 50 7.87 9.08 27.14
CA GLY D 50 8.67 9.14 25.93
C GLY D 50 8.04 8.38 24.78
N LYS D 51 7.40 7.27 25.12
CA LYS D 51 6.63 6.47 24.18
C LYS D 51 5.43 7.24 23.62
N LEU D 52 4.70 7.92 24.49
CA LEU D 52 3.55 8.71 24.08
C LEU D 52 3.92 9.87 23.15
N ASN D 53 5.04 10.54 23.44
CA ASN D 53 5.50 11.62 22.59
C ASN D 53 5.93 11.15 21.21
N ARG D 54 6.45 9.92 21.12
CA ARG D 54 6.82 9.34 19.83
C ARG D 54 5.60 9.11 18.97
N LEU D 55 4.47 8.79 19.61
CA LEU D 55 3.21 8.49 18.91
C LEU D 55 2.48 9.69 18.34
N VAL D 56 2.81 10.90 18.78
CA VAL D 56 2.16 12.10 18.25
C VAL D 56 2.85 12.59 16.98
N GLU D 57 4.09 12.13 16.76
CA GLU D 57 4.87 12.48 15.56
C GLU D 57 4.07 12.14 14.33
N LYS D 58 3.59 13.14 13.59
CA LYS D 58 2.65 12.91 12.50
C LYS D 58 3.28 13.07 11.11
N THR D 59 2.60 12.53 10.10
CA THR D 59 2.96 12.70 8.70
C THR D 59 2.80 14.17 8.32
N ASN D 60 3.68 14.62 7.44
CA ASN D 60 3.56 15.94 6.86
C ASN D 60 3.14 15.83 5.40
N THR D 61 2.64 14.66 5.04
CA THR D 61 2.23 14.40 3.67
C THR D 61 0.82 14.94 3.44
N GLU D 62 0.71 15.89 2.51
CA GLU D 62 -0.56 16.45 2.10
C GLU D 62 -1.17 15.51 1.07
N PHE D 63 -2.39 15.05 1.31
CA PHE D 63 -3.12 14.22 0.33
C PHE D 63 -4.26 15.00 -0.31
N GLU D 64 -4.45 14.79 -1.61
CA GLU D 64 -5.59 15.35 -2.34
C GLU D 64 -6.69 14.31 -2.39
N SER D 65 -7.91 14.73 -2.71
CA SER D 65 -8.99 13.78 -2.97
C SER D 65 -8.80 13.16 -4.34
N ILE D 66 -9.09 11.87 -4.46
CA ILE D 66 -9.16 11.21 -5.78
C ILE D 66 -10.53 10.58 -6.01
N GLU D 67 -11.47 10.87 -5.12
CA GLU D 67 -12.84 10.41 -5.23
C GLU D 67 -13.79 11.57 -5.02
N SER D 68 -14.52 11.93 -6.06
CA SER D 68 -15.47 13.03 -5.96
C SER D 68 -16.63 12.63 -5.09
N GLU D 69 -16.95 13.46 -4.11
CA GLU D 69 -18.09 13.24 -3.23
C GLU D 69 -19.39 13.60 -3.94
N PHE D 70 -19.33 14.55 -4.87
CA PHE D 70 -20.54 15.14 -5.42
C PHE D 70 -20.79 14.85 -6.90
N SER D 71 -19.94 14.02 -7.52
CA SER D 71 -20.15 13.62 -8.90
C SER D 71 -19.73 12.18 -9.15
N GLU D 72 -20.10 11.68 -10.33
CA GLU D 72 -19.86 10.30 -10.70
C GLU D 72 -18.37 10.05 -10.94
N ILE D 73 -17.93 8.87 -10.57
CA ILE D 73 -16.57 8.40 -10.85
C ILE D 73 -16.74 7.27 -11.86
N GLU D 74 -15.94 7.28 -12.91
CA GLU D 74 -16.01 6.20 -13.90
C GLU D 74 -15.77 4.86 -13.18
N HIS D 75 -16.48 3.82 -13.62
CA HIS D 75 -16.60 2.61 -12.82
C HIS D 75 -15.30 1.81 -12.64
N GLN D 76 -14.54 1.63 -13.71
CA GLN D 76 -13.30 0.86 -13.63
C GLN D 76 -12.28 1.54 -12.72
N ILE D 77 -12.05 2.84 -12.93
CA ILE D 77 -11.10 3.56 -12.11
C ILE D 77 -11.61 3.64 -10.66
N GLY D 78 -12.93 3.80 -10.48
CA GLY D 78 -13.54 3.77 -9.17
C GLY D 78 -13.26 2.48 -8.44
N ASN D 79 -13.37 1.36 -9.16
CA ASN D 79 -13.05 0.06 -8.59
C ASN D 79 -11.58 -0.11 -8.25
N VAL D 80 -10.70 0.41 -9.10
CA VAL D 80 -9.27 0.36 -8.82
C VAL D 80 -8.97 1.15 -7.55
N ILE D 81 -9.53 2.34 -7.47
CA ILE D 81 -9.35 3.20 -6.31
C ILE D 81 -9.84 2.50 -5.03
N ASN D 82 -11.03 1.91 -5.10
CA ASN D 82 -11.59 1.20 -3.95
C ASN D 82 -10.72 0.05 -3.48
N TRP D 83 -10.24 -0.73 -4.44
CA TRP D 83 -9.36 -1.85 -4.14
C TRP D 83 -8.10 -1.36 -3.45
N THR D 84 -7.53 -0.29 -3.98
CA THR D 84 -6.30 0.26 -3.45
C THR D 84 -6.53 0.80 -2.03
N LYS D 85 -7.58 1.61 -1.85
CA LYS D 85 -7.89 2.19 -0.53
C LYS D 85 -8.17 1.15 0.55
N ASP D 86 -8.93 0.12 0.22
CA ASP D 86 -9.24 -0.92 1.18
C ASP D 86 -8.00 -1.74 1.52
N SER D 87 -7.11 -1.94 0.55
CA SER D 87 -5.83 -2.60 0.80
C SER D 87 -4.99 -1.76 1.76
N ILE D 88 -4.97 -0.44 1.54
CA ILE D 88 -4.21 0.48 2.39
C ILE D 88 -4.80 0.49 3.80
N THR D 89 -6.12 0.51 3.89
CA THR D 89 -6.79 0.48 5.17
C THR D 89 -6.50 -0.81 5.97
N ASP D 90 -6.52 -1.95 5.29
CA ASP D 90 -6.18 -3.23 5.92
C ASP D 90 -4.74 -3.21 6.42
N ILE D 91 -3.85 -2.58 5.67
CA ILE D 91 -2.47 -2.44 6.10
C ILE D 91 -2.37 -1.59 7.36
N TRP D 92 -3.05 -0.45 7.39
CA TRP D 92 -2.99 0.44 8.55
C TRP D 92 -3.70 -0.12 9.78
N THR D 93 -4.82 -0.83 9.57
CA THR D 93 -5.53 -1.48 10.67
C THR D 93 -4.67 -2.54 11.34
N TYR D 94 -4.02 -3.35 10.51
CA TYR D 94 -3.10 -4.36 11.00
C TYR D 94 -1.90 -3.72 11.73
N GLN D 95 -1.34 -2.66 11.15
CA GLN D 95 -0.22 -1.97 11.77
C GLN D 95 -0.56 -1.44 13.15
N ALA D 96 -1.74 -0.81 13.27
CA ALA D 96 -2.17 -0.24 14.53
C ALA D 96 -2.40 -1.33 15.58
N GLU D 97 -3.03 -2.43 15.17
CA GLU D 97 -3.21 -3.57 16.06
C GLU D 97 -1.87 -4.05 16.58
N LEU D 98 -0.91 -4.20 15.69
CA LEU D 98 0.40 -4.72 16.04
C LEU D 98 1.16 -3.74 16.92
N LEU D 99 1.21 -2.48 16.51
CA LEU D 99 1.87 -1.43 17.26
C LEU D 99 1.43 -1.46 18.73
N VAL D 100 0.13 -1.38 18.95
CA VAL D 100 -0.43 -1.30 20.29
C VAL D 100 -0.18 -2.59 21.08
N ALA D 101 -0.38 -3.74 20.45
CA ALA D 101 -0.12 -5.02 21.11
C ALA D 101 1.33 -5.10 21.55
N MET D 102 2.24 -4.70 20.67
CA MET D 102 3.67 -4.79 20.95
C MET D 102 4.11 -3.80 22.03
N GLU D 103 3.65 -2.56 21.90
CA GLU D 103 3.98 -1.53 22.87
C GLU D 103 3.44 -1.90 24.25
N ASN D 104 2.22 -2.42 24.30
CA ASN D 104 1.59 -2.80 25.56
C ASN D 104 2.35 -3.92 26.24
N GLN D 105 2.78 -4.90 25.45
CA GLN D 105 3.60 -5.99 25.96
C GLN D 105 4.87 -5.42 26.59
N HIS D 106 5.53 -4.53 25.85
CA HIS D 106 6.77 -3.93 26.32
C HIS D 106 6.55 -3.07 27.57
N THR D 107 5.49 -2.26 27.57
CA THR D 107 5.18 -1.38 28.68
C THR D 107 4.98 -2.18 29.98
N ILE D 108 4.14 -3.19 29.90
CA ILE D 108 3.88 -4.08 31.02
C ILE D 108 5.16 -4.69 31.55
N ASP D 109 5.97 -5.25 30.67
CA ASP D 109 7.19 -5.93 31.09
C ASP D 109 8.27 -4.96 31.61
N MET D 110 8.33 -3.76 31.03
CA MET D 110 9.24 -2.73 31.52
C MET D 110 8.92 -2.36 32.97
N ALA D 111 7.63 -2.22 33.27
CA ALA D 111 7.19 -1.89 34.61
C ALA D 111 7.56 -2.98 35.59
N ASP D 112 7.41 -4.22 35.15
CA ASP D 112 7.78 -5.40 35.94
C ASP D 112 9.27 -5.34 36.24
N SER D 113 10.06 -4.94 35.25
CA SER D 113 11.50 -4.90 35.41
C SER D 113 11.94 -3.82 36.38
N GLU D 114 11.27 -2.67 36.37
CA GLU D 114 11.62 -1.60 37.30
C GLU D 114 11.28 -2.01 38.74
N MET D 115 10.19 -2.75 38.93
CA MET D 115 9.89 -3.31 40.25
C MET D 115 11.02 -4.21 40.70
N LEU D 116 11.42 -5.13 39.82
CA LEU D 116 12.50 -6.06 40.13
C LEU D 116 13.81 -5.32 40.42
N ASN D 117 14.10 -4.28 39.65
CA ASN D 117 15.34 -3.52 39.83
C ASN D 117 15.41 -2.90 41.21
N LEU D 118 14.28 -2.43 41.70
CA LEU D 118 14.20 -1.91 43.06
C LEU D 118 14.42 -3.02 44.08
N TYR D 119 13.72 -4.14 43.90
CA TYR D 119 13.88 -5.31 44.77
C TYR D 119 15.35 -5.73 44.88
N GLU D 120 15.99 -5.91 43.73
CA GLU D 120 17.40 -6.29 43.69
C GLU D 120 18.32 -5.28 44.35
N ARG D 121 18.04 -4.00 44.15
CA ARG D 121 18.83 -2.94 44.76
C ARG D 121 18.79 -3.06 46.29
N VAL D 122 17.59 -3.27 46.83
CA VAL D 122 17.43 -3.43 48.27
C VAL D 122 18.08 -4.71 48.78
N ARG D 123 17.92 -5.82 48.04
CA ARG D 123 18.57 -7.07 48.43
C ARG D 123 20.07 -6.85 48.65
N LYS D 124 20.71 -6.17 47.72
CA LYS D 124 22.14 -5.96 47.79
C LYS D 124 22.56 -4.99 48.91
N GLN D 125 21.78 -3.94 49.14
CA GLN D 125 22.03 -3.03 50.27
C GLN D 125 22.09 -3.81 51.59
N LEU D 126 21.10 -4.68 51.78
CA LEU D 126 20.93 -5.38 53.05
C LEU D 126 21.97 -6.45 53.27
N ARG D 127 22.59 -6.93 52.19
CA ARG D 127 23.72 -7.83 52.25
C ARG D 127 23.41 -9.06 53.13
N GLN D 128 24.16 -9.30 54.21
CA GLN D 128 23.95 -10.49 55.03
C GLN D 128 23.10 -10.23 56.27
N ASN D 129 22.39 -9.10 56.30
CA ASN D 129 21.64 -8.71 57.48
C ASN D 129 20.15 -9.04 57.37
N ALA D 130 19.75 -9.62 56.25
CA ALA D 130 18.35 -9.92 55.98
C ALA D 130 18.19 -11.10 55.04
N GLU D 131 17.00 -11.71 55.06
CA GLU D 131 16.68 -12.84 54.22
C GLU D 131 15.36 -12.61 53.49
N GLU D 132 15.25 -13.15 52.28
CA GLU D 132 14.04 -13.02 51.47
C GLU D 132 12.99 -14.03 51.92
N ASP D 133 11.74 -13.58 52.01
CA ASP D 133 10.65 -14.48 52.39
C ASP D 133 9.92 -15.08 51.18
N GLY D 134 10.28 -14.65 49.97
CA GLY D 134 9.68 -15.19 48.74
C GLY D 134 8.44 -14.44 48.25
N LYS D 135 7.91 -13.55 49.08
CA LYS D 135 6.69 -12.81 48.78
C LYS D 135 6.99 -11.33 48.56
N GLY D 136 8.28 -10.99 48.49
CA GLY D 136 8.72 -9.61 48.26
C GLY D 136 9.19 -8.88 49.51
N CYS D 137 9.19 -9.55 50.66
CA CYS D 137 9.69 -8.94 51.89
C CYS D 137 11.09 -9.42 52.21
N PHE D 138 11.78 -8.58 52.96
CA PHE D 138 13.06 -8.90 53.52
C PHE D 138 12.88 -8.89 55.03
N GLU D 139 13.10 -10.05 55.65
CA GLU D 139 13.09 -10.12 57.09
C GLU D 139 14.46 -9.65 57.57
N ILE D 140 14.49 -8.56 58.32
CA ILE D 140 15.73 -7.91 58.74
C ILE D 140 16.10 -8.41 60.12
N TYR D 141 17.28 -9.01 60.25
CA TYR D 141 17.63 -9.69 61.50
C TYR D 141 18.29 -8.80 62.56
N HIS D 142 17.91 -7.53 62.59
CA HIS D 142 18.30 -6.62 63.66
C HIS D 142 17.22 -5.59 63.86
N ALA D 143 17.26 -4.90 65.00
CA ALA D 143 16.30 -3.83 65.28
C ALA D 143 16.56 -2.72 64.28
N CYS D 144 15.55 -2.40 63.49
CA CYS D 144 15.69 -1.40 62.46
C CYS D 144 14.58 -0.38 62.70
N ASP D 145 14.95 0.71 63.37
CA ASP D 145 14.02 1.77 63.71
C ASP D 145 13.65 2.63 62.48
N ASP D 146 12.84 3.66 62.67
CA ASP D 146 12.31 4.43 61.55
C ASP D 146 13.41 5.07 60.72
N SER D 147 14.45 5.56 61.40
CA SER D 147 15.62 6.12 60.71
C SER D 147 16.36 5.06 59.92
N CYS D 148 16.51 3.88 60.52
CA CYS D 148 17.14 2.76 59.84
C CYS D 148 16.34 2.37 58.59
N MET D 149 15.02 2.33 58.72
CA MET D 149 14.15 2.04 57.57
C MET D 149 14.31 3.10 56.50
N GLU D 150 14.35 4.37 56.92
CA GLU D 150 14.57 5.50 56.00
C GLU D 150 15.90 5.37 55.27
N SER D 151 16.95 4.94 55.98
CA SER D 151 18.27 4.76 55.38
C SER D 151 18.26 3.68 54.31
N ILE D 152 17.39 2.69 54.45
CA ILE D 152 17.23 1.66 53.41
C ILE D 152 16.55 2.26 52.19
N ARG D 153 15.49 3.02 52.40
CA ARG D 153 14.76 3.66 51.30
C ARG D 153 15.63 4.73 50.63
N ASN D 154 16.38 5.46 51.45
CA ASN D 154 17.23 6.56 51.00
C ASN D 154 18.54 6.07 50.39
N ASN D 155 18.81 4.77 50.52
CA ASN D 155 20.02 4.15 49.96
C ASN D 155 21.31 4.58 50.67
N THR D 156 21.22 4.78 51.98
CA THR D 156 22.38 5.12 52.80
C THR D 156 22.60 4.12 53.93
N TYR D 157 21.89 2.99 53.85
CA TYR D 157 22.00 1.92 54.86
C TYR D 157 23.38 1.28 54.79
N ASP D 158 24.12 1.35 55.90
CA ASP D 158 25.43 0.73 56.00
C ASP D 158 25.31 -0.62 56.70
N HIS D 159 25.44 -1.70 55.92
CA HIS D 159 25.24 -3.04 56.43
C HIS D 159 26.24 -3.43 57.54
N SER D 160 27.45 -2.89 57.48
CA SER D 160 28.50 -3.26 58.43
C SER D 160 28.19 -2.79 59.86
N GLN D 161 27.37 -1.75 59.98
CA GLN D 161 26.89 -1.28 61.27
C GLN D 161 26.14 -2.34 62.06
N TYR D 162 25.31 -3.13 61.38
CA TYR D 162 24.42 -4.07 62.02
C TYR D 162 24.83 -5.53 61.81
N ARG D 163 25.92 -5.74 61.08
CA ARG D 163 26.27 -7.08 60.62
C ARG D 163 26.38 -8.08 61.76
N GLU D 164 27.12 -7.72 62.81
CA GLU D 164 27.36 -8.61 63.93
C GLU D 164 26.07 -9.05 64.60
N GLU D 165 25.22 -8.08 64.93
CA GLU D 165 23.92 -8.35 65.54
C GLU D 165 23.10 -9.27 64.65
N ALA D 166 23.12 -8.99 63.35
CA ALA D 166 22.30 -9.71 62.40
C ALA D 166 22.75 -11.15 62.22
N LEU D 167 24.05 -11.38 62.12
CA LEU D 167 24.56 -12.74 61.94
C LEU D 167 24.26 -13.60 63.17
N LEU D 168 24.38 -13.04 64.36
CA LEU D 168 24.04 -13.77 65.57
C LEU D 168 22.58 -14.21 65.54
N ASN D 169 21.70 -13.29 65.20
CA ASN D 169 20.27 -13.58 65.11
C ASN D 169 19.92 -14.60 64.01
N ARG D 170 20.60 -14.50 62.87
CA ARG D 170 20.38 -15.44 61.77
C ARG D 170 20.83 -16.87 62.11
N LEU D 171 21.87 -17.01 62.95
CA LEU D 171 22.40 -18.31 63.35
C LEU D 171 21.78 -18.82 64.66
N ASN D 172 21.01 -17.96 65.34
CA ASN D 172 20.44 -18.29 66.62
C ASN D 172 21.55 -18.52 67.65
N ILE D 173 22.57 -17.68 67.62
CA ILE D 173 23.71 -17.74 68.53
C ILE D 173 23.67 -16.60 69.54
N ASN D 174 22.52 -15.99 69.78
CA ASN D 174 22.55 -14.91 70.77
C ASN D 174 22.79 -15.47 72.16
N PRO D 175 23.80 -14.92 72.88
CA PRO D 175 24.06 -15.36 74.25
C PRO D 175 22.87 -15.18 75.20
N VAL D 176 22.69 -16.15 76.11
CA VAL D 176 21.58 -16.12 77.08
C VAL D 176 21.77 -14.97 78.08
N PRO E 3 25.90 -33.77 48.87
CA PRO E 3 24.64 -33.84 49.60
C PRO E 3 23.46 -34.06 48.66
N ASP E 4 22.24 -34.03 49.19
CA ASP E 4 21.03 -34.23 48.38
C ASP E 4 20.86 -33.05 47.46
N LYS E 5 19.99 -33.20 46.47
CA LYS E 5 20.01 -32.28 45.34
C LYS E 5 18.69 -32.23 44.60
N ILE E 6 18.28 -31.04 44.20
CA ILE E 6 17.16 -30.88 43.29
C ILE E 6 17.60 -29.97 42.16
N CYS E 7 17.37 -30.43 40.94
CA CYS E 7 17.85 -29.76 39.75
C CYS E 7 16.67 -29.27 38.94
N LEU E 8 16.77 -28.07 38.40
CA LEU E 8 15.74 -27.53 37.54
C LEU E 8 16.11 -27.67 36.09
N GLY E 9 15.11 -27.86 35.25
CA GLY E 9 15.34 -28.05 33.84
C GLY E 9 14.09 -27.83 33.01
N HIS E 10 14.27 -27.97 31.70
CA HIS E 10 13.21 -27.82 30.74
C HIS E 10 13.27 -28.99 29.76
N HIS E 11 12.23 -29.14 28.97
CA HIS E 11 12.16 -30.26 28.01
C HIS E 11 12.91 -29.97 26.72
N ALA E 12 13.15 -31.03 25.95
CA ALA E 12 13.72 -30.93 24.62
C ALA E 12 13.18 -32.09 23.79
N VAL E 13 13.44 -32.03 22.49
CA VAL E 13 13.06 -33.10 21.56
C VAL E 13 14.24 -33.48 20.67
N ALA E 14 14.22 -34.70 20.13
CA ALA E 14 15.31 -35.20 19.30
C ALA E 14 15.49 -34.33 18.05
N ASN E 15 14.41 -34.19 17.25
CA ASN E 15 14.41 -33.27 16.10
C ASN E 15 13.46 -32.09 16.31
N GLY E 16 14.07 -30.91 16.48
CA GLY E 16 13.33 -29.67 16.55
C GLY E 16 13.09 -29.12 15.17
N THR E 17 12.47 -27.95 15.08
CA THR E 17 12.26 -27.28 13.81
C THR E 17 12.93 -25.91 13.80
N ILE E 18 13.30 -25.46 12.60
CA ILE E 18 14.01 -24.21 12.40
C ILE E 18 13.02 -23.07 12.21
N VAL E 19 13.28 -21.95 12.86
CA VAL E 19 12.48 -20.74 12.67
C VAL E 19 13.42 -19.53 12.64
N LYS E 20 12.89 -18.39 12.21
CA LYS E 20 13.68 -17.16 12.17
C LYS E 20 13.30 -16.22 13.31
N THR E 21 14.30 -15.54 13.86
CA THR E 21 14.10 -14.53 14.90
C THR E 21 14.70 -13.22 14.39
N LEU E 22 14.81 -12.22 15.27
CA LEU E 22 15.40 -10.95 14.88
C LEU E 22 16.89 -11.10 14.59
N THR E 23 17.54 -11.98 15.34
CA THR E 23 19.00 -12.12 15.33
C THR E 23 19.51 -13.38 14.63
N ASN E 24 18.63 -14.34 14.33
CA ASN E 24 19.07 -15.64 13.86
C ASN E 24 18.11 -16.22 12.82
N GLU E 25 18.62 -16.50 11.63
CA GLU E 25 17.83 -17.12 10.57
C GLU E 25 17.62 -18.62 10.75
N GLN E 26 18.38 -19.21 11.65
CA GLN E 26 18.47 -20.66 11.78
C GLN E 26 18.26 -21.12 13.23
N GLU E 27 17.26 -20.57 13.91
CA GLU E 27 17.06 -20.86 15.33
C GLU E 27 16.21 -22.12 15.49
N GLU E 28 16.71 -23.08 16.26
CA GLU E 28 15.98 -24.32 16.48
C GLU E 28 15.10 -24.23 17.71
N VAL E 29 13.83 -24.57 17.56
CA VAL E 29 12.86 -24.57 18.67
C VAL E 29 12.19 -25.93 18.74
N THR E 30 11.43 -26.17 19.80
CA THR E 30 10.85 -27.50 20.01
C THR E 30 9.67 -27.78 19.09
N ASN E 31 8.99 -26.73 18.67
CA ASN E 31 7.81 -26.86 17.83
C ASN E 31 7.52 -25.53 17.13
N ALA E 32 6.85 -25.62 15.99
CA ALA E 32 6.48 -24.43 15.22
C ALA E 32 5.29 -24.74 14.32
N THR E 33 4.63 -23.70 13.84
CA THR E 33 3.48 -23.87 12.97
C THR E 33 3.45 -22.83 11.84
N GLU E 34 2.95 -23.26 10.69
CA GLU E 34 2.95 -22.46 9.47
C GLU E 34 1.97 -21.27 9.57
N THR E 35 2.39 -20.10 9.06
CA THR E 35 1.50 -18.93 8.98
C THR E 35 1.08 -18.59 7.54
N VAL E 36 1.69 -19.23 6.55
CA VAL E 36 1.38 -19.00 5.15
C VAL E 36 0.69 -20.23 4.57
N GLU E 37 -0.56 -20.08 4.14
CA GLU E 37 -1.30 -21.17 3.52
C GLU E 37 -0.80 -21.47 2.11
N SER E 38 -0.47 -22.73 1.85
CA SER E 38 0.00 -23.18 0.55
C SER E 38 -1.07 -23.94 -0.23
N THR E 39 -2.09 -24.41 0.49
CA THR E 39 -3.04 -25.33 -0.08
C THR E 39 -4.41 -24.67 -0.20
N GLY E 40 -4.94 -24.67 -1.41
CA GLY E 40 -6.30 -24.25 -1.67
C GLY E 40 -7.14 -25.44 -2.06
N ILE E 41 -8.43 -25.20 -2.23
CA ILE E 41 -9.38 -26.22 -2.66
C ILE E 41 -9.66 -25.98 -4.14
N ASN E 42 -9.39 -26.98 -4.99
CA ASN E 42 -9.55 -26.81 -6.43
C ASN E 42 -11.01 -26.98 -6.89
N ARG E 43 -11.91 -26.33 -6.17
CA ARG E 43 -13.35 -26.35 -6.43
C ARG E 43 -13.94 -25.02 -5.97
N LEU E 44 -15.10 -24.65 -6.49
CA LEU E 44 -15.79 -23.45 -6.05
C LEU E 44 -16.79 -23.81 -4.96
N CYS E 45 -16.47 -23.41 -3.72
CA CYS E 45 -17.25 -23.79 -2.55
C CYS E 45 -18.45 -22.88 -2.39
N MET E 46 -19.62 -23.36 -2.83
CA MET E 46 -20.80 -22.51 -2.94
C MET E 46 -21.89 -22.77 -1.90
N LYS E 47 -21.60 -23.56 -0.86
CA LYS E 47 -22.59 -23.80 0.18
C LYS E 47 -22.94 -22.49 0.88
N GLY E 48 -24.23 -22.27 1.10
CA GLY E 48 -24.72 -21.03 1.70
C GLY E 48 -24.82 -19.85 0.74
N ARG E 49 -24.50 -20.06 -0.54
CA ARG E 49 -24.56 -19.00 -1.53
C ARG E 49 -25.60 -19.32 -2.58
N LYS E 50 -26.52 -18.37 -2.80
CA LYS E 50 -27.39 -18.43 -3.96
C LYS E 50 -26.58 -17.94 -5.13
N HIS E 51 -26.05 -18.89 -5.90
CA HIS E 51 -25.08 -18.58 -6.94
C HIS E 51 -25.65 -18.82 -8.33
N LYS E 52 -25.06 -18.16 -9.32
CA LYS E 52 -25.39 -18.40 -10.71
C LYS E 52 -24.10 -18.76 -11.45
N ASP E 53 -24.08 -19.96 -12.01
CA ASP E 53 -22.97 -20.39 -12.86
C ASP E 53 -23.34 -20.04 -14.29
N LEU E 54 -22.64 -19.07 -14.86
CA LEU E 54 -22.97 -18.61 -16.20
C LEU E 54 -22.62 -19.62 -17.29
N GLY E 55 -21.78 -20.61 -16.97
CA GLY E 55 -21.40 -21.62 -17.95
C GLY E 55 -20.71 -20.99 -19.13
N ASN E 56 -21.21 -21.25 -20.33
CA ASN E 56 -20.61 -20.69 -21.54
C ASN E 56 -21.16 -19.30 -21.90
N CYS E 57 -21.94 -18.70 -20.99
CA CYS E 57 -22.51 -17.37 -21.19
C CYS E 57 -21.61 -16.28 -20.57
N HIS E 58 -21.20 -15.30 -21.36
CA HIS E 58 -20.39 -14.20 -20.84
C HIS E 58 -21.31 -13.14 -20.25
N PRO E 59 -20.92 -12.52 -19.12
CA PRO E 59 -21.79 -11.56 -18.46
C PRO E 59 -22.43 -10.52 -19.36
N ILE E 60 -21.66 -9.95 -20.28
CA ILE E 60 -22.19 -8.99 -21.23
C ILE E 60 -23.28 -9.57 -22.14
N GLY E 61 -23.19 -10.87 -22.43
CA GLY E 61 -24.24 -11.55 -23.18
C GLY E 61 -25.59 -11.59 -22.49
N MET E 62 -25.60 -11.50 -21.16
CA MET E 62 -26.84 -11.41 -20.39
C MET E 62 -27.65 -10.18 -20.76
N LEU E 63 -26.97 -9.07 -21.01
CA LEU E 63 -27.65 -7.79 -21.26
C LEU E 63 -28.22 -7.69 -22.66
N ILE E 64 -27.51 -8.26 -23.63
CA ILE E 64 -27.91 -8.18 -25.04
C ILE E 64 -28.68 -9.42 -25.49
N GLY E 65 -28.47 -10.55 -24.85
CA GLY E 65 -29.30 -11.73 -25.05
C GLY E 65 -28.77 -12.67 -26.10
N THR E 66 -27.50 -13.03 -25.98
CA THR E 66 -26.90 -14.03 -26.84
C THR E 66 -27.55 -15.37 -26.53
N PRO E 67 -27.73 -16.24 -27.54
CA PRO E 67 -28.35 -17.55 -27.32
C PRO E 67 -27.77 -18.33 -26.14
N ALA E 68 -26.43 -18.32 -26.00
CA ALA E 68 -25.76 -18.99 -24.89
C ALA E 68 -26.25 -18.51 -23.52
N CYS E 69 -26.75 -17.28 -23.47
CA CYS E 69 -27.23 -16.65 -22.24
C CYS E 69 -28.75 -16.72 -22.05
N ASP E 70 -29.43 -17.54 -22.84
CA ASP E 70 -30.90 -17.61 -22.80
C ASP E 70 -31.48 -17.92 -21.42
N LEU E 71 -30.77 -18.71 -20.62
CA LEU E 71 -31.23 -19.05 -19.27
C LEU E 71 -30.70 -18.09 -18.21
N HIS E 72 -30.06 -17.01 -18.65
CA HIS E 72 -29.43 -16.04 -17.76
C HIS E 72 -29.81 -14.59 -18.09
N LEU E 73 -31.00 -14.39 -18.64
CA LEU E 73 -31.45 -13.06 -19.04
C LEU E 73 -31.93 -12.22 -17.84
N THR E 74 -32.42 -12.91 -16.81
CA THR E 74 -32.78 -12.29 -15.54
C THR E 74 -32.40 -13.24 -14.42
N GLY E 75 -32.42 -12.74 -13.18
CA GLY E 75 -32.13 -13.59 -12.04
C GLY E 75 -31.75 -12.83 -10.79
N MET E 76 -31.57 -13.58 -9.72
CA MET E 76 -31.08 -13.07 -8.45
C MET E 76 -29.96 -13.96 -7.96
N TRP E 77 -28.92 -13.36 -7.40
CA TRP E 77 -27.78 -14.11 -6.90
C TRP E 77 -26.97 -13.27 -5.92
N ASP E 78 -26.25 -13.93 -5.02
CA ASP E 78 -25.26 -13.25 -4.18
C ASP E 78 -23.85 -13.55 -4.68
N THR E 79 -23.73 -14.46 -5.65
CA THR E 79 -22.44 -14.87 -6.19
C THR E 79 -22.61 -15.20 -7.68
N LEU E 80 -21.79 -14.59 -8.53
CA LEU E 80 -21.88 -14.78 -9.98
C LEU E 80 -20.57 -15.33 -10.52
N ILE E 81 -20.66 -16.43 -11.27
CA ILE E 81 -19.49 -17.17 -11.72
C ILE E 81 -19.31 -17.09 -13.23
N GLU E 82 -18.18 -16.53 -13.65
CA GLU E 82 -17.82 -16.41 -15.06
C GLU E 82 -16.80 -17.49 -15.40
N ARG E 83 -16.95 -18.12 -16.57
CA ARG E 83 -16.04 -19.17 -17.02
C ARG E 83 -15.19 -18.69 -18.19
N GLU E 84 -14.04 -19.32 -18.38
CA GLU E 84 -13.15 -18.98 -19.49
C GLU E 84 -13.81 -19.27 -20.83
N ASN E 85 -13.51 -18.45 -21.84
CA ASN E 85 -14.08 -18.61 -23.20
C ASN E 85 -15.61 -18.55 -23.27
N ALA E 86 -16.23 -17.87 -22.31
CA ALA E 86 -17.67 -17.66 -22.34
C ALA E 86 -17.98 -16.74 -23.51
N ILE E 87 -19.18 -16.88 -24.06
CA ILE E 87 -19.57 -16.20 -25.28
C ILE E 87 -20.40 -14.96 -24.97
N ALA E 88 -19.98 -13.82 -25.50
CA ALA E 88 -20.73 -12.58 -25.39
C ALA E 88 -21.44 -12.24 -26.68
N TYR E 89 -20.78 -12.52 -27.81
CA TYR E 89 -21.28 -12.13 -29.11
C TYR E 89 -21.46 -13.35 -30.01
N CYS E 90 -22.62 -13.46 -30.65
CA CYS E 90 -22.83 -14.46 -31.68
C CYS E 90 -22.45 -13.81 -33.00
N TYR E 91 -23.05 -12.67 -33.29
CA TYR E 91 -22.65 -11.82 -34.41
C TYR E 91 -21.46 -11.00 -33.94
N PRO E 92 -20.35 -11.02 -34.70
CA PRO E 92 -19.12 -10.40 -34.21
C PRO E 92 -19.23 -8.90 -33.97
N GLY E 93 -18.45 -8.40 -33.01
CA GLY E 93 -18.47 -7.00 -32.68
C GLY E 93 -17.68 -6.76 -31.41
N ALA E 94 -17.82 -5.55 -30.87
CA ALA E 94 -17.12 -5.14 -29.66
C ALA E 94 -17.99 -4.15 -28.90
N THR E 95 -17.71 -4.00 -27.61
CA THR E 95 -18.47 -3.08 -26.77
C THR E 95 -17.54 -2.00 -26.24
N VAL E 96 -18.02 -0.77 -26.23
CA VAL E 96 -17.26 0.35 -25.68
C VAL E 96 -17.32 0.31 -24.14
N ASN E 97 -16.16 0.54 -23.52
CA ASN E 97 -15.97 0.37 -22.07
C ASN E 97 -16.48 -0.99 -21.61
N VAL E 98 -16.02 -2.02 -22.29
CA VAL E 98 -16.49 -3.37 -22.03
C VAL E 98 -16.13 -3.82 -20.62
N GLU E 99 -14.92 -3.49 -20.16
CA GLU E 99 -14.47 -3.99 -18.87
C GLU E 99 -15.22 -3.32 -17.71
N ALA E 100 -15.51 -2.03 -17.83
CA ALA E 100 -16.32 -1.33 -16.83
C ALA E 100 -17.68 -1.99 -16.71
N LEU E 101 -18.28 -2.30 -17.86
CA LEU E 101 -19.60 -2.91 -17.90
C LEU E 101 -19.57 -4.30 -17.28
N ARG E 102 -18.55 -5.09 -17.61
CA ARG E 102 -18.42 -6.43 -17.07
C ARG E 102 -18.32 -6.36 -15.55
N GLN E 103 -17.52 -5.43 -15.06
CA GLN E 103 -17.37 -5.23 -13.61
C GLN E 103 -18.68 -4.81 -12.91
N LYS E 104 -19.47 -3.95 -13.53
CA LYS E 104 -20.79 -3.61 -12.99
C LYS E 104 -21.63 -4.85 -12.81
N ILE E 105 -21.65 -5.71 -13.83
CA ILE E 105 -22.48 -6.90 -13.79
C ILE E 105 -21.98 -7.87 -12.73
N MET E 106 -20.67 -8.10 -12.69
CA MET E 106 -20.04 -9.02 -11.73
C MET E 106 -20.03 -8.51 -10.28
N GLU E 107 -20.62 -7.34 -10.09
CA GLU E 107 -20.69 -6.68 -8.82
C GLU E 107 -22.16 -6.62 -8.37
N SER E 108 -23.07 -7.14 -9.21
CA SER E 108 -24.50 -7.02 -8.99
C SER E 108 -25.03 -8.24 -8.27
N GLY E 109 -26.24 -8.09 -7.75
CA GLY E 109 -26.93 -9.19 -7.09
C GLY E 109 -28.13 -9.68 -7.88
N GLY E 110 -28.15 -9.41 -9.18
CA GLY E 110 -29.25 -9.84 -10.02
C GLY E 110 -29.53 -8.87 -11.14
N ILE E 111 -30.30 -9.33 -12.13
CA ILE E 111 -30.72 -8.50 -13.26
C ILE E 111 -32.21 -8.64 -13.53
N ASN E 112 -32.86 -7.51 -13.78
CA ASN E 112 -34.22 -7.48 -14.31
C ASN E 112 -34.23 -6.82 -15.66
N LYS E 113 -35.27 -7.12 -16.45
CA LYS E 113 -35.41 -6.58 -17.80
C LYS E 113 -36.74 -5.84 -17.94
N ILE E 114 -36.71 -4.71 -18.62
CA ILE E 114 -37.89 -3.89 -18.82
C ILE E 114 -38.02 -3.55 -20.30
N SER E 115 -39.21 -3.82 -20.86
CA SER E 115 -39.49 -3.51 -22.26
C SER E 115 -39.39 -2.03 -22.56
N THR E 116 -38.75 -1.71 -23.69
CA THR E 116 -38.67 -0.36 -24.18
C THR E 116 -40.01 0.09 -24.75
N GLY E 117 -40.77 -0.87 -25.29
CA GLY E 117 -42.03 -0.58 -25.96
C GLY E 117 -41.86 0.04 -27.34
N PHE E 118 -40.66 -0.07 -27.92
CA PHE E 118 -40.38 0.55 -29.22
C PHE E 118 -41.21 -0.11 -30.32
N THR E 119 -41.81 0.71 -31.17
CA THR E 119 -42.58 0.23 -32.32
C THR E 119 -42.08 0.93 -33.57
N TYR E 120 -42.34 0.31 -34.71
CA TYR E 120 -41.78 0.76 -35.98
C TYR E 120 -42.82 0.73 -37.10
N GLY E 121 -42.75 1.71 -37.99
CA GLY E 121 -43.65 1.81 -39.12
C GLY E 121 -43.47 0.67 -40.10
N SER E 122 -44.37 0.61 -41.09
CA SER E 122 -44.47 -0.56 -41.94
C SER E 122 -43.32 -0.72 -42.93
N SER E 123 -42.58 0.35 -43.20
CA SER E 123 -41.43 0.25 -44.11
C SER E 123 -40.14 -0.21 -43.42
N ILE E 124 -40.23 -0.47 -42.11
CA ILE E 124 -39.13 -1.07 -41.36
C ILE E 124 -39.45 -2.54 -41.09
N ASN E 125 -38.46 -3.38 -41.33
CA ASN E 125 -38.46 -4.76 -40.87
C ASN E 125 -37.62 -4.83 -39.61
N SER E 126 -38.28 -5.09 -38.48
CA SER E 126 -37.60 -5.13 -37.19
C SER E 126 -37.21 -6.55 -36.76
N ALA E 127 -37.32 -7.51 -37.68
CA ALA E 127 -37.09 -8.91 -37.37
C ALA E 127 -35.84 -9.44 -38.08
N GLY E 128 -34.82 -8.60 -38.23
CA GLY E 128 -33.59 -9.04 -38.86
C GLY E 128 -32.95 -10.17 -38.09
N THR E 129 -32.51 -11.20 -38.81
CA THR E 129 -31.84 -12.35 -38.20
C THR E 129 -30.55 -12.66 -38.94
N THR E 130 -29.80 -13.61 -38.40
CA THR E 130 -28.51 -13.98 -38.96
C THR E 130 -28.15 -15.40 -38.57
N ARG E 131 -27.39 -16.06 -39.46
CA ARG E 131 -26.87 -17.39 -39.21
C ARG E 131 -25.87 -17.40 -38.05
N ALA E 132 -25.26 -16.24 -37.76
CA ALA E 132 -24.34 -16.12 -36.65
C ALA E 132 -24.99 -16.37 -35.30
N CYS E 133 -26.29 -16.05 -35.16
CA CYS E 133 -27.04 -16.32 -33.92
C CYS E 133 -28.12 -17.36 -34.17
N MET E 134 -27.77 -18.62 -34.00
CA MET E 134 -28.72 -19.71 -34.17
C MET E 134 -29.54 -19.90 -32.90
N ARG E 135 -30.77 -20.37 -33.08
CA ARG E 135 -31.67 -20.67 -31.98
C ARG E 135 -32.75 -21.61 -32.52
N ASN E 136 -32.82 -22.83 -31.99
CA ASN E 136 -33.76 -23.87 -32.49
C ASN E 136 -33.51 -24.27 -33.94
N GLY E 137 -32.23 -24.32 -34.32
CA GLY E 137 -31.85 -24.64 -35.70
C GLY E 137 -32.29 -23.63 -36.75
N GLY E 138 -32.52 -22.38 -36.33
CA GLY E 138 -32.93 -21.30 -37.24
C GLY E 138 -32.18 -20.01 -36.98
N ASN E 139 -32.08 -19.17 -38.01
CA ASN E 139 -31.45 -17.87 -37.89
C ASN E 139 -32.23 -17.02 -36.90
N SER E 140 -31.51 -16.40 -35.98
CA SER E 140 -32.12 -15.61 -34.91
C SER E 140 -31.28 -14.37 -34.63
N PHE E 141 -31.51 -13.74 -33.48
CA PHE E 141 -30.79 -12.53 -33.12
C PHE E 141 -30.71 -12.38 -31.59
N TYR E 142 -29.88 -11.44 -31.15
CA TYR E 142 -29.81 -11.10 -29.75
C TYR E 142 -31.23 -10.91 -29.24
N ALA E 143 -31.57 -11.59 -28.14
CA ALA E 143 -32.92 -11.58 -27.61
C ALA E 143 -33.42 -10.20 -27.20
N GLU E 144 -32.52 -9.36 -26.69
CA GLU E 144 -32.90 -8.06 -26.13
C GLU E 144 -32.74 -6.91 -27.12
N LEU E 145 -32.40 -7.23 -28.36
CA LEU E 145 -32.22 -6.22 -29.39
C LEU E 145 -33.00 -6.59 -30.65
N LYS E 146 -33.15 -5.60 -31.54
CA LYS E 146 -33.80 -5.83 -32.81
C LYS E 146 -32.98 -5.21 -33.93
N TRP E 147 -32.71 -6.03 -34.95
CA TRP E 147 -31.99 -5.58 -36.12
C TRP E 147 -32.98 -4.97 -37.10
N LEU E 148 -33.01 -3.65 -37.16
CA LEU E 148 -33.91 -2.92 -38.02
C LEU E 148 -33.29 -2.77 -39.41
N VAL E 149 -34.03 -3.20 -40.43
CA VAL E 149 -33.64 -2.99 -41.83
C VAL E 149 -34.86 -2.55 -42.64
N SER E 150 -34.60 -2.00 -43.82
CA SER E 150 -35.67 -1.63 -44.72
C SER E 150 -36.47 -2.87 -45.14
N LYS E 151 -37.79 -2.76 -45.11
CA LYS E 151 -38.68 -3.84 -45.50
C LYS E 151 -38.46 -4.23 -46.96
N SER E 152 -38.30 -3.23 -47.82
CA SER E 152 -37.98 -3.47 -49.23
C SER E 152 -36.50 -3.28 -49.46
N LYS E 153 -35.86 -4.34 -49.96
CA LYS E 153 -34.43 -4.32 -50.24
C LYS E 153 -34.04 -3.12 -51.10
N GLY E 154 -33.07 -2.33 -50.63
CA GLY E 154 -32.57 -1.18 -51.39
C GLY E 154 -33.24 0.15 -51.07
N GLN E 155 -34.47 0.10 -50.54
CA GLN E 155 -35.20 1.32 -50.17
C GLN E 155 -34.50 2.05 -49.03
N ASN E 156 -34.59 3.38 -49.04
CA ASN E 156 -34.09 4.18 -47.93
C ASN E 156 -34.88 3.90 -46.66
N PHE E 157 -34.16 3.57 -45.60
CA PHE E 157 -34.70 3.37 -44.26
C PHE E 157 -35.27 4.71 -43.79
N PRO E 158 -36.51 4.72 -43.29
CA PRO E 158 -37.15 5.98 -42.95
C PRO E 158 -36.54 6.67 -41.73
N GLN E 159 -36.60 8.00 -41.70
CA GLN E 159 -36.18 8.76 -40.52
C GLN E 159 -37.10 8.36 -39.37
N THR E 160 -36.50 7.90 -38.28
CA THR E 160 -37.25 7.26 -37.20
C THR E 160 -36.84 7.78 -35.83
N THR E 161 -37.81 7.87 -34.92
CA THR E 161 -37.56 8.34 -33.55
C THR E 161 -38.18 7.38 -32.55
N ASN E 162 -37.39 6.94 -31.58
CA ASN E 162 -37.84 6.05 -30.51
C ASN E 162 -37.33 6.56 -29.17
N THR E 163 -38.20 6.63 -28.19
CA THR E 163 -37.86 7.18 -26.89
C THR E 163 -38.20 6.21 -25.78
N TYR E 164 -37.22 5.83 -24.99
CA TYR E 164 -37.46 5.04 -23.78
C TYR E 164 -37.60 5.98 -22.60
N ARG E 165 -38.65 5.77 -21.81
CA ARG E 165 -38.89 6.57 -20.63
C ARG E 165 -38.76 5.68 -19.42
N ASN E 166 -37.79 6.01 -18.56
CA ASN E 166 -37.62 5.29 -17.31
C ASN E 166 -38.63 5.83 -16.32
N THR E 167 -39.65 5.03 -16.03
CA THR E 167 -40.68 5.38 -15.05
C THR E 167 -40.47 4.67 -13.70
N ASP E 168 -39.28 4.10 -13.51
CA ASP E 168 -38.93 3.39 -12.29
C ASP E 168 -38.32 4.39 -11.31
N THR E 169 -38.04 3.91 -10.10
CA THR E 169 -37.37 4.71 -9.08
C THR E 169 -35.87 4.41 -9.01
N ALA E 170 -35.37 3.59 -9.94
CA ALA E 170 -33.96 3.26 -9.98
C ALA E 170 -33.44 3.38 -11.41
N GLU E 171 -32.14 3.64 -11.53
CA GLU E 171 -31.51 3.79 -12.85
C GLU E 171 -31.53 2.48 -13.63
N HIS E 172 -31.67 2.58 -14.94
CA HIS E 172 -31.68 1.43 -15.84
C HIS E 172 -30.51 1.52 -16.80
N LEU E 173 -30.00 0.36 -17.18
CA LEU E 173 -28.86 0.26 -18.07
C LEU E 173 -29.37 -0.12 -19.44
N ILE E 174 -29.19 0.80 -20.40
CA ILE E 174 -29.68 0.59 -21.76
C ILE E 174 -28.49 0.31 -22.68
N MET E 175 -28.60 -0.75 -23.47
CA MET E 175 -27.59 -1.08 -24.48
C MET E 175 -28.20 -1.01 -25.88
N TRP E 176 -27.38 -0.60 -26.85
CA TRP E 176 -27.78 -0.65 -28.25
C TRP E 176 -26.58 -0.93 -29.11
N GLY E 177 -26.83 -1.26 -30.37
CA GLY E 177 -25.77 -1.58 -31.32
C GLY E 177 -25.81 -0.70 -32.55
N ILE E 178 -24.67 -0.64 -33.23
CA ILE E 178 -24.54 0.03 -34.49
C ILE E 178 -23.95 -0.98 -35.47
N HIS E 179 -24.65 -1.20 -36.58
CA HIS E 179 -24.20 -2.16 -37.56
C HIS E 179 -23.25 -1.49 -38.54
N HIS E 180 -22.09 -2.12 -38.75
CA HIS E 180 -21.09 -1.63 -39.69
C HIS E 180 -20.96 -2.66 -40.81
N PRO E 181 -21.58 -2.39 -41.97
CA PRO E 181 -21.58 -3.33 -43.09
C PRO E 181 -20.20 -3.60 -43.69
N SER E 182 -20.10 -4.70 -44.45
CA SER E 182 -18.83 -5.16 -45.04
C SER E 182 -18.62 -4.66 -46.46
N SER E 183 -19.67 -4.12 -47.08
CA SER E 183 -19.59 -3.58 -48.43
C SER E 183 -20.69 -2.55 -48.67
N THR E 184 -20.49 -1.66 -49.65
CA THR E 184 -21.49 -0.64 -49.95
C THR E 184 -22.77 -1.28 -50.50
N GLN E 185 -22.63 -2.36 -51.25
CA GLN E 185 -23.79 -3.09 -51.77
C GLN E 185 -24.68 -3.54 -50.61
N GLU E 186 -24.04 -4.13 -49.60
CA GLU E 186 -24.74 -4.64 -48.43
C GLU E 186 -25.45 -3.52 -47.66
N LYS E 187 -24.74 -2.41 -47.44
CA LYS E 187 -25.31 -1.25 -46.79
C LYS E 187 -26.52 -0.69 -47.55
N ASN E 188 -26.38 -0.60 -48.87
CA ASN E 188 -27.49 -0.17 -49.70
C ASN E 188 -28.68 -1.12 -49.62
N ASP E 189 -28.44 -2.42 -49.66
CA ASP E 189 -29.51 -3.42 -49.56
C ASP E 189 -30.32 -3.25 -48.29
N LEU E 190 -29.62 -3.07 -47.18
CA LEU E 190 -30.23 -3.03 -45.85
C LEU E 190 -30.88 -1.71 -45.49
N TYR E 191 -30.22 -0.60 -45.82
CA TYR E 191 -30.65 0.74 -45.36
C TYR E 191 -30.84 1.79 -46.46
N GLY E 192 -30.57 1.44 -47.71
CA GLY E 192 -30.64 2.39 -48.82
C GLY E 192 -29.37 3.22 -49.01
N THR E 193 -29.42 4.11 -50.01
CA THR E 193 -28.24 4.86 -50.44
C THR E 193 -28.02 6.15 -49.69
N GLN E 194 -29.01 6.60 -48.94
CA GLN E 194 -28.89 7.82 -48.13
C GLN E 194 -27.73 7.77 -47.16
N SER E 195 -27.28 8.93 -46.71
CA SER E 195 -26.25 9.02 -45.69
C SER E 195 -26.84 8.67 -44.32
N LEU E 196 -26.19 7.76 -43.60
CA LEU E 196 -26.75 7.17 -42.36
C LEU E 196 -26.19 7.81 -41.08
N SER E 197 -27.06 7.97 -40.09
CA SER E 197 -26.74 8.69 -38.85
C SER E 197 -27.65 8.22 -37.72
N ILE E 198 -27.05 7.90 -36.57
CA ILE E 198 -27.81 7.52 -35.38
C ILE E 198 -27.44 8.47 -34.23
N SER E 199 -28.41 9.23 -33.74
CA SER E 199 -28.20 10.14 -32.62
C SER E 199 -28.93 9.60 -31.39
N VAL E 200 -28.29 9.71 -30.22
CA VAL E 200 -28.86 9.24 -28.97
C VAL E 200 -28.78 10.37 -27.96
N GLY E 201 -29.88 10.63 -27.26
CA GLY E 201 -29.93 11.74 -26.34
C GLY E 201 -30.90 11.59 -25.19
N SER E 202 -30.38 11.71 -23.97
CA SER E 202 -31.19 11.86 -22.77
C SER E 202 -30.88 13.24 -22.20
N SER E 203 -31.24 13.51 -20.94
CA SER E 203 -30.79 14.76 -20.30
C SER E 203 -29.36 14.70 -19.81
N THR E 204 -28.82 13.50 -19.64
CA THR E 204 -27.44 13.31 -19.16
C THR E 204 -26.47 12.82 -20.25
N TYR E 205 -26.99 12.19 -21.30
CA TYR E 205 -26.15 11.55 -22.31
C TYR E 205 -26.45 12.13 -23.69
N ARG E 206 -25.40 12.37 -24.46
CA ARG E 206 -25.56 12.74 -25.88
C ARG E 206 -24.43 12.12 -26.68
N ASN E 207 -24.78 11.47 -27.79
CA ASN E 207 -23.79 10.90 -28.67
C ASN E 207 -24.36 10.64 -30.06
N ASN E 208 -23.49 10.36 -31.01
CA ASN E 208 -23.88 10.11 -32.39
C ASN E 208 -22.97 9.07 -33.02
N PHE E 209 -23.53 8.27 -33.91
CA PHE E 209 -22.82 7.14 -34.50
C PHE E 209 -23.09 7.10 -36.00
N VAL E 210 -22.11 6.61 -36.76
CA VAL E 210 -22.24 6.50 -38.20
C VAL E 210 -21.78 5.11 -38.61
N PRO E 211 -22.69 4.31 -39.21
CA PRO E 211 -22.28 3.04 -39.81
C PRO E 211 -21.20 3.28 -40.86
N VAL E 212 -20.24 2.37 -40.92
CA VAL E 212 -19.08 2.52 -41.78
C VAL E 212 -18.81 1.22 -42.49
N VAL E 213 -18.76 1.31 -43.82
CA VAL E 213 -18.43 0.17 -44.67
C VAL E 213 -16.92 -0.07 -44.65
N GLY E 214 -16.53 -1.35 -44.56
CA GLY E 214 -15.13 -1.72 -44.62
C GLY E 214 -14.95 -3.21 -44.80
N ALA E 215 -13.95 -3.60 -45.58
CA ALA E 215 -13.59 -5.01 -45.74
C ALA E 215 -12.92 -5.54 -44.47
N ARG E 216 -13.30 -6.74 -44.06
CA ARG E 216 -12.86 -7.32 -42.79
C ARG E 216 -12.88 -8.84 -42.86
N PRO E 217 -12.03 -9.49 -42.05
CA PRO E 217 -12.10 -10.94 -41.95
C PRO E 217 -13.45 -11.41 -41.42
N GLN E 218 -13.86 -12.60 -41.85
CA GLN E 218 -15.08 -13.20 -41.35
C GLN E 218 -14.86 -13.73 -39.95
N VAL E 219 -15.84 -13.48 -39.09
CA VAL E 219 -15.90 -14.08 -37.77
C VAL E 219 -17.30 -14.67 -37.64
N ASN E 220 -17.36 -15.97 -37.35
CA ASN E 220 -18.60 -16.75 -37.43
C ASN E 220 -19.31 -16.51 -38.75
N GLY E 221 -18.54 -16.55 -39.83
CA GLY E 221 -19.07 -16.36 -41.18
C GLY E 221 -19.53 -14.95 -41.53
N GLN E 222 -19.15 -13.95 -40.74
CA GLN E 222 -19.64 -12.59 -40.93
C GLN E 222 -18.51 -11.57 -41.04
N SER E 223 -18.49 -10.86 -42.15
CA SER E 223 -17.56 -9.74 -42.33
C SER E 223 -18.15 -8.47 -41.71
N GLY E 224 -19.47 -8.45 -41.51
CA GLY E 224 -20.11 -7.34 -40.82
C GLY E 224 -19.77 -7.31 -39.35
N ARG E 225 -20.02 -6.17 -38.72
CA ARG E 225 -19.81 -6.02 -37.30
C ARG E 225 -20.95 -5.24 -36.67
N ILE E 226 -21.22 -5.53 -35.40
CA ILE E 226 -22.14 -4.74 -34.59
C ILE E 226 -21.39 -4.30 -33.35
N ASP E 227 -21.07 -3.01 -33.28
CA ASP E 227 -20.44 -2.43 -32.09
C ASP E 227 -21.51 -2.02 -31.09
N PHE E 228 -21.30 -2.35 -29.81
CA PHE E 228 -22.28 -2.06 -28.77
C PHE E 228 -21.90 -0.86 -27.92
N HIS E 229 -22.93 -0.13 -27.52
CA HIS E 229 -22.79 1.02 -26.64
C HIS E 229 -23.82 0.96 -25.54
N TRP E 230 -23.52 1.64 -24.44
CA TRP E 230 -24.40 1.62 -23.28
C TRP E 230 -24.31 2.90 -22.49
N THR E 231 -25.36 3.19 -21.74
CA THR E 231 -25.34 4.23 -20.73
C THR E 231 -26.41 3.95 -19.68
N LEU E 232 -26.48 4.81 -18.67
CA LEU E 232 -27.46 4.69 -17.62
C LEU E 232 -28.53 5.76 -17.81
N VAL E 233 -29.78 5.34 -17.74
CA VAL E 233 -30.93 6.24 -17.80
C VAL E 233 -31.44 6.44 -16.37
N GLN E 234 -31.47 7.69 -15.93
CA GLN E 234 -31.89 7.98 -14.55
C GLN E 234 -33.40 7.88 -14.39
N PRO E 235 -33.88 7.71 -13.15
CA PRO E 235 -35.32 7.67 -12.90
C PRO E 235 -35.99 8.94 -13.39
N GLY E 236 -37.09 8.79 -14.11
CA GLY E 236 -37.84 9.92 -14.62
C GLY E 236 -37.27 10.55 -15.89
N ASP E 237 -36.18 9.98 -16.41
CA ASP E 237 -35.58 10.53 -17.60
C ASP E 237 -35.99 9.75 -18.84
N ASN E 238 -35.94 10.43 -19.97
CA ASN E 238 -36.23 9.85 -21.28
C ASN E 238 -34.94 9.82 -22.08
N ILE E 239 -34.75 8.77 -22.87
CA ILE E 239 -33.60 8.70 -23.78
C ILE E 239 -34.12 8.43 -25.19
N THR E 240 -33.69 9.24 -26.14
CA THR E 240 -34.28 9.26 -27.48
C THR E 240 -33.29 8.87 -28.56
N PHE E 241 -33.67 7.85 -29.33
CA PHE E 241 -32.89 7.38 -30.48
C PHE E 241 -33.47 7.99 -31.75
N SER E 242 -32.61 8.67 -32.51
CA SER E 242 -32.98 9.36 -33.74
C SER E 242 -32.11 8.77 -34.85
N HIS E 243 -32.73 8.02 -35.78
CA HIS E 243 -31.97 7.14 -36.68
C HIS E 243 -32.64 6.92 -38.02
N ASN E 244 -31.83 6.63 -39.04
CA ASN E 244 -32.32 6.32 -40.39
C ASN E 244 -31.56 5.16 -41.03
N GLY E 245 -31.15 4.22 -40.20
CA GLY E 245 -30.55 2.96 -40.64
C GLY E 245 -29.22 2.70 -39.97
N GLY E 246 -29.07 1.47 -39.47
CA GLY E 246 -27.82 1.06 -38.83
C GLY E 246 -27.96 0.83 -37.34
N LEU E 247 -29.02 1.37 -36.74
CA LEU E 247 -29.29 1.13 -35.33
C LEU E 247 -29.74 -0.31 -35.09
N ILE E 248 -29.10 -0.94 -34.12
CA ILE E 248 -29.58 -2.17 -33.53
C ILE E 248 -30.25 -1.74 -32.22
N ALA E 249 -31.58 -1.68 -32.24
CA ALA E 249 -32.34 -1.04 -31.16
C ALA E 249 -32.62 -1.99 -30.01
N PRO E 250 -32.73 -1.44 -28.79
CA PRO E 250 -33.11 -2.26 -27.64
C PRO E 250 -34.61 -2.54 -27.58
N SER E 251 -34.99 -3.80 -27.42
CA SER E 251 -36.38 -4.16 -27.11
C SER E 251 -36.60 -4.21 -25.60
N ARG E 252 -35.52 -4.45 -24.86
CA ARG E 252 -35.55 -4.40 -23.40
C ARG E 252 -34.29 -3.73 -22.87
N VAL E 253 -34.43 -3.04 -21.74
CA VAL E 253 -33.30 -2.50 -21.00
C VAL E 253 -33.06 -3.35 -19.75
N SER E 254 -31.92 -3.15 -19.10
CA SER E 254 -31.55 -3.93 -17.92
C SER E 254 -31.58 -3.08 -16.66
N LYS E 255 -31.66 -3.77 -15.53
CA LYS E 255 -31.61 -3.14 -14.22
C LYS E 255 -30.79 -4.02 -13.29
N LEU E 256 -29.65 -3.52 -12.86
CA LEU E 256 -28.77 -4.24 -11.94
C LEU E 256 -29.29 -4.02 -10.53
N ILE E 257 -29.49 -5.13 -9.81
CA ILE E 257 -30.13 -5.11 -8.51
C ILE E 257 -29.18 -5.60 -7.44
N GLY E 258 -29.08 -4.83 -6.35
CA GLY E 258 -28.30 -5.24 -5.18
C GLY E 258 -26.82 -5.45 -5.43
N ARG E 259 -26.21 -6.26 -4.56
CA ARG E 259 -24.79 -6.55 -4.60
C ARG E 259 -24.55 -8.05 -4.68
N GLY E 260 -23.44 -8.43 -5.30
CA GLY E 260 -23.03 -9.82 -5.33
C GLY E 260 -21.53 -9.91 -5.56
N LEU E 261 -20.96 -11.08 -5.31
CA LEU E 261 -19.55 -11.32 -5.50
C LEU E 261 -19.31 -11.99 -6.85
N GLY E 262 -18.43 -11.40 -7.66
CA GLY E 262 -18.09 -11.94 -8.98
C GLY E 262 -16.82 -12.78 -8.98
N ILE E 263 -16.90 -13.98 -9.56
CA ILE E 263 -15.78 -14.91 -9.57
C ILE E 263 -15.46 -15.33 -10.99
N GLN E 264 -14.19 -15.30 -11.33
CA GLN E 264 -13.70 -15.85 -12.59
C GLN E 264 -12.88 -17.11 -12.30
N SER E 265 -13.41 -18.27 -12.67
CA SER E 265 -12.76 -19.56 -12.42
C SER E 265 -13.43 -20.68 -13.20
N ASP E 266 -12.64 -21.67 -13.61
CA ASP E 266 -13.19 -22.86 -14.26
C ASP E 266 -13.31 -24.04 -13.31
N ALA E 267 -13.01 -23.83 -12.04
CA ALA E 267 -13.11 -24.90 -11.06
C ALA E 267 -14.56 -25.36 -10.88
N PRO E 268 -14.76 -26.67 -10.68
CA PRO E 268 -16.12 -27.19 -10.54
C PRO E 268 -16.77 -26.78 -9.22
N ILE E 269 -18.08 -26.57 -9.25
CA ILE E 269 -18.84 -26.18 -8.08
C ILE E 269 -18.97 -27.33 -7.11
N ASP E 270 -18.79 -27.04 -5.82
CA ASP E 270 -19.06 -27.99 -4.75
C ASP E 270 -20.04 -27.30 -3.81
N ASN E 271 -21.26 -27.82 -3.75
CA ASN E 271 -22.30 -27.25 -2.90
C ASN E 271 -22.25 -27.70 -1.45
N ASN E 272 -21.19 -28.42 -1.05
CA ASN E 272 -21.04 -28.92 0.31
C ASN E 272 -19.99 -28.20 1.17
N CYS E 273 -18.92 -27.66 0.56
CA CYS E 273 -18.01 -26.76 1.29
C CYS E 273 -18.49 -25.33 1.13
N GLU E 274 -18.21 -24.52 2.13
CA GLU E 274 -18.45 -23.08 2.05
C GLU E 274 -17.12 -22.35 2.18
N SER E 275 -17.09 -21.13 1.66
CA SER E 275 -15.85 -20.35 1.61
C SER E 275 -16.14 -18.88 1.45
N LYS E 276 -15.17 -18.05 1.81
CA LYS E 276 -15.28 -16.60 1.64
C LYS E 276 -14.25 -16.05 0.67
N CYS E 277 -13.36 -16.92 0.18
CA CYS E 277 -12.23 -16.49 -0.62
C CYS E 277 -12.14 -17.36 -1.86
N PHE E 278 -11.99 -16.71 -3.02
CA PHE E 278 -11.92 -17.43 -4.28
C PHE E 278 -10.85 -16.87 -5.20
N TRP E 279 -10.38 -17.71 -6.12
CA TRP E 279 -9.45 -17.29 -7.15
C TRP E 279 -9.64 -18.16 -8.39
N ARG E 280 -8.84 -17.93 -9.41
CA ARG E 280 -8.92 -18.69 -10.64
C ARG E 280 -8.97 -20.21 -10.39
N GLY E 281 -8.14 -20.68 -9.46
CA GLY E 281 -7.99 -22.12 -9.17
C GLY E 281 -9.01 -22.75 -8.26
N GLY E 282 -9.85 -21.95 -7.60
CA GLY E 282 -10.91 -22.48 -6.74
C GLY E 282 -11.15 -21.63 -5.50
N SER E 283 -11.14 -22.27 -4.34
CA SER E 283 -11.45 -21.61 -3.07
C SER E 283 -10.30 -21.71 -2.07
N ILE E 284 -10.29 -20.83 -1.09
CA ILE E 284 -9.28 -20.84 -0.04
C ILE E 284 -9.97 -20.77 1.33
N ASN E 285 -9.95 -21.90 2.04
CA ASN E 285 -10.48 -21.98 3.40
C ASN E 285 -9.33 -22.20 4.35
N THR E 286 -8.95 -21.15 5.06
CA THR E 286 -7.83 -21.27 5.99
C THR E 286 -7.97 -20.26 7.11
N ARG E 287 -7.48 -20.66 8.27
CA ARG E 287 -7.43 -19.78 9.43
C ARG E 287 -6.18 -18.92 9.39
N LEU E 288 -5.19 -19.33 8.58
CA LEU E 288 -3.91 -18.62 8.51
C LEU E 288 -4.08 -17.24 7.91
N PRO E 289 -3.31 -16.26 8.42
CA PRO E 289 -3.46 -14.88 7.98
C PRO E 289 -2.82 -14.58 6.61
N PHE E 290 -1.94 -15.46 6.13
CA PHE E 290 -1.26 -15.25 4.85
C PHE E 290 -1.45 -16.44 3.91
N GLN E 291 -1.18 -16.21 2.63
CA GLN E 291 -1.22 -17.29 1.64
C GLN E 291 -0.29 -16.98 0.48
N ASN E 292 0.20 -18.03 -0.17
CA ASN E 292 1.09 -17.88 -1.34
C ASN E 292 0.52 -18.54 -2.58
N LEU E 293 -0.80 -18.73 -2.62
CA LEU E 293 -1.46 -19.30 -3.78
C LEU E 293 -1.58 -18.32 -4.94
N SER E 294 -2.06 -17.10 -4.67
CA SER E 294 -2.24 -16.12 -5.74
C SER E 294 -2.46 -14.71 -5.23
N PRO E 295 -1.90 -13.71 -5.94
CA PRO E 295 -2.19 -12.32 -5.65
C PRO E 295 -3.53 -11.83 -6.23
N ARG E 296 -4.18 -12.65 -7.06
CA ARG E 296 -5.48 -12.29 -7.65
C ARG E 296 -6.54 -13.15 -6.99
N THR E 297 -7.10 -12.66 -5.89
CA THR E 297 -8.19 -13.34 -5.20
C THR E 297 -9.36 -12.40 -5.04
N VAL E 298 -10.53 -12.96 -4.74
CA VAL E 298 -11.72 -12.17 -4.46
C VAL E 298 -12.38 -12.64 -3.17
N GLY E 299 -13.07 -11.72 -2.52
CA GLY E 299 -13.79 -11.99 -1.28
C GLY E 299 -12.98 -11.59 -0.08
N GLN E 300 -13.15 -12.32 1.02
CA GLN E 300 -12.44 -12.08 2.26
C GLN E 300 -11.31 -13.09 2.35
N CYS E 301 -10.09 -12.63 2.11
CA CYS E 301 -8.95 -13.52 1.89
C CYS E 301 -7.78 -13.24 2.81
N PRO E 302 -6.93 -14.26 3.01
CA PRO E 302 -5.64 -13.99 3.63
C PRO E 302 -4.77 -13.18 2.67
N LYS E 303 -3.84 -12.43 3.22
CA LYS E 303 -3.01 -11.55 2.42
C LYS E 303 -1.92 -12.36 1.70
N TYR E 304 -1.68 -12.01 0.44
CA TYR E 304 -0.71 -12.72 -0.37
C TYR E 304 0.70 -12.27 -0.01
N VAL E 305 1.60 -13.24 0.13
CA VAL E 305 3.01 -12.96 0.41
C VAL E 305 3.88 -13.85 -0.47
N ASN E 306 5.02 -13.32 -0.93
CA ASN E 306 5.98 -14.11 -1.72
C ASN E 306 6.85 -15.02 -0.87
N ARG E 307 6.27 -15.91 -0.08
CA ARG E 307 7.07 -16.82 0.72
C ARG E 307 6.45 -18.21 0.72
N ARG E 308 7.29 -19.22 0.52
CA ARG E 308 6.82 -20.60 0.59
C ARG E 308 6.35 -20.90 2.02
N SER E 309 7.09 -20.40 3.02
CA SER E 309 6.84 -20.74 4.41
C SER E 309 7.37 -19.69 5.37
N LEU E 310 6.59 -19.42 6.43
CA LEU E 310 7.05 -18.57 7.55
C LEU E 310 6.59 -19.19 8.85
N MET E 311 7.52 -19.88 9.50
CA MET E 311 7.20 -20.68 10.67
C MET E 311 7.18 -19.84 11.94
N LEU E 312 6.10 -20.00 12.70
CA LEU E 312 5.90 -19.32 13.97
C LEU E 312 6.20 -20.30 15.08
N ALA E 313 7.13 -19.92 15.96
CA ALA E 313 7.54 -20.81 17.05
C ALA E 313 6.40 -21.01 18.01
N THR E 314 6.21 -22.25 18.44
CA THR E 314 5.19 -22.59 19.43
C THR E 314 5.85 -23.32 20.62
N GLY E 315 7.13 -23.02 20.84
CA GLY E 315 7.88 -23.63 21.91
C GLY E 315 9.22 -22.97 22.13
N MET E 316 9.92 -23.43 23.15
CA MET E 316 11.21 -22.87 23.53
C MET E 316 12.34 -23.29 22.60
N ARG E 317 13.51 -22.67 22.77
CA ARG E 317 14.73 -23.14 22.13
C ARG E 317 14.93 -24.63 22.40
N ASN E 318 15.23 -25.40 21.35
CA ASN E 318 15.53 -26.81 21.52
C ASN E 318 17.04 -26.98 21.80
N VAL E 319 17.35 -27.64 22.91
CA VAL E 319 18.73 -27.86 23.33
C VAL E 319 18.91 -29.36 23.65
N PRO E 320 19.19 -30.16 22.62
CA PRO E 320 19.19 -31.61 22.82
C PRO E 320 20.38 -32.11 23.64
N GLU E 321 20.32 -33.38 24.03
CA GLU E 321 21.36 -34.02 24.83
C GLU E 321 22.34 -34.75 23.91
N GLY F 1 20.75 -16.72 26.22
CA GLY F 1 19.46 -16.02 25.98
C GLY F 1 19.21 -14.90 26.97
N LEU F 2 18.15 -14.14 26.73
CA LEU F 2 17.84 -12.95 27.53
C LEU F 2 17.85 -13.19 29.04
N PHE F 3 17.33 -14.32 29.48
CA PHE F 3 17.19 -14.60 30.92
C PHE F 3 18.22 -15.57 31.47
N GLY F 4 19.10 -16.05 30.60
CA GLY F 4 20.31 -16.76 31.03
C GLY F 4 20.15 -18.21 31.43
N ALA F 5 18.94 -18.76 31.34
CA ALA F 5 18.69 -20.13 31.79
C ALA F 5 18.69 -21.13 30.64
N ILE F 6 17.68 -21.05 29.76
CA ILE F 6 17.56 -21.97 28.64
C ILE F 6 18.64 -21.64 27.61
N ALA F 7 19.41 -22.65 27.24
CA ALA F 7 20.63 -22.47 26.45
C ALA F 7 21.57 -21.50 27.14
N GLY F 8 21.55 -21.50 28.47
CA GLY F 8 22.35 -20.60 29.28
C GLY F 8 23.07 -21.40 30.34
N PHE F 9 22.81 -21.09 31.62
CA PHE F 9 23.45 -21.85 32.70
C PHE F 9 22.86 -23.27 32.85
N LEU F 10 21.73 -23.54 32.22
CA LEU F 10 21.27 -24.92 32.05
C LEU F 10 21.95 -25.48 30.80
N GLU F 11 22.73 -26.53 30.97
CA GLU F 11 23.56 -27.06 29.89
C GLU F 11 22.74 -27.61 28.73
N ASN F 12 21.61 -28.26 29.02
CA ASN F 12 20.74 -28.78 27.98
C ASN F 12 19.34 -29.08 28.49
N GLY F 13 18.45 -29.40 27.56
CA GLY F 13 17.08 -29.78 27.90
C GLY F 13 16.99 -31.26 28.17
N TRP F 14 15.82 -31.70 28.63
CA TRP F 14 15.60 -33.09 28.99
C TRP F 14 14.60 -33.72 28.03
N GLU F 15 15.10 -34.54 27.10
CA GLU F 15 14.25 -35.24 26.14
C GLU F 15 13.32 -36.21 26.85
N GLY F 16 13.78 -36.73 27.98
CA GLY F 16 12.99 -37.65 28.78
C GLY F 16 11.82 -37.02 29.54
N MET F 17 11.73 -35.69 29.54
CA MET F 17 10.60 -35.03 30.18
C MET F 17 9.49 -34.77 29.18
N VAL F 18 8.52 -35.67 29.13
CA VAL F 18 7.47 -35.64 28.12
C VAL F 18 6.12 -35.18 28.67
N ASP F 19 6.02 -35.02 29.98
CA ASP F 19 4.74 -34.62 30.59
C ASP F 19 4.71 -33.15 31.05
N GLY F 20 5.64 -32.34 30.56
CA GLY F 20 5.70 -30.93 30.92
C GLY F 20 6.84 -30.23 30.22
N TRP F 21 6.84 -28.90 30.28
CA TRP F 21 7.87 -28.07 29.64
C TRP F 21 9.01 -27.75 30.60
N TYR F 22 8.67 -27.67 31.88
CA TYR F 22 9.63 -27.38 32.94
C TYR F 22 9.42 -28.37 34.05
N GLY F 23 10.45 -28.62 34.83
CA GLY F 23 10.34 -29.57 35.93
C GLY F 23 11.60 -29.80 36.73
N PHE F 24 11.59 -30.88 37.50
CA PHE F 24 12.62 -31.14 38.48
C PHE F 24 13.20 -32.52 38.35
N ARG F 25 14.49 -32.64 38.57
CA ARG F 25 15.11 -33.93 38.85
C ARG F 25 15.76 -33.83 40.22
N HIS F 26 15.73 -34.90 40.98
CA HIS F 26 16.33 -34.87 42.31
C HIS F 26 17.21 -36.07 42.57
N GLN F 27 18.03 -35.95 43.60
CA GLN F 27 18.84 -37.03 44.11
C GLN F 27 18.82 -37.02 45.64
N ASN F 28 18.53 -38.16 46.24
CA ASN F 28 18.60 -38.31 47.69
C ASN F 28 19.01 -39.75 48.08
N ALA F 29 18.92 -40.09 49.37
CA ALA F 29 19.28 -41.41 49.85
C ALA F 29 18.46 -42.50 49.17
N GLN F 30 17.19 -42.21 48.89
CA GLN F 30 16.31 -43.18 48.24
C GLN F 30 16.59 -43.38 46.77
N GLY F 31 17.22 -42.40 46.12
CA GLY F 31 17.53 -42.50 44.71
C GLY F 31 17.29 -41.19 43.99
N THR F 32 16.93 -41.30 42.71
CA THR F 32 16.68 -40.16 41.84
C THR F 32 15.26 -40.26 41.31
N GLY F 33 14.78 -39.15 40.77
CA GLY F 33 13.43 -39.09 40.21
C GLY F 33 13.23 -37.84 39.38
N GLN F 34 12.10 -37.79 38.68
CA GLN F 34 11.78 -36.66 37.82
C GLN F 34 10.29 -36.30 37.95
N ALA F 35 9.97 -35.02 37.83
CA ALA F 35 8.58 -34.60 37.81
C ALA F 35 8.44 -33.24 37.13
N ALA F 36 7.35 -33.07 36.40
CA ALA F 36 7.07 -31.81 35.70
C ALA F 36 6.42 -30.80 36.64
N ASP F 37 6.61 -29.52 36.33
CA ASP F 37 5.93 -28.44 37.05
C ASP F 37 4.78 -27.92 36.19
N TYR F 38 3.57 -28.04 36.71
CA TYR F 38 2.35 -27.68 35.98
C TYR F 38 2.21 -26.19 35.73
N LYS F 39 2.42 -25.39 36.77
CA LYS F 39 2.16 -23.95 36.69
C LYS F 39 3.02 -23.21 35.69
N SER F 40 4.33 -23.43 35.76
CA SER F 40 5.25 -22.79 34.82
C SER F 40 4.97 -23.27 33.40
N THR F 41 4.70 -24.56 33.24
CA THR F 41 4.34 -25.13 31.95
C THR F 41 3.09 -24.45 31.38
N GLN F 42 2.06 -24.28 32.21
CA GLN F 42 0.81 -23.63 31.76
C GLN F 42 1.00 -22.16 31.46
N ALA F 43 1.84 -21.49 32.23
CA ALA F 43 2.14 -20.08 32.00
C ALA F 43 2.72 -19.92 30.60
N ALA F 44 3.71 -20.74 30.27
CA ALA F 44 4.31 -20.69 28.95
C ALA F 44 3.27 -21.01 27.88
N ILE F 45 2.57 -22.13 28.03
CA ILE F 45 1.62 -22.60 27.03
C ILE F 45 0.48 -21.60 26.80
N ASP F 46 -0.05 -21.03 27.87
CA ASP F 46 -1.17 -20.08 27.74
C ASP F 46 -0.78 -18.84 26.94
N GLN F 47 0.45 -18.38 27.12
CA GLN F 47 0.93 -17.24 26.35
C GLN F 47 1.10 -17.58 24.87
N ILE F 48 1.59 -18.79 24.57
CA ILE F 48 1.68 -19.23 23.18
C ILE F 48 0.28 -19.36 22.58
N THR F 49 -0.63 -19.95 23.35
CA THR F 49 -2.00 -20.16 22.88
C THR F 49 -2.69 -18.82 22.60
N GLY F 50 -2.49 -17.86 23.49
CA GLY F 50 -3.11 -16.54 23.34
C GLY F 50 -2.60 -15.82 22.12
N LYS F 51 -1.32 -16.02 21.84
CA LYS F 51 -0.65 -15.48 20.67
C LYS F 51 -1.22 -16.08 19.38
N LEU F 52 -1.43 -17.40 19.38
CA LEU F 52 -2.01 -18.09 18.23
C LEU F 52 -3.43 -17.65 17.93
N ASN F 53 -4.23 -17.45 18.97
CA ASN F 53 -5.61 -16.99 18.78
C ASN F 53 -5.69 -15.57 18.23
N ARG F 54 -4.71 -14.74 18.56
CA ARG F 54 -4.66 -13.38 18.02
C ARG F 54 -4.39 -13.41 16.53
N LEU F 55 -3.62 -14.40 16.08
CA LEU F 55 -3.23 -14.54 14.67
C LEU F 55 -4.33 -15.04 13.73
N VAL F 56 -5.38 -15.63 14.28
CA VAL F 56 -6.48 -16.13 13.44
C VAL F 56 -7.49 -15.01 13.17
N GLU F 57 -7.43 -13.94 13.96
CA GLU F 57 -8.32 -12.78 13.77
C GLU F 57 -8.17 -12.25 12.35
N LYS F 58 -9.20 -12.41 11.52
CA LYS F 58 -9.06 -12.09 10.10
C LYS F 58 -9.73 -10.78 9.70
N THR F 59 -9.37 -10.29 8.52
CA THR F 59 -10.07 -9.19 7.87
C THR F 59 -11.50 -9.65 7.52
N ASN F 60 -12.44 -8.71 7.63
CA ASN F 60 -13.80 -8.94 7.14
C ASN F 60 -14.02 -8.07 5.88
N THR F 61 -12.92 -7.63 5.26
CA THR F 61 -12.98 -6.78 4.09
C THR F 61 -13.19 -7.63 2.83
N GLU F 62 -14.31 -7.39 2.16
CA GLU F 62 -14.65 -8.05 0.90
C GLU F 62 -13.94 -7.31 -0.22
N PHE F 63 -13.15 -8.03 -1.01
CA PHE F 63 -12.48 -7.45 -2.18
C PHE F 63 -13.10 -7.95 -3.49
N GLU F 64 -13.25 -7.05 -4.46
CA GLU F 64 -13.66 -7.41 -5.80
C GLU F 64 -12.42 -7.62 -6.65
N SER F 65 -12.57 -8.28 -7.79
CA SER F 65 -11.50 -8.35 -8.78
C SER F 65 -11.36 -7.01 -9.51
N ILE F 66 -10.13 -6.62 -9.78
CA ILE F 66 -9.86 -5.49 -10.68
C ILE F 66 -8.99 -5.91 -11.87
N GLU F 67 -8.77 -7.21 -12.02
CA GLU F 67 -8.01 -7.78 -13.12
C GLU F 67 -8.80 -8.95 -13.71
N SER F 68 -9.23 -8.82 -14.95
CA SER F 68 -9.94 -9.92 -15.61
C SER F 68 -8.98 -11.07 -15.90
N GLU F 69 -9.36 -12.27 -15.50
CA GLU F 69 -8.58 -13.47 -15.75
C GLU F 69 -8.73 -13.91 -17.19
N PHE F 70 -9.89 -13.63 -17.80
CA PHE F 70 -10.25 -14.21 -19.09
C PHE F 70 -10.38 -13.21 -20.25
N SER F 71 -10.05 -11.94 -20.02
CA SER F 71 -10.02 -10.96 -21.10
C SER F 71 -8.90 -9.95 -20.92
N GLU F 72 -8.69 -9.17 -21.96
CA GLU F 72 -7.60 -8.20 -22.01
C GLU F 72 -7.85 -7.05 -21.05
N ILE F 73 -6.77 -6.56 -20.45
CA ILE F 73 -6.79 -5.37 -19.61
C ILE F 73 -6.00 -4.32 -20.39
N GLU F 74 -6.52 -3.10 -20.47
CA GLU F 74 -5.80 -2.04 -21.18
C GLU F 74 -4.42 -1.88 -20.52
N HIS F 75 -3.41 -1.58 -21.32
CA HIS F 75 -2.03 -1.74 -20.87
C HIS F 75 -1.58 -0.77 -19.78
N GLN F 76 -1.92 0.50 -19.90
CA GLN F 76 -1.52 1.48 -18.90
C GLN F 76 -2.15 1.20 -17.54
N ILE F 77 -3.46 1.00 -17.52
CA ILE F 77 -4.14 0.71 -16.28
C ILE F 77 -3.66 -0.63 -15.71
N GLY F 78 -3.41 -1.59 -16.58
CA GLY F 78 -2.85 -2.88 -16.19
C GLY F 78 -1.52 -2.73 -15.48
N ASN F 79 -0.67 -1.85 -16.03
CA ASN F 79 0.63 -1.56 -15.41
C ASN F 79 0.49 -0.84 -14.07
N VAL F 80 -0.46 0.08 -13.96
CA VAL F 80 -0.71 0.76 -12.69
C VAL F 80 -1.15 -0.24 -11.64
N ILE F 81 -2.09 -1.11 -12.02
CA ILE F 81 -2.58 -2.14 -11.13
C ILE F 81 -1.43 -3.05 -10.66
N ASN F 82 -0.61 -3.50 -11.61
CA ASN F 82 0.51 -4.37 -11.27
C ASN F 82 1.48 -3.72 -10.30
N TRP F 83 1.82 -2.46 -10.56
CA TRP F 83 2.72 -1.70 -9.72
C TRP F 83 2.14 -1.63 -8.30
N THR F 84 0.85 -1.33 -8.23
CA THR F 84 0.17 -1.20 -6.95
C THR F 84 0.15 -2.54 -6.20
N LYS F 85 -0.27 -3.60 -6.89
CA LYS F 85 -0.33 -4.93 -6.26
C LYS F 85 1.02 -5.43 -5.76
N ASP F 86 2.06 -5.25 -6.55
CA ASP F 86 3.39 -5.71 -6.16
C ASP F 86 3.93 -4.90 -4.99
N SER F 87 3.59 -3.61 -4.94
CA SER F 87 3.94 -2.77 -3.80
C SER F 87 3.23 -3.27 -2.53
N ILE F 88 1.95 -3.61 -2.67
CA ILE F 88 1.16 -4.12 -1.54
C ILE F 88 1.73 -5.46 -1.08
N THR F 89 2.07 -6.32 -2.04
CA THR F 89 2.64 -7.62 -1.73
C THR F 89 3.98 -7.52 -1.00
N ASP F 90 4.83 -6.60 -1.43
CA ASP F 90 6.11 -6.36 -0.76
C ASP F 90 5.87 -5.88 0.67
N ILE F 91 4.85 -5.06 0.86
CA ILE F 91 4.48 -4.59 2.20
C ILE F 91 4.04 -5.75 3.08
N TRP F 92 3.16 -6.61 2.57
CA TRP F 92 2.68 -7.74 3.35
C TRP F 92 3.76 -8.81 3.59
N THR F 93 4.62 -9.05 2.62
CA THR F 93 5.72 -10.02 2.78
C THR F 93 6.65 -9.55 3.89
N TYR F 94 6.99 -8.27 3.86
CA TYR F 94 7.84 -7.68 4.87
C TYR F 94 7.17 -7.75 6.25
N GLN F 95 5.87 -7.43 6.30
CA GLN F 95 5.13 -7.48 7.55
C GLN F 95 5.12 -8.85 8.17
N ALA F 96 4.89 -9.86 7.34
CA ALA F 96 4.87 -11.23 7.81
C ALA F 96 6.25 -11.68 8.31
N GLU F 97 7.31 -11.33 7.57
CA GLU F 97 8.67 -11.62 7.99
C GLU F 97 8.92 -11.02 9.37
N LEU F 98 8.55 -9.75 9.53
CA LEU F 98 8.80 -9.03 10.77
C LEU F 98 7.97 -9.60 11.93
N LEU F 99 6.68 -9.76 11.70
CA LEU F 99 5.78 -10.33 12.68
C LEU F 99 6.36 -11.61 13.28
N VAL F 100 6.68 -12.56 12.41
CA VAL F 100 7.16 -13.87 12.83
C VAL F 100 8.52 -13.77 13.54
N ALA F 101 9.43 -12.98 13.00
CA ALA F 101 10.74 -12.79 13.63
C ALA F 101 10.58 -12.24 15.03
N MET F 102 9.72 -11.25 15.17
CA MET F 102 9.52 -10.58 16.42
C MET F 102 8.82 -11.48 17.45
N GLU F 103 7.76 -12.14 17.00
CA GLU F 103 7.01 -13.05 17.86
C GLU F 103 7.90 -14.18 18.34
N ASN F 104 8.70 -14.72 17.43
CA ASN F 104 9.59 -15.84 17.75
C ASN F 104 10.64 -15.43 18.78
N GLN F 105 11.19 -14.25 18.62
CA GLN F 105 12.13 -13.71 19.59
C GLN F 105 11.47 -13.62 20.97
N HIS F 106 10.27 -13.06 21.00
CA HIS F 106 9.52 -12.91 22.24
C HIS F 106 9.15 -14.26 22.85
N THR F 107 8.69 -15.19 22.02
CA THR F 107 8.28 -16.52 22.47
C THR F 107 9.45 -17.25 23.14
N ILE F 108 10.58 -17.29 22.45
CA ILE F 108 11.80 -17.89 22.98
C ILE F 108 12.19 -17.29 24.33
N ASP F 109 12.24 -15.96 24.39
CA ASP F 109 12.67 -15.29 25.61
C ASP F 109 11.66 -15.41 26.74
N MET F 110 10.37 -15.43 26.41
CA MET F 110 9.33 -15.65 27.41
C MET F 110 9.49 -17.02 28.07
N ALA F 111 9.78 -18.03 27.26
CA ALA F 111 9.98 -19.39 27.76
C ALA F 111 11.19 -19.46 28.68
N ASP F 112 12.25 -18.74 28.31
CA ASP F 112 13.45 -18.62 29.11
C ASP F 112 13.10 -17.98 30.46
N SER F 113 12.24 -16.97 30.43
CA SER F 113 11.88 -16.25 31.64
C SER F 113 11.06 -17.13 32.58
N GLU F 114 10.17 -17.95 32.04
CA GLU F 114 9.37 -18.83 32.88
C GLU F 114 10.22 -19.91 33.54
N MET F 115 11.24 -20.39 32.84
CA MET F 115 12.23 -21.29 33.45
C MET F 115 12.91 -20.59 34.62
N LEU F 116 13.37 -19.37 34.38
CA LEU F 116 14.04 -18.59 35.44
C LEU F 116 13.09 -18.31 36.60
N ASN F 117 11.83 -18.00 36.31
CA ASN F 117 10.85 -17.72 37.37
C ASN F 117 10.66 -18.93 38.30
N LEU F 118 10.67 -20.13 37.72
CA LEU F 118 10.60 -21.35 38.51
C LEU F 118 11.86 -21.52 39.37
N TYR F 119 13.03 -21.35 38.74
CA TYR F 119 14.31 -21.40 39.44
C TYR F 119 14.32 -20.45 40.64
N GLU F 120 13.95 -19.20 40.41
CA GLU F 120 13.91 -18.19 41.47
C GLU F 120 12.91 -18.54 42.57
N ARG F 121 11.76 -19.08 42.20
CA ARG F 121 10.76 -19.49 43.17
C ARG F 121 11.33 -20.54 44.12
N VAL F 122 12.01 -21.55 43.56
CA VAL F 122 12.63 -22.59 44.36
C VAL F 122 13.77 -22.06 45.21
N ARG F 123 14.62 -21.18 44.64
CA ARG F 123 15.70 -20.57 45.41
C ARG F 123 15.15 -19.94 46.69
N LYS F 124 14.07 -19.19 46.57
CA LYS F 124 13.49 -18.50 47.71
C LYS F 124 12.81 -19.44 48.71
N GLN F 125 12.14 -20.48 48.25
CA GLN F 125 11.57 -21.51 49.14
C GLN F 125 12.66 -22.09 50.03
N LEU F 126 13.78 -22.45 49.42
CA LEU F 126 14.84 -23.16 50.13
C LEU F 126 15.61 -22.27 51.09
N ARG F 127 15.55 -20.96 50.86
CA ARG F 127 16.08 -19.98 51.78
C ARG F 127 17.56 -20.27 52.14
N GLN F 128 17.88 -20.50 53.42
CA GLN F 128 19.26 -20.72 53.84
C GLN F 128 19.62 -22.20 53.98
N ASN F 129 18.79 -23.10 53.44
CA ASN F 129 18.99 -24.53 53.61
C ASN F 129 19.66 -25.19 52.42
N ALA F 130 19.96 -24.39 51.40
CA ALA F 130 20.57 -24.90 50.16
C ALA F 130 21.42 -23.85 49.47
N GLU F 131 22.31 -24.32 48.60
CA GLU F 131 23.19 -23.45 47.82
C GLU F 131 23.11 -23.81 46.34
N GLU F 132 23.30 -22.81 45.47
CA GLU F 132 23.28 -23.02 44.01
C GLU F 132 24.61 -23.56 43.51
N ASP F 133 24.57 -24.53 42.61
CA ASP F 133 25.79 -25.10 42.03
C ASP F 133 26.19 -24.46 40.69
N GLY F 134 25.36 -23.56 40.17
CA GLY F 134 25.66 -22.85 38.92
C GLY F 134 25.16 -23.53 37.65
N LYS F 135 24.71 -24.77 37.77
CA LYS F 135 24.24 -25.57 36.65
C LYS F 135 22.72 -25.78 36.72
N GLY F 136 22.06 -25.08 37.64
CA GLY F 136 20.62 -25.20 37.80
C GLY F 136 20.18 -26.07 38.97
N CYS F 137 21.13 -26.62 39.73
CA CYS F 137 20.79 -27.44 40.88
C CYS F 137 20.97 -26.68 42.18
N PHE F 138 20.23 -27.14 43.18
CA PHE F 138 20.36 -26.65 44.53
C PHE F 138 20.86 -27.81 45.38
N GLU F 139 22.04 -27.67 45.96
CA GLU F 139 22.54 -28.68 46.89
C GLU F 139 21.89 -28.41 48.23
N ILE F 140 21.11 -29.36 48.71
CA ILE F 140 20.31 -29.18 49.91
C ILE F 140 21.07 -29.74 51.11
N TYR F 141 21.31 -28.91 52.12
CA TYR F 141 22.21 -29.28 53.22
C TYR F 141 21.51 -30.00 54.39
N HIS F 142 20.45 -30.75 54.08
CA HIS F 142 19.82 -31.64 55.05
C HIS F 142 19.27 -32.84 54.31
N ALA F 143 18.97 -33.90 55.05
CA ALA F 143 18.37 -35.10 54.43
C ALA F 143 16.99 -34.72 53.93
N CYS F 144 16.78 -34.88 52.63
CA CYS F 144 15.53 -34.49 52.01
C CYS F 144 15.00 -35.70 51.25
N ASP F 145 14.11 -36.43 51.90
CA ASP F 145 13.52 -37.65 51.34
C ASP F 145 12.49 -37.31 50.25
N ASP F 146 11.84 -38.35 49.70
CA ASP F 146 10.94 -38.17 48.56
C ASP F 146 9.77 -37.23 48.89
N SER F 147 9.25 -37.33 50.11
CA SER F 147 8.21 -36.41 50.58
C SER F 147 8.71 -34.98 50.67
N CYS F 148 9.92 -34.83 51.22
CA CYS F 148 10.54 -33.52 51.32
C CYS F 148 10.74 -32.93 49.92
N MET F 149 11.20 -33.75 48.98
CA MET F 149 11.35 -33.32 47.59
C MET F 149 10.01 -32.90 47.00
N GLU F 150 8.96 -33.69 47.27
CA GLU F 150 7.61 -33.38 46.83
C GLU F 150 7.12 -32.05 47.39
N SER F 151 7.44 -31.79 48.66
CA SER F 151 7.04 -30.53 49.30
C SER F 151 7.70 -29.32 48.65
N ILE F 152 8.90 -29.51 48.09
CA ILE F 152 9.56 -28.44 47.35
C ILE F 152 8.84 -28.19 46.03
N ARG F 153 8.50 -29.27 45.32
CA ARG F 153 7.79 -29.17 44.05
C ARG F 153 6.39 -28.65 44.25
N ASN F 154 5.75 -29.09 45.33
CA ASN F 154 4.38 -28.73 45.65
C ASN F 154 4.28 -27.34 46.27
N ASN F 155 5.42 -26.74 46.59
CA ASN F 155 5.49 -25.41 47.19
C ASN F 155 4.95 -25.35 48.63
N THR F 156 5.18 -26.41 49.40
CA THR F 156 4.79 -26.46 50.80
C THR F 156 5.98 -26.73 51.71
N TYR F 157 7.19 -26.64 51.15
CA TYR F 157 8.43 -26.83 51.92
C TYR F 157 8.61 -25.71 52.92
N ASP F 158 8.66 -26.06 54.19
CA ASP F 158 8.87 -25.10 55.27
C ASP F 158 10.35 -25.10 55.67
N HIS F 159 11.05 -24.04 55.31
CA HIS F 159 12.50 -23.97 55.51
C HIS F 159 12.89 -24.00 56.99
N SER F 160 12.03 -23.47 57.86
CA SER F 160 12.35 -23.39 59.29
C SER F 160 12.42 -24.75 59.98
N GLN F 161 11.74 -25.74 59.39
CA GLN F 161 11.83 -27.13 59.86
C GLN F 161 13.24 -27.69 59.84
N TYR F 162 13.99 -27.36 58.77
CA TYR F 162 15.30 -27.95 58.55
C TYR F 162 16.44 -26.96 58.75
N ARG F 163 16.11 -25.72 59.11
CA ARG F 163 17.10 -24.64 59.11
C ARG F 163 18.32 -24.94 59.97
N GLU F 164 18.08 -25.37 61.21
CA GLU F 164 19.17 -25.62 62.14
C GLU F 164 20.13 -26.71 61.62
N GLU F 165 19.57 -27.84 61.18
CA GLU F 165 20.37 -28.93 60.61
C GLU F 165 21.18 -28.42 59.43
N ALA F 166 20.54 -27.62 58.58
CA ALA F 166 21.15 -27.16 57.34
C ALA F 166 22.29 -26.16 57.57
N LEU F 167 22.10 -25.22 58.49
CA LEU F 167 23.15 -24.26 58.81
C LEU F 167 24.38 -24.93 59.40
N LEU F 168 24.18 -25.91 60.27
CA LEU F 168 25.30 -26.66 60.82
C LEU F 168 26.10 -27.32 59.71
N ASN F 169 25.40 -27.99 58.79
CA ASN F 169 26.06 -28.66 57.67
C ASN F 169 26.75 -27.69 56.73
N ARG F 170 26.16 -26.53 56.50
CA ARG F 170 26.74 -25.52 55.63
C ARG F 170 28.02 -24.91 56.20
N LEU F 171 28.09 -24.81 57.52
CA LEU F 171 29.25 -24.24 58.19
C LEU F 171 30.27 -25.29 58.62
N ASN F 172 29.87 -26.56 58.66
CA ASN F 172 30.58 -27.57 59.46
C ASN F 172 30.90 -27.14 60.92
N ILE F 173 29.89 -26.64 61.66
CA ILE F 173 30.05 -26.31 63.10
C ILE F 173 29.02 -27.10 63.92
#